data_6D97
#
_entry.id   6D97
#
_cell.length_a   160.642
_cell.length_b   123.737
_cell.length_c   103.707
_cell.angle_alpha   90.000
_cell.angle_beta   105.620
_cell.angle_gamma   90.000
#
_symmetry.space_group_name_H-M   'C 1 2 1'
#
loop_
_entity.id
_entity.type
_entity.pdbx_description
1 polymer 'Aldehyde dehydrogenase 12'
2 non-polymer NICOTINAMIDE-ADENINE-DINUCLEOTIDE
3 water water
#
_entity_poly.entity_id   1
_entity_poly.type   'polypeptide(L)'
_entity_poly.pdbx_seq_one_letter_code
;MGSSHHHHHHSQDPAPFACVSRWLHTPSFATVSPQEVSGSSPAEVQNFVQGSWTASANWNWIVDPLNGDKFIKVAEVQGT
EIKSFMESLSKCPKHGLHNPLKAPERYLMYGDISAKAAHMLGQPTVLDFFAKLIQRVSPKSYQQALAEVQVSQKFLENFC
GDQVRFLARSFAVPGNHLGQRSNGYRWPYGPVAIITPFNFPLEIPLLQLMGALYMGNKPVLKVDSKVSIVMEQMIRLLHD
CGLPAEDMDFINSDGAVMNKLLLEANPKMTLFTGSSRVAEKLAADLKGRVKLEDAGFDWKILGPDVQEVDYVAWVCDQDA
YACSGQKCSAQSVLFMHKNWSSSGLLEKMKKLSERRKLEDLTIGPVLTVTTEAMIEHMNNLLKIRGSKVLFGGEPLANHS
IPKIYGAMKPTAVFVPLEEILKSGNFELVTKEIFGPFQVVTEYSEDQLELVLEACERMNAHLTAAIVSNDPLFLQDVLGR
SVNGTTYAGIRARTTGAPQNHWFGPAGDPRGAGIGTPEAIKLVWSCHREIIYDVGPVPESWALPSAT
;
_entity_poly.pdbx_strand_id   A,B,C,D
#
loop_
_chem_comp.id
_chem_comp.type
_chem_comp.name
_chem_comp.formula
NAD non-polymer NICOTINAMIDE-ADENINE-DINUCLEOTIDE 'C21 H27 N7 O14 P2'
#
# COMPACT_ATOMS: atom_id res chain seq x y z
N THR A 26 -6.76 -44.50 15.25
CA THR A 26 -6.98 -43.36 14.37
C THR A 26 -7.62 -43.83 13.07
N PRO A 27 -8.36 -42.93 12.41
CA PRO A 27 -9.10 -43.31 11.19
C PRO A 27 -8.18 -43.63 10.03
N SER A 28 -8.76 -44.28 9.03
CA SER A 28 -8.01 -44.79 7.89
C SER A 28 -7.34 -43.67 7.10
N PHE A 29 -8.05 -42.57 6.88
CA PHE A 29 -7.48 -41.48 6.09
C PHE A 29 -6.36 -40.76 6.81
N ALA A 30 -6.23 -40.96 8.12
CA ALA A 30 -5.35 -40.14 8.92
C ALA A 30 -3.90 -40.51 8.71
N THR A 31 -3.04 -39.49 8.69
CA THR A 31 -1.59 -39.67 8.73
C THR A 31 -0.99 -39.18 10.04
N VAL A 32 -1.83 -38.85 11.03
CA VAL A 32 -1.38 -38.29 12.29
C VAL A 32 -2.25 -38.85 13.42
N SER A 33 -1.63 -39.00 14.59
CA SER A 33 -2.34 -39.41 15.79
C SER A 33 -2.39 -38.21 16.72
N PRO A 34 -3.56 -37.62 16.95
CA PRO A 34 -3.62 -36.34 17.68
C PRO A 34 -3.02 -36.41 19.07
N GLN A 35 -3.18 -37.53 19.77
CA GLN A 35 -2.67 -37.62 21.13
C GLN A 35 -1.21 -38.03 21.19
N GLU A 36 -0.66 -38.59 20.11
CA GLU A 36 0.73 -39.04 20.08
C GLU A 36 1.71 -37.95 19.68
N VAL A 37 1.28 -37.00 18.84
CA VAL A 37 2.21 -36.08 18.19
C VAL A 37 2.88 -35.18 19.22
N SER A 38 4.21 -35.12 19.16
CA SER A 38 5.01 -34.43 20.16
C SER A 38 6.36 -34.05 19.55
N GLY A 39 7.23 -33.47 20.38
CA GLY A 39 8.57 -33.16 19.91
C GLY A 39 9.33 -34.40 19.51
N SER A 40 9.10 -35.51 20.19
CA SER A 40 9.77 -36.77 19.88
C SER A 40 9.05 -37.58 18.82
N SER A 41 7.77 -37.30 18.56
CA SER A 41 7.00 -37.95 17.49
C SER A 41 6.30 -36.88 16.67
N PRO A 42 7.06 -36.10 15.91
CA PRO A 42 6.46 -34.99 15.16
C PRO A 42 5.67 -35.48 13.95
N ALA A 43 4.72 -34.63 13.54
CA ALA A 43 3.94 -34.84 12.33
C ALA A 43 4.37 -33.83 11.28
N GLU A 44 4.01 -34.12 10.03
CA GLU A 44 4.28 -33.20 8.94
C GLU A 44 2.99 -32.87 8.20
N VAL A 45 2.93 -31.64 7.67
CA VAL A 45 1.80 -31.16 6.90
C VAL A 45 2.30 -30.87 5.49
N GLN A 46 1.61 -31.43 4.50
CA GLN A 46 2.02 -31.29 3.11
C GLN A 46 1.05 -30.41 2.36
N ASN A 47 1.50 -29.97 1.19
CA ASN A 47 0.62 -29.30 0.24
C ASN A 47 -0.02 -30.32 -0.68
N PHE A 48 -1.11 -29.91 -1.32
CA PHE A 48 -1.75 -30.68 -2.36
C PHE A 48 -1.93 -29.78 -3.57
N VAL A 49 -1.31 -30.16 -4.70
CA VAL A 49 -1.36 -29.35 -5.90
C VAL A 49 -1.23 -30.27 -7.10
N GLN A 50 -1.97 -29.94 -8.16
CA GLN A 50 -1.98 -30.70 -9.41
C GLN A 50 -2.25 -32.18 -9.14
N GLY A 51 -3.07 -32.47 -8.13
CA GLY A 51 -3.57 -33.80 -7.89
C GLY A 51 -2.75 -34.71 -7.00
N SER A 52 -1.72 -34.21 -6.33
CA SER A 52 -0.92 -35.09 -5.49
C SER A 52 -0.39 -34.33 -4.28
N TRP A 53 -0.14 -35.10 -3.22
CA TRP A 53 0.48 -34.54 -2.01
C TRP A 53 1.97 -34.29 -2.26
N THR A 54 2.44 -33.12 -1.82
CA THR A 54 3.76 -32.64 -2.18
C THR A 54 4.32 -31.80 -1.06
N ALA A 55 5.65 -31.86 -0.90
CA ALA A 55 6.32 -31.09 0.12
C ALA A 55 6.76 -29.74 -0.44
N SER A 56 7.91 -29.24 0.01
CA SER A 56 8.45 -27.97 -0.46
C SER A 56 9.95 -27.99 -0.24
N ALA A 57 10.62 -26.94 -0.71
CA ALA A 57 12.06 -26.86 -0.59
C ALA A 57 12.50 -26.86 0.87
N ASN A 58 11.78 -26.17 1.74
CA ASN A 58 12.15 -26.10 3.14
C ASN A 58 10.92 -26.24 4.02
N TRP A 59 11.12 -26.84 5.20
CA TRP A 59 10.08 -27.03 6.19
C TRP A 59 10.20 -25.97 7.29
N ASN A 60 9.05 -25.60 7.86
CA ASN A 60 9.00 -24.69 9.00
C ASN A 60 8.36 -25.42 10.17
N TRP A 61 8.89 -25.20 11.37
CA TRP A 61 8.43 -25.90 12.56
C TRP A 61 7.39 -25.08 13.30
N ILE A 62 6.28 -25.72 13.64
CA ILE A 62 5.26 -25.17 14.54
C ILE A 62 5.52 -25.71 15.92
N VAL A 63 5.46 -24.85 16.93
CA VAL A 63 5.69 -25.30 18.30
C VAL A 63 4.35 -25.62 18.95
N ASP A 64 4.38 -26.59 19.86
CA ASP A 64 3.23 -26.96 20.65
C ASP A 64 2.86 -25.79 21.56
N PRO A 65 1.65 -25.25 21.46
CA PRO A 65 1.28 -24.08 22.29
C PRO A 65 1.32 -24.34 23.78
N LEU A 66 1.35 -25.60 24.22
CA LEU A 66 1.35 -25.93 25.64
C LEU A 66 2.74 -26.11 26.22
N ASN A 67 3.75 -26.38 25.38
CA ASN A 67 5.08 -26.63 25.94
C ASN A 67 6.25 -26.20 25.06
N GLY A 68 6.04 -25.71 23.84
CA GLY A 68 7.12 -25.24 23.01
C GLY A 68 7.81 -26.29 22.15
N ASP A 69 7.41 -27.55 22.26
CA ASP A 69 8.00 -28.61 21.44
C ASP A 69 7.81 -28.31 19.95
N LYS A 70 8.85 -28.54 19.16
CA LYS A 70 8.70 -28.59 17.71
C LYS A 70 7.97 -29.88 17.34
N PHE A 71 6.64 -29.83 17.26
CA PHE A 71 5.88 -31.07 17.08
C PHE A 71 5.19 -31.19 15.72
N ILE A 72 5.20 -30.16 14.88
CA ILE A 72 4.64 -30.23 13.53
C ILE A 72 5.54 -29.46 12.59
N LYS A 73 5.97 -30.10 11.51
CA LYS A 73 6.69 -29.40 10.44
C LYS A 73 5.76 -29.22 9.25
N VAL A 74 5.79 -28.02 8.68
CA VAL A 74 4.85 -27.61 7.63
C VAL A 74 5.65 -27.29 6.37
N ALA A 75 5.20 -27.83 5.24
CA ALA A 75 5.90 -27.65 3.97
C ALA A 75 5.52 -26.29 3.36
N GLU A 76 6.07 -25.24 3.95
CA GLU A 76 5.70 -23.90 3.54
C GLU A 76 6.37 -23.56 2.20
N VAL A 77 5.54 -23.17 1.24
CA VAL A 77 6.00 -22.84 -0.10
C VAL A 77 6.61 -21.43 -0.08
N GLN A 78 7.71 -21.25 -0.80
CA GLN A 78 8.36 -19.95 -0.88
C GLN A 78 7.89 -19.22 -2.13
N GLY A 79 8.25 -17.93 -2.20
CA GLY A 79 7.70 -17.07 -3.25
C GLY A 79 8.06 -17.49 -4.66
N THR A 80 9.15 -18.24 -4.80
CA THR A 80 9.59 -18.69 -6.12
C THR A 80 9.31 -20.17 -6.36
N GLU A 81 8.40 -20.77 -5.60
CA GLU A 81 7.96 -22.13 -5.90
C GLU A 81 6.44 -22.21 -5.94
N ILE A 82 5.78 -21.16 -6.45
CA ILE A 82 4.32 -21.12 -6.53
C ILE A 82 3.80 -21.34 -7.94
N LYS A 83 4.67 -21.66 -8.90
CA LYS A 83 4.22 -21.79 -10.29
C LYS A 83 3.19 -22.89 -10.45
N SER A 84 3.40 -24.02 -9.76
CA SER A 84 2.47 -25.14 -9.89
C SER A 84 1.06 -24.74 -9.44
N PHE A 85 0.96 -23.87 -8.43
CA PHE A 85 -0.36 -23.43 -7.98
C PHE A 85 -1.01 -22.51 -9.01
N MET A 86 -0.22 -21.62 -9.62
CA MET A 86 -0.71 -20.80 -10.72
C MET A 86 -1.20 -21.68 -11.87
N GLU A 87 -0.39 -22.67 -12.26
CA GLU A 87 -0.76 -23.53 -13.38
C GLU A 87 -2.04 -24.32 -13.08
N SER A 88 -2.19 -24.77 -11.83
CA SER A 88 -3.38 -25.53 -11.46
C SER A 88 -4.64 -24.66 -11.51
N LEU A 89 -4.53 -23.42 -11.04
CA LEU A 89 -5.68 -22.53 -11.07
C LEU A 89 -6.04 -22.14 -12.51
N SER A 90 -5.03 -21.95 -13.36
CA SER A 90 -5.28 -21.54 -14.74
C SER A 90 -6.03 -22.61 -15.53
N LYS A 91 -6.06 -23.85 -15.03
CA LYS A 91 -6.81 -24.90 -15.72
C LYS A 91 -8.31 -24.71 -15.58
N CYS A 92 -8.76 -23.91 -14.62
CA CYS A 92 -10.18 -23.66 -14.45
C CYS A 92 -10.60 -22.42 -15.23
N PRO A 93 -11.46 -22.56 -16.23
CA PRO A 93 -11.91 -21.38 -16.99
C PRO A 93 -12.87 -20.55 -16.16
N LYS A 94 -13.18 -19.36 -16.67
CA LYS A 94 -14.06 -18.47 -15.93
C LYS A 94 -15.50 -18.95 -15.90
N HIS A 95 -15.87 -19.90 -16.77
CA HIS A 95 -17.18 -20.54 -16.67
C HIS A 95 -17.16 -21.80 -15.81
N GLY A 96 -16.11 -21.97 -15.00
CA GLY A 96 -16.14 -22.90 -13.89
C GLY A 96 -15.81 -24.33 -14.27
N LEU A 97 -15.55 -25.13 -13.23
CA LEU A 97 -15.51 -26.58 -13.41
C LEU A 97 -16.89 -27.10 -13.79
N HIS A 98 -17.94 -26.41 -13.37
CA HIS A 98 -19.30 -26.67 -13.80
C HIS A 98 -20.12 -25.41 -13.54
N ASN A 99 -21.28 -25.34 -14.17
CA ASN A 99 -22.21 -24.25 -13.96
C ASN A 99 -23.61 -24.80 -14.26
N PRO A 100 -24.68 -24.03 -14.06
CA PRO A 100 -26.03 -24.60 -14.27
C PRO A 100 -26.27 -25.18 -15.65
N LEU A 101 -25.44 -24.89 -16.65
CA LEU A 101 -25.63 -25.41 -17.99
C LEU A 101 -24.53 -26.36 -18.45
N LYS A 102 -23.46 -26.51 -17.68
CA LYS A 102 -22.29 -27.28 -18.11
C LYS A 102 -21.90 -28.27 -17.02
N ALA A 103 -21.70 -29.53 -17.41
CA ALA A 103 -21.37 -30.62 -16.49
C ALA A 103 -22.25 -30.61 -15.24
N PRO A 104 -23.57 -30.52 -15.37
CA PRO A 104 -24.43 -30.41 -14.18
C PRO A 104 -24.35 -31.63 -13.28
N GLU A 105 -23.91 -32.77 -13.81
CA GLU A 105 -23.75 -33.97 -12.99
C GLU A 105 -22.75 -33.76 -11.87
N ARG A 106 -21.92 -32.71 -11.96
CA ARG A 106 -20.98 -32.41 -10.88
C ARG A 106 -21.71 -31.87 -9.64
N TYR A 107 -22.86 -31.22 -9.82
CA TYR A 107 -23.68 -30.88 -8.67
C TYR A 107 -24.10 -32.12 -7.90
N LEU A 108 -24.49 -33.17 -8.63
CA LEU A 108 -24.91 -34.41 -7.99
C LEU A 108 -23.74 -35.09 -7.29
N MET A 109 -22.55 -35.04 -7.90
CA MET A 109 -21.37 -35.65 -7.30
C MET A 109 -21.06 -35.03 -5.95
N TYR A 110 -21.20 -33.72 -5.84
CA TYR A 110 -20.87 -33.08 -4.57
C TYR A 110 -21.97 -33.30 -3.55
N GLY A 111 -23.20 -33.56 -4.00
CA GLY A 111 -24.18 -34.10 -3.08
C GLY A 111 -23.75 -35.42 -2.49
N ASP A 112 -23.21 -36.31 -3.33
CA ASP A 112 -22.75 -37.61 -2.86
C ASP A 112 -21.51 -37.48 -2.00
N ILE A 113 -20.55 -36.65 -2.41
CA ILE A 113 -19.34 -36.44 -1.60
C ILE A 113 -19.71 -35.93 -0.22
N SER A 114 -20.61 -34.95 -0.17
CA SER A 114 -21.03 -34.38 1.12
C SER A 114 -21.71 -35.44 1.99
N ALA A 115 -22.47 -36.35 1.37
CA ALA A 115 -23.13 -37.39 2.14
C ALA A 115 -22.13 -38.36 2.75
N LYS A 116 -21.16 -38.81 1.94
CA LYS A 116 -20.12 -39.70 2.45
C LYS A 116 -19.29 -39.01 3.53
N ALA A 117 -18.96 -37.74 3.32
CA ALA A 117 -18.16 -37.02 4.31
C ALA A 117 -18.92 -36.78 5.60
N ALA A 118 -20.21 -36.40 5.48
CA ALA A 118 -21.02 -36.19 6.68
C ALA A 118 -21.14 -37.46 7.51
N HIS A 119 -21.27 -38.61 6.85
CA HIS A 119 -21.35 -39.87 7.59
C HIS A 119 -20.03 -40.21 8.25
N MET A 120 -18.91 -39.88 7.59
CA MET A 120 -17.60 -40.13 8.17
C MET A 120 -17.37 -39.22 9.38
N LEU A 121 -17.61 -37.92 9.22
CA LEU A 121 -17.44 -36.98 10.32
C LEU A 121 -18.35 -37.31 11.50
N GLY A 122 -19.47 -37.99 11.27
CA GLY A 122 -20.39 -38.34 12.34
C GLY A 122 -20.00 -39.56 13.15
N GLN A 123 -19.00 -40.31 12.68
CA GLN A 123 -18.53 -41.46 13.43
C GLN A 123 -17.85 -41.00 14.71
N PRO A 124 -18.20 -41.57 15.87
CA PRO A 124 -17.62 -41.08 17.13
C PRO A 124 -16.10 -41.04 17.13
N THR A 125 -15.44 -42.05 16.54
CA THR A 125 -13.98 -42.03 16.53
C THR A 125 -13.42 -40.95 15.62
N VAL A 126 -14.16 -40.58 14.57
CA VAL A 126 -13.68 -39.52 13.68
C VAL A 126 -13.96 -38.15 14.29
N LEU A 127 -15.13 -37.98 14.92
CA LEU A 127 -15.40 -36.78 15.71
C LEU A 127 -14.31 -36.54 16.73
N ASP A 128 -13.99 -37.57 17.52
CA ASP A 128 -12.98 -37.44 18.56
C ASP A 128 -11.62 -37.14 17.96
N PHE A 129 -11.28 -37.79 16.84
CA PHE A 129 -10.01 -37.54 16.17
C PHE A 129 -9.85 -36.07 15.82
N PHE A 130 -10.86 -35.49 15.16
CA PHE A 130 -10.77 -34.10 14.74
C PHE A 130 -10.83 -33.15 15.93
N ALA A 131 -11.65 -33.46 16.94
CA ALA A 131 -11.71 -32.62 18.13
C ALA A 131 -10.36 -32.58 18.83
N LYS A 132 -9.72 -33.74 18.97
CA LYS A 132 -8.41 -33.78 19.63
C LYS A 132 -7.35 -33.08 18.79
N LEU A 133 -7.36 -33.29 17.48
CA LEU A 133 -6.37 -32.63 16.62
C LEU A 133 -6.53 -31.12 16.67
N ILE A 134 -7.77 -30.63 16.67
CA ILE A 134 -8.02 -29.19 16.80
C ILE A 134 -7.42 -28.67 18.09
N GLN A 135 -7.63 -29.42 19.19
CA GLN A 135 -7.13 -29.02 20.50
C GLN A 135 -5.62 -28.85 20.52
N ARG A 136 -4.88 -29.70 19.80
CA ARG A 136 -3.43 -29.66 19.88
C ARG A 136 -2.86 -28.41 19.21
N VAL A 137 -3.50 -27.90 18.17
CA VAL A 137 -2.96 -26.79 17.40
C VAL A 137 -3.63 -25.47 17.74
N SER A 138 -4.94 -25.48 17.98
CA SER A 138 -5.69 -24.29 18.39
C SER A 138 -6.31 -24.60 19.75
N PRO A 139 -5.56 -24.43 20.84
CA PRO A 139 -5.98 -24.95 22.14
C PRO A 139 -7.31 -24.36 22.60
N LYS A 140 -8.24 -25.26 22.94
CA LYS A 140 -9.56 -24.94 23.43
C LYS A 140 -10.08 -26.20 24.11
N SER A 141 -11.18 -26.05 24.86
CA SER A 141 -11.72 -27.19 25.57
C SER A 141 -12.19 -28.26 24.58
N TYR A 142 -12.31 -29.50 25.07
CA TYR A 142 -12.71 -30.60 24.21
C TYR A 142 -14.10 -30.37 23.62
N GLN A 143 -15.02 -29.80 24.41
CA GLN A 143 -16.38 -29.58 23.91
C GLN A 143 -16.40 -28.48 22.86
N GLN A 144 -15.58 -27.44 23.04
CA GLN A 144 -15.49 -26.40 22.01
C GLN A 144 -14.93 -26.95 20.71
N ALA A 145 -13.89 -27.80 20.80
CA ALA A 145 -13.34 -28.44 19.61
C ALA A 145 -14.35 -29.40 18.97
N LEU A 146 -15.10 -30.12 19.81
CA LEU A 146 -16.14 -31.00 19.29
C LEU A 146 -17.22 -30.21 18.58
N ALA A 147 -17.60 -29.05 19.13
CA ALA A 147 -18.63 -28.23 18.51
C ALA A 147 -18.23 -27.82 17.10
N GLU A 148 -16.93 -27.61 16.87
CA GLU A 148 -16.46 -27.28 15.52
C GLU A 148 -16.71 -28.44 14.57
N VAL A 149 -16.45 -29.67 15.02
CA VAL A 149 -16.68 -30.83 14.17
C VAL A 149 -18.17 -31.06 13.96
N GLN A 150 -18.97 -30.82 15.00
CA GLN A 150 -20.41 -31.03 14.89
C GLN A 150 -21.03 -30.06 13.89
N VAL A 151 -20.64 -28.78 13.96
CA VAL A 151 -21.11 -27.81 12.97
C VAL A 151 -20.71 -28.25 11.57
N SER A 152 -19.45 -28.65 11.41
CA SER A 152 -18.98 -29.14 10.11
C SER A 152 -19.80 -30.32 9.64
N GLN A 153 -20.09 -31.27 10.54
CA GLN A 153 -20.84 -32.47 10.17
C GLN A 153 -22.25 -32.11 9.74
N LYS A 154 -22.91 -31.23 10.49
CA LYS A 154 -24.27 -30.82 10.15
C LYS A 154 -24.32 -30.06 8.83
N PHE A 155 -23.34 -29.19 8.59
CA PHE A 155 -23.27 -28.46 7.33
C PHE A 155 -23.24 -29.41 6.14
N LEU A 156 -22.39 -30.44 6.21
CA LEU A 156 -22.32 -31.43 5.14
C LEU A 156 -23.64 -32.16 4.99
N GLU A 157 -24.35 -32.41 6.09
CA GLU A 157 -25.65 -33.04 6.00
C GLU A 157 -26.65 -32.18 5.26
N ASN A 158 -26.47 -30.85 5.28
CA ASN A 158 -27.39 -29.97 4.58
C ASN A 158 -27.23 -30.00 3.07
N PHE A 159 -26.17 -30.61 2.56
CA PHE A 159 -25.89 -30.56 1.13
C PHE A 159 -25.66 -31.96 0.59
N CYS A 160 -26.49 -32.89 1.04
CA CYS A 160 -26.58 -34.24 0.49
C CYS A 160 -27.63 -34.27 -0.62
N GLY A 161 -27.62 -35.38 -1.37
CA GLY A 161 -28.62 -35.58 -2.41
C GLY A 161 -28.60 -34.47 -3.44
N ASP A 162 -29.75 -33.82 -3.61
CA ASP A 162 -29.94 -32.78 -4.61
C ASP A 162 -29.63 -31.37 -4.09
N GLN A 163 -29.22 -31.23 -2.84
CA GLN A 163 -29.17 -29.90 -2.23
C GLN A 163 -28.05 -29.03 -2.82
N VAL A 164 -27.00 -29.62 -3.39
CA VAL A 164 -26.02 -28.82 -4.11
C VAL A 164 -26.59 -28.38 -5.44
N ARG A 165 -27.20 -29.32 -6.16
CA ARG A 165 -27.97 -29.02 -7.36
C ARG A 165 -28.95 -27.86 -7.12
N PHE A 166 -29.64 -27.88 -5.97
CA PHE A 166 -30.61 -26.85 -5.65
C PHE A 166 -29.97 -25.49 -5.40
N LEU A 167 -28.68 -25.46 -5.05
CA LEU A 167 -27.99 -24.17 -4.94
C LEU A 167 -27.92 -23.46 -6.28
N ALA A 168 -27.89 -24.23 -7.37
CA ALA A 168 -27.88 -23.69 -8.72
C ALA A 168 -29.29 -23.44 -9.28
N ARG A 169 -30.30 -23.42 -8.41
CA ARG A 169 -31.63 -22.98 -8.81
C ARG A 169 -31.57 -21.61 -9.47
N SER A 170 -32.30 -21.46 -10.56
CA SER A 170 -32.41 -20.20 -11.29
C SER A 170 -33.87 -19.77 -11.33
N PHE A 171 -34.08 -18.51 -11.68
CA PHE A 171 -35.43 -18.01 -11.91
C PHE A 171 -35.58 -17.55 -13.35
N ALA A 172 -36.83 -17.36 -13.76
CA ALA A 172 -37.11 -16.88 -15.10
C ALA A 172 -38.37 -16.03 -15.06
N VAL A 173 -38.46 -15.12 -16.02
CA VAL A 173 -39.59 -14.18 -16.15
C VAL A 173 -40.00 -14.16 -17.61
N PRO A 174 -41.29 -14.16 -17.93
CA PRO A 174 -41.69 -14.09 -19.34
C PRO A 174 -41.25 -12.78 -19.99
N GLY A 175 -40.92 -12.86 -21.27
CA GLY A 175 -40.50 -11.70 -22.03
C GLY A 175 -41.68 -10.90 -22.56
N ASN A 176 -41.37 -10.01 -23.50
CA ASN A 176 -42.36 -9.07 -24.03
C ASN A 176 -43.21 -9.67 -25.15
N HIS A 177 -42.86 -10.84 -25.65
CA HIS A 177 -43.53 -11.42 -26.80
C HIS A 177 -43.19 -12.90 -26.87
N LEU A 178 -43.93 -13.62 -27.70
CA LEU A 178 -43.71 -15.05 -27.89
C LEU A 178 -42.24 -15.33 -28.20
N GLY A 179 -41.69 -16.34 -27.53
CA GLY A 179 -40.32 -16.74 -27.76
C GLY A 179 -39.29 -16.04 -26.92
N GLN A 180 -39.68 -15.06 -26.11
CA GLN A 180 -38.75 -14.32 -25.27
C GLN A 180 -39.01 -14.62 -23.81
N ARG A 181 -37.96 -15.01 -23.09
CA ARG A 181 -38.02 -15.23 -21.65
C ARG A 181 -36.61 -15.01 -21.10
N SER A 182 -36.52 -14.31 -19.97
CA SER A 182 -35.24 -13.97 -19.37
C SER A 182 -34.98 -14.83 -18.14
N ASN A 183 -33.73 -15.24 -17.96
CA ASN A 183 -33.35 -16.18 -16.92
C ASN A 183 -32.20 -15.61 -16.09
N GLY A 184 -32.28 -15.81 -14.78
CA GLY A 184 -31.20 -15.42 -13.90
C GLY A 184 -30.52 -16.60 -13.24
N TYR A 185 -29.23 -16.78 -13.50
CA TYR A 185 -28.49 -17.94 -13.01
C TYR A 185 -27.46 -17.50 -11.98
N ARG A 186 -26.97 -18.49 -11.21
CA ARG A 186 -25.82 -18.31 -10.32
C ARG A 186 -24.63 -18.91 -11.03
N TRP A 187 -23.75 -18.06 -11.54
CA TRP A 187 -22.57 -18.49 -12.29
C TRP A 187 -21.36 -18.55 -11.36
N PRO A 188 -20.47 -19.51 -11.57
CA PRO A 188 -19.25 -19.56 -10.76
C PRO A 188 -18.29 -18.44 -11.17
N TYR A 189 -17.23 -18.30 -10.39
CA TYR A 189 -16.15 -17.39 -10.76
C TYR A 189 -14.99 -18.11 -11.42
N GLY A 190 -14.82 -19.40 -11.18
CA GLY A 190 -13.73 -20.15 -11.74
C GLY A 190 -12.60 -20.33 -10.75
N PRO A 191 -11.42 -19.83 -11.07
CA PRO A 191 -10.27 -19.94 -10.15
C PRO A 191 -10.43 -18.96 -9.00
N VAL A 192 -10.42 -19.49 -7.77
CA VAL A 192 -10.63 -18.69 -6.58
C VAL A 192 -9.64 -19.12 -5.50
N ALA A 193 -9.58 -18.32 -4.44
CA ALA A 193 -8.68 -18.56 -3.32
C ALA A 193 -9.43 -18.42 -2.01
N ILE A 194 -8.99 -19.18 -1.01
CA ILE A 194 -9.57 -19.16 0.33
C ILE A 194 -8.44 -19.08 1.35
N ILE A 195 -8.56 -18.13 2.27
CA ILE A 195 -7.54 -17.86 3.28
C ILE A 195 -8.24 -17.75 4.64
N THR A 196 -7.88 -18.62 5.57
CA THR A 196 -8.55 -18.73 6.86
C THR A 196 -7.56 -18.72 8.01
N PRO A 197 -8.02 -18.36 9.23
CA PRO A 197 -7.08 -18.13 10.33
C PRO A 197 -6.89 -19.32 11.26
N PHE A 198 -6.27 -19.07 12.42
CA PHE A 198 -5.84 -20.15 13.29
C PHE A 198 -6.96 -20.69 14.17
N ASN A 199 -7.96 -19.87 14.51
CA ASN A 199 -8.77 -20.18 15.68
C ASN A 199 -9.83 -21.25 15.40
N PHE A 200 -10.29 -21.39 14.15
CA PHE A 200 -11.21 -22.46 13.78
C PHE A 200 -10.56 -23.27 12.66
N PRO A 201 -9.72 -24.25 12.99
CA PRO A 201 -8.93 -24.94 11.96
C PRO A 201 -9.75 -25.83 11.04
N LEU A 202 -11.01 -26.11 11.36
CA LEU A 202 -11.84 -26.97 10.53
C LEU A 202 -13.08 -26.26 10.00
N GLU A 203 -13.86 -25.63 10.87
CA GLU A 203 -15.19 -25.15 10.50
C GLU A 203 -15.13 -24.11 9.39
N ILE A 204 -14.30 -23.09 9.56
CA ILE A 204 -14.24 -21.98 8.60
C ILE A 204 -13.71 -22.48 7.25
N PRO A 205 -12.51 -23.09 7.19
CA PRO A 205 -12.01 -23.52 5.86
C PRO A 205 -12.87 -24.57 5.18
N LEU A 206 -13.40 -25.55 5.94
CA LEU A 206 -14.21 -26.60 5.30
C LEU A 206 -15.48 -26.02 4.68
N LEU A 207 -16.16 -25.13 5.40
CA LEU A 207 -17.44 -24.63 4.93
C LEU A 207 -17.26 -23.72 3.72
N GLN A 208 -16.20 -22.92 3.70
CA GLN A 208 -15.93 -22.09 2.53
C GLN A 208 -15.39 -22.92 1.37
N LEU A 209 -14.59 -23.94 1.68
CA LEU A 209 -14.07 -24.82 0.63
C LEU A 209 -15.20 -25.53 -0.10
N MET A 210 -16.14 -26.12 0.65
CA MET A 210 -17.25 -26.82 0.01
C MET A 210 -18.16 -25.85 -0.72
N GLY A 211 -18.41 -24.68 -0.14
CA GLY A 211 -19.22 -23.67 -0.82
C GLY A 211 -18.64 -23.29 -2.17
N ALA A 212 -17.32 -23.04 -2.20
CA ALA A 212 -16.67 -22.71 -3.47
C ALA A 212 -16.83 -23.84 -4.47
N LEU A 213 -16.60 -25.08 -4.03
CA LEU A 213 -16.72 -26.22 -4.94
C LEU A 213 -18.15 -26.41 -5.41
N TYR A 214 -19.12 -26.22 -4.51
CA TYR A 214 -20.53 -26.45 -4.86
C TYR A 214 -20.94 -25.61 -6.07
N MET A 215 -20.56 -24.33 -6.07
CA MET A 215 -21.03 -23.42 -7.11
C MET A 215 -20.26 -23.55 -8.42
N GLY A 216 -19.22 -24.36 -8.45
CA GLY A 216 -18.47 -24.61 -9.66
C GLY A 216 -17.09 -23.96 -9.74
N ASN A 217 -16.55 -23.47 -8.64
CA ASN A 217 -15.22 -22.86 -8.65
C ASN A 217 -14.15 -23.92 -8.43
N LYS A 218 -12.90 -23.54 -8.75
CA LYS A 218 -11.73 -24.33 -8.37
C LYS A 218 -10.92 -23.52 -7.37
N PRO A 219 -10.96 -23.88 -6.10
CA PRO A 219 -10.26 -23.07 -5.09
C PRO A 219 -8.87 -23.58 -4.78
N VAL A 220 -8.03 -22.63 -4.36
CA VAL A 220 -6.80 -22.93 -3.64
C VAL A 220 -7.02 -22.50 -2.20
N LEU A 221 -6.78 -23.42 -1.27
CA LEU A 221 -7.10 -23.22 0.13
C LEU A 221 -5.82 -23.03 0.92
N LYS A 222 -5.75 -21.95 1.69
CA LYS A 222 -4.62 -21.66 2.56
C LYS A 222 -5.13 -21.49 3.99
N VAL A 223 -4.64 -22.32 4.90
CA VAL A 223 -4.96 -22.24 6.32
C VAL A 223 -3.68 -21.86 7.06
N ASP A 224 -3.83 -21.04 8.09
CA ASP A 224 -2.74 -20.65 8.96
C ASP A 224 -1.88 -21.86 9.32
N SER A 225 -0.58 -21.76 9.04
CA SER A 225 0.30 -22.92 9.16
C SER A 225 0.30 -23.50 10.56
N LYS A 226 -0.05 -22.68 11.55
CA LYS A 226 -0.09 -23.18 12.92
C LYS A 226 -1.10 -24.32 13.09
N VAL A 227 -2.18 -24.31 12.30
CA VAL A 227 -3.27 -25.25 12.49
C VAL A 227 -3.63 -26.00 11.22
N SER A 228 -2.92 -25.79 10.11
CA SER A 228 -3.33 -26.34 8.83
C SER A 228 -3.32 -27.86 8.80
N ILE A 229 -2.79 -28.51 9.84
CA ILE A 229 -2.80 -29.97 9.90
C ILE A 229 -4.23 -30.50 9.90
N VAL A 230 -5.16 -29.73 10.45
CA VAL A 230 -6.54 -30.20 10.58
C VAL A 230 -7.18 -30.32 9.20
N MET A 231 -7.14 -29.24 8.42
CA MET A 231 -7.72 -29.29 7.07
C MET A 231 -6.97 -30.27 6.18
N GLU A 232 -5.67 -30.47 6.44
CA GLU A 232 -4.93 -31.48 5.69
C GLU A 232 -5.54 -32.86 5.89
N GLN A 233 -5.83 -33.21 7.15
CA GLN A 233 -6.51 -34.47 7.44
C GLN A 233 -7.92 -34.47 6.86
N MET A 234 -8.62 -33.33 6.92
CA MET A 234 -9.97 -33.27 6.38
C MET A 234 -9.96 -33.48 4.87
N ILE A 235 -8.95 -32.95 4.18
CA ILE A 235 -8.87 -33.12 2.73
C ILE A 235 -8.62 -34.58 2.37
N ARG A 236 -7.81 -35.28 3.17
CA ARG A 236 -7.60 -36.71 2.94
C ARG A 236 -8.90 -37.47 3.08
N LEU A 237 -9.70 -37.13 4.10
CA LEU A 237 -11.02 -37.71 4.23
C LEU A 237 -11.89 -37.40 3.01
N LEU A 238 -11.88 -36.13 2.58
CA LEU A 238 -12.70 -35.74 1.44
C LEU A 238 -12.31 -36.49 0.18
N HIS A 239 -11.00 -36.72 -0.01
CA HIS A 239 -10.56 -37.52 -1.15
C HIS A 239 -11.09 -38.94 -1.06
N ASP A 240 -11.07 -39.53 0.15
CA ASP A 240 -11.67 -40.84 0.35
C ASP A 240 -13.17 -40.84 0.09
N CYS A 241 -13.83 -39.70 0.22
CA CYS A 241 -15.26 -39.59 -0.03
C CYS A 241 -15.59 -39.20 -1.45
N GLY A 242 -14.58 -39.01 -2.31
CA GLY A 242 -14.81 -38.80 -3.72
C GLY A 242 -14.45 -37.43 -4.25
N LEU A 243 -13.92 -36.54 -3.41
CA LEU A 243 -13.45 -35.25 -3.89
C LEU A 243 -12.38 -35.45 -4.96
N PRO A 244 -12.58 -34.99 -6.19
CA PRO A 244 -11.59 -35.25 -7.24
C PRO A 244 -10.26 -34.59 -6.94
N ALA A 245 -9.18 -35.31 -7.26
CA ALA A 245 -7.84 -34.81 -7.01
C ALA A 245 -7.63 -33.44 -7.65
N GLU A 246 -8.18 -33.23 -8.85
CA GLU A 246 -7.89 -32.01 -9.61
C GLU A 246 -8.78 -30.85 -9.25
N ASP A 247 -9.75 -31.03 -8.34
CA ASP A 247 -10.75 -29.99 -8.09
C ASP A 247 -10.27 -28.89 -7.14
N MET A 248 -9.24 -29.15 -6.32
CA MET A 248 -8.78 -28.11 -5.41
C MET A 248 -7.30 -28.31 -5.11
N ASP A 249 -6.68 -27.23 -4.61
CA ASP A 249 -5.30 -27.23 -4.18
C ASP A 249 -5.21 -26.76 -2.73
N PHE A 250 -4.12 -27.14 -2.07
CA PHE A 250 -3.90 -26.83 -0.67
C PHE A 250 -2.48 -26.31 -0.53
N ILE A 251 -2.33 -25.04 -0.12
CA ILE A 251 -1.02 -24.41 -0.03
C ILE A 251 -0.78 -24.00 1.42
N ASN A 252 0.44 -24.25 1.90
CA ASN A 252 0.90 -23.77 3.19
C ASN A 252 2.01 -22.75 2.93
N SER A 253 1.92 -21.59 3.56
CA SER A 253 2.91 -20.54 3.37
C SER A 253 2.68 -19.46 4.41
N ASP A 254 3.64 -18.54 4.51
CA ASP A 254 3.39 -17.33 5.26
C ASP A 254 2.50 -16.39 4.45
N GLY A 255 2.05 -15.32 5.10
CA GLY A 255 1.13 -14.41 4.44
C GLY A 255 1.74 -13.74 3.21
N ALA A 256 3.04 -13.46 3.25
CA ALA A 256 3.66 -12.73 2.16
C ALA A 256 3.69 -13.53 0.87
N VAL A 257 3.96 -14.84 0.97
CA VAL A 257 3.96 -15.67 -0.23
C VAL A 257 2.56 -15.81 -0.78
N MET A 258 1.57 -16.03 0.10
CA MET A 258 0.19 -16.11 -0.34
C MET A 258 -0.24 -14.83 -1.05
N ASN A 259 0.26 -13.68 -0.57
CA ASN A 259 -0.02 -12.41 -1.22
C ASN A 259 0.51 -12.42 -2.65
N LYS A 260 1.74 -12.89 -2.85
CA LYS A 260 2.30 -12.96 -4.19
C LYS A 260 1.49 -13.88 -5.08
N LEU A 261 1.05 -15.02 -4.56
CA LEU A 261 0.26 -15.94 -5.37
C LEU A 261 -1.04 -15.30 -5.83
N LEU A 262 -1.68 -14.52 -4.95
CA LEU A 262 -2.93 -13.86 -5.32
C LEU A 262 -2.72 -12.86 -6.45
N LEU A 263 -1.62 -12.11 -6.40
CA LEU A 263 -1.35 -11.13 -7.45
C LEU A 263 -0.79 -11.74 -8.71
N GLU A 264 -0.22 -12.95 -8.63
CA GLU A 264 0.32 -13.61 -9.81
C GLU A 264 -0.71 -14.53 -10.47
N ALA A 265 -1.53 -15.21 -9.69
CA ALA A 265 -2.54 -16.10 -10.25
C ALA A 265 -3.81 -15.37 -10.63
N ASN A 266 -4.05 -14.18 -10.07
CA ASN A 266 -5.23 -13.37 -10.28
C ASN A 266 -6.49 -14.20 -10.17
N PRO A 267 -6.81 -14.75 -9.00
CA PRO A 267 -8.07 -15.48 -8.85
C PRO A 267 -9.24 -14.53 -9.01
N LYS A 268 -10.35 -15.06 -9.51
CA LYS A 268 -11.51 -14.21 -9.77
C LYS A 268 -12.28 -13.88 -8.50
N MET A 269 -12.11 -14.66 -7.44
CA MET A 269 -12.69 -14.35 -6.15
C MET A 269 -11.75 -14.85 -5.07
N THR A 270 -11.62 -14.09 -3.99
CA THR A 270 -10.80 -14.51 -2.85
C THR A 270 -11.64 -14.35 -1.59
N LEU A 271 -11.83 -15.46 -0.87
CA LEU A 271 -12.42 -15.43 0.45
C LEU A 271 -11.30 -15.26 1.47
N PHE A 272 -11.34 -14.18 2.23
CA PHE A 272 -10.39 -13.97 3.30
C PHE A 272 -11.12 -13.92 4.64
N THR A 273 -10.63 -14.69 5.59
CA THR A 273 -11.09 -14.62 6.98
C THR A 273 -9.86 -14.45 7.86
N GLY A 274 -9.81 -13.34 8.59
CA GLY A 274 -8.66 -13.08 9.45
C GLY A 274 -8.68 -11.66 9.98
N SER A 275 -7.48 -11.13 10.24
CA SER A 275 -7.36 -9.82 10.85
C SER A 275 -7.86 -8.72 9.92
N SER A 276 -8.35 -7.62 10.52
CA SER A 276 -8.81 -6.49 9.74
C SER A 276 -7.67 -5.83 8.97
N ARG A 277 -6.45 -5.88 9.50
CA ARG A 277 -5.30 -5.30 8.82
C ARG A 277 -5.04 -5.98 7.49
N VAL A 278 -5.01 -7.32 7.49
CA VAL A 278 -4.73 -8.06 6.27
C VAL A 278 -5.91 -7.97 5.30
N ALA A 279 -7.13 -7.95 5.83
CA ALA A 279 -8.31 -7.90 4.97
C ALA A 279 -8.34 -6.63 4.13
N GLU A 280 -7.99 -5.49 4.72
CA GLU A 280 -8.01 -4.24 3.98
C GLU A 280 -6.84 -4.17 2.99
N LYS A 281 -5.68 -4.69 3.37
CA LYS A 281 -4.54 -4.76 2.45
C LYS A 281 -4.89 -5.61 1.24
N LEU A 282 -5.48 -6.79 1.48
CA LEU A 282 -5.88 -7.66 0.38
C LEU A 282 -6.98 -7.01 -0.46
N ALA A 283 -7.94 -6.34 0.20
CA ALA A 283 -9.00 -5.67 -0.55
C ALA A 283 -8.45 -4.59 -1.46
N ALA A 284 -7.33 -3.98 -1.07
CA ALA A 284 -6.70 -2.98 -1.94
C ALA A 284 -5.86 -3.64 -3.02
N ASP A 285 -5.07 -4.66 -2.65
CA ASP A 285 -4.23 -5.34 -3.63
C ASP A 285 -5.07 -5.99 -4.72
N LEU A 286 -6.13 -6.68 -4.33
CA LEU A 286 -7.02 -7.36 -5.27
C LEU A 286 -8.10 -6.43 -5.82
N LYS A 287 -8.04 -5.14 -5.48
CA LYS A 287 -8.95 -4.13 -6.01
C LYS A 287 -10.40 -4.51 -5.74
N GLY A 288 -10.65 -5.10 -4.58
CA GLY A 288 -12.00 -5.41 -4.14
C GLY A 288 -12.57 -6.71 -4.64
N ARG A 289 -11.79 -7.52 -5.35
CA ARG A 289 -12.22 -8.85 -5.79
C ARG A 289 -12.11 -9.85 -4.64
N VAL A 290 -12.79 -9.52 -3.53
CA VAL A 290 -12.69 -10.28 -2.29
C VAL A 290 -14.04 -10.35 -1.62
N LYS A 291 -14.19 -11.34 -0.75
CA LYS A 291 -15.20 -11.35 0.30
C LYS A 291 -14.47 -11.49 1.64
N LEU A 292 -14.89 -10.69 2.61
CA LEU A 292 -14.15 -10.56 3.86
C LEU A 292 -14.99 -11.03 5.04
N GLU A 293 -14.36 -11.82 5.90
CA GLU A 293 -14.81 -12.06 7.26
C GLU A 293 -13.68 -11.55 8.15
N ASP A 294 -13.70 -10.25 8.43
CA ASP A 294 -12.60 -9.62 9.13
C ASP A 294 -12.85 -9.61 10.64
N ALA A 295 -12.12 -8.77 11.36
CA ALA A 295 -12.20 -8.76 12.80
C ALA A 295 -13.58 -8.28 13.26
N GLY A 296 -13.79 -8.39 14.57
CA GLY A 296 -14.98 -7.86 15.19
C GLY A 296 -14.71 -7.39 16.61
N PHE A 297 -15.27 -6.24 16.98
CA PHE A 297 -15.35 -5.80 18.36
C PHE A 297 -16.82 -5.88 18.75
N ASP A 298 -17.21 -7.03 19.32
CA ASP A 298 -18.61 -7.39 19.51
C ASP A 298 -19.11 -6.98 20.90
N TRP A 299 -20.31 -6.41 20.92
CA TRP A 299 -20.88 -5.83 22.12
C TRP A 299 -22.08 -6.63 22.58
N LYS A 300 -22.34 -6.58 23.88
CA LYS A 300 -23.56 -7.08 24.49
C LYS A 300 -24.18 -5.95 25.29
N ILE A 301 -25.45 -5.66 25.01
CA ILE A 301 -26.23 -4.68 25.75
C ILE A 301 -27.21 -5.42 26.62
N LEU A 302 -27.22 -5.11 27.91
CA LEU A 302 -28.23 -5.61 28.83
C LEU A 302 -29.35 -4.57 28.93
N GLY A 303 -30.58 -5.02 28.70
CA GLY A 303 -31.72 -4.14 28.80
C GLY A 303 -32.11 -3.88 30.24
N PRO A 304 -33.19 -3.11 30.42
CA PRO A 304 -33.62 -2.75 31.77
C PRO A 304 -34.30 -3.88 32.53
N ASP A 305 -34.83 -4.89 31.85
CA ASP A 305 -35.63 -5.92 32.50
C ASP A 305 -34.72 -7.03 33.02
N VAL A 306 -34.35 -6.93 34.29
CA VAL A 306 -33.44 -7.90 34.90
C VAL A 306 -34.18 -9.20 35.17
N GLN A 307 -33.61 -10.31 34.71
CA GLN A 307 -34.17 -11.65 34.94
C GLN A 307 -33.16 -12.69 34.46
N GLU A 308 -33.38 -13.93 34.90
CA GLU A 308 -32.53 -15.08 34.56
C GLU A 308 -31.06 -14.74 34.74
N VAL A 309 -30.73 -14.16 35.91
CA VAL A 309 -29.40 -13.64 36.15
C VAL A 309 -28.35 -14.74 36.00
N ASP A 310 -28.65 -15.94 36.53
CA ASP A 310 -27.72 -17.05 36.42
C ASP A 310 -27.46 -17.41 34.95
N TYR A 311 -28.54 -17.54 34.17
CA TYR A 311 -28.38 -17.89 32.75
C TYR A 311 -27.59 -16.81 32.01
N VAL A 312 -27.91 -15.54 32.25
CA VAL A 312 -27.22 -14.45 31.57
C VAL A 312 -25.75 -14.43 31.94
N ALA A 313 -25.43 -14.69 33.21
CA ALA A 313 -24.04 -14.70 33.64
C ALA A 313 -23.27 -15.81 32.94
N TRP A 314 -23.87 -17.00 32.85
CA TRP A 314 -23.20 -18.12 32.19
C TRP A 314 -22.90 -17.79 30.74
N VAL A 315 -23.85 -17.17 30.04
CA VAL A 315 -23.63 -16.82 28.64
C VAL A 315 -22.54 -15.76 28.53
N CYS A 316 -22.50 -14.82 29.47
CA CYS A 316 -21.45 -13.81 29.48
C CYS A 316 -20.08 -14.47 29.63
N ASP A 317 -19.96 -15.45 30.51
CA ASP A 317 -18.67 -16.12 30.70
C ASP A 317 -18.28 -16.93 29.47
N GLN A 318 -19.24 -17.64 28.87
CA GLN A 318 -18.92 -18.42 27.68
C GLN A 318 -18.63 -17.52 26.49
N ASP A 319 -19.39 -16.43 26.35
CA ASP A 319 -19.17 -15.53 25.23
C ASP A 319 -17.79 -14.88 25.31
N ALA A 320 -17.40 -14.45 26.50
CA ALA A 320 -16.16 -13.69 26.63
C ALA A 320 -14.93 -14.59 26.68
N TYR A 321 -15.06 -15.81 27.22
CA TYR A 321 -13.88 -16.54 27.66
C TYR A 321 -13.73 -17.96 27.14
N ALA A 322 -14.76 -18.55 26.52
CA ALA A 322 -14.56 -19.81 25.82
C ALA A 322 -13.47 -19.63 24.77
N CYS A 323 -12.63 -20.66 24.61
CA CYS A 323 -11.44 -20.59 23.77
C CYS A 323 -10.51 -19.45 24.16
N SER A 324 -10.59 -19.00 25.42
CA SER A 324 -9.83 -17.84 25.90
C SER A 324 -10.10 -16.62 25.03
N GLY A 325 -11.36 -16.44 24.64
CA GLY A 325 -11.77 -15.30 23.85
C GLY A 325 -11.35 -15.31 22.41
N GLN A 326 -10.69 -16.37 21.94
CA GLN A 326 -10.18 -16.41 20.57
C GLN A 326 -11.27 -16.84 19.59
N LYS A 327 -12.33 -16.03 19.55
CA LYS A 327 -13.40 -16.14 18.57
C LYS A 327 -13.62 -14.78 17.96
N CYS A 328 -13.80 -14.71 16.63
CA CYS A 328 -14.17 -13.44 16.03
C CYS A 328 -15.50 -12.93 16.55
N SER A 329 -16.27 -13.77 17.24
CA SER A 329 -17.57 -13.43 17.79
C SER A 329 -17.55 -13.18 19.29
N ALA A 330 -16.38 -13.20 19.92
CA ALA A 330 -16.30 -13.16 21.38
C ALA A 330 -16.76 -11.81 21.93
N GLN A 331 -17.36 -11.87 23.12
CA GLN A 331 -17.84 -10.67 23.82
C GLN A 331 -16.65 -9.83 24.25
N SER A 332 -16.51 -8.65 23.65
CA SER A 332 -15.41 -7.75 23.97
C SER A 332 -15.82 -6.55 24.82
N VAL A 333 -17.10 -6.18 24.83
CA VAL A 333 -17.58 -5.11 25.68
C VAL A 333 -18.99 -5.45 26.15
N LEU A 334 -19.31 -5.05 27.38
CA LEU A 334 -20.60 -5.30 27.99
C LEU A 334 -21.17 -3.98 28.49
N PHE A 335 -22.29 -3.55 27.90
CA PHE A 335 -23.02 -2.36 28.35
C PHE A 335 -24.09 -2.81 29.33
N MET A 336 -23.84 -2.60 30.62
CA MET A 336 -24.77 -3.02 31.67
C MET A 336 -25.75 -1.90 32.00
N HIS A 337 -27.04 -2.17 31.83
CA HIS A 337 -28.05 -1.25 32.33
C HIS A 337 -27.95 -1.18 33.85
N LYS A 338 -28.15 0.02 34.40
CA LYS A 338 -27.96 0.24 35.83
C LYS A 338 -28.79 -0.72 36.68
N ASN A 339 -29.95 -1.15 36.16
CA ASN A 339 -30.79 -2.09 36.90
C ASN A 339 -30.06 -3.39 37.20
N TRP A 340 -29.08 -3.76 36.39
CA TRP A 340 -28.35 -5.00 36.58
C TRP A 340 -27.24 -4.89 37.60
N SER A 341 -26.92 -3.68 38.08
CA SER A 341 -25.79 -3.51 38.99
C SER A 341 -26.01 -4.19 40.32
N SER A 342 -27.26 -4.33 40.76
CA SER A 342 -27.59 -4.96 42.02
C SER A 342 -28.05 -6.40 41.86
N SER A 343 -27.93 -6.96 40.65
CA SER A 343 -28.45 -8.28 40.36
C SER A 343 -27.54 -9.41 40.85
N GLY A 344 -26.29 -9.11 41.16
CA GLY A 344 -25.31 -10.15 41.40
C GLY A 344 -24.66 -10.69 40.15
N LEU A 345 -24.90 -10.08 38.99
CA LEU A 345 -24.37 -10.60 37.72
C LEU A 345 -22.85 -10.58 37.71
N LEU A 346 -22.26 -9.42 38.01
CA LEU A 346 -20.80 -9.30 37.97
C LEU A 346 -20.15 -10.25 38.96
N GLU A 347 -20.77 -10.44 40.13
CA GLU A 347 -20.24 -11.38 41.11
C GLU A 347 -20.24 -12.80 40.54
N LYS A 348 -21.32 -13.19 39.85
CA LYS A 348 -21.38 -14.51 39.23
C LYS A 348 -20.38 -14.61 38.08
N MET A 349 -20.20 -13.53 37.32
CA MET A 349 -19.22 -13.52 36.23
C MET A 349 -17.81 -13.72 36.78
N LYS A 350 -17.50 -13.11 37.92
CA LYS A 350 -16.21 -13.30 38.55
C LYS A 350 -16.00 -14.76 38.93
N LYS A 351 -16.98 -15.34 39.64
CA LYS A 351 -16.88 -16.74 40.05
C LYS A 351 -16.76 -17.68 38.85
N LEU A 352 -17.52 -17.39 37.79
CA LEU A 352 -17.47 -18.25 36.61
C LEU A 352 -16.13 -18.18 35.89
N SER A 353 -15.50 -17.00 35.87
CA SER A 353 -14.19 -16.88 35.23
C SER A 353 -13.11 -17.62 36.02
N GLU A 354 -13.29 -17.77 37.33
CA GLU A 354 -12.25 -18.33 38.18
C GLU A 354 -12.28 -19.86 38.25
N ARG A 355 -13.32 -20.51 37.73
CA ARG A 355 -13.30 -21.95 37.58
C ARG A 355 -12.73 -22.39 36.24
N ARG A 356 -12.30 -21.45 35.40
CA ARG A 356 -11.62 -21.78 34.16
C ARG A 356 -10.16 -22.09 34.46
N LYS A 357 -9.65 -23.14 33.82
CA LYS A 357 -8.31 -23.61 34.15
C LYS A 357 -7.64 -24.22 32.92
N LEU A 358 -6.30 -24.27 32.99
CA LEU A 358 -5.50 -24.73 31.86
C LEU A 358 -5.71 -26.21 31.57
N GLU A 359 -5.93 -27.02 32.62
CA GLU A 359 -5.84 -28.47 32.46
C GLU A 359 -6.95 -29.03 31.58
N ASP A 360 -8.10 -28.36 31.51
CA ASP A 360 -9.13 -28.73 30.53
C ASP A 360 -9.30 -27.66 29.46
N LEU A 361 -8.37 -26.71 29.41
CA LEU A 361 -8.32 -25.68 28.37
C LEU A 361 -9.58 -24.82 28.33
N THR A 362 -10.24 -24.66 29.48
CA THR A 362 -11.22 -23.61 29.61
C THR A 362 -10.58 -22.24 29.76
N ILE A 363 -9.28 -22.20 30.03
CA ILE A 363 -8.41 -21.06 29.76
C ILE A 363 -7.14 -21.65 29.18
N GLY A 364 -6.45 -20.89 28.33
CA GLY A 364 -5.27 -21.42 27.71
C GLY A 364 -4.44 -20.46 26.89
N PRO A 365 -3.52 -21.01 26.10
CA PRO A 365 -2.63 -20.19 25.28
C PRO A 365 -3.41 -19.25 24.35
N VAL A 366 -2.85 -18.07 24.14
CA VAL A 366 -3.42 -17.04 23.29
C VAL A 366 -2.45 -16.84 22.14
N LEU A 367 -2.80 -17.35 20.96
CA LEU A 367 -1.80 -17.57 19.92
C LEU A 367 -1.36 -16.30 19.22
N THR A 368 -2.10 -15.20 19.35
CA THR A 368 -1.75 -13.99 18.62
C THR A 368 -1.62 -12.74 19.50
N VAL A 369 -1.72 -12.87 20.82
CA VAL A 369 -1.48 -11.75 21.73
C VAL A 369 -0.64 -12.27 22.89
N THR A 370 0.50 -11.63 23.13
CA THR A 370 1.35 -12.04 24.24
C THR A 370 0.76 -11.58 25.57
N THR A 371 1.26 -12.17 26.66
CA THR A 371 0.84 -11.76 27.99
C THR A 371 1.18 -10.30 28.25
N GLU A 372 2.39 -9.88 27.85
CA GLU A 372 2.79 -8.48 28.03
C GLU A 372 1.84 -7.54 27.29
N ALA A 373 1.46 -7.91 26.06
CA ALA A 373 0.56 -7.05 25.29
C ALA A 373 -0.79 -6.91 25.97
N MET A 374 -1.28 -7.98 26.58
CA MET A 374 -2.57 -7.93 27.26
C MET A 374 -2.48 -7.15 28.57
N ILE A 375 -1.39 -7.33 29.31
CA ILE A 375 -1.18 -6.56 30.54
C ILE A 375 -1.05 -5.08 30.22
N GLU A 376 -0.26 -4.74 29.18
CA GLU A 376 -0.08 -3.35 28.80
C GLU A 376 -1.41 -2.69 28.45
N HIS A 377 -2.22 -3.37 27.62
CA HIS A 377 -3.56 -2.88 27.28
C HIS A 377 -4.38 -2.62 28.54
N MET A 378 -4.40 -3.58 29.47
CA MET A 378 -5.11 -3.40 30.73
C MET A 378 -4.63 -2.16 31.47
N ASN A 379 -3.32 -1.97 31.56
CA ASN A 379 -2.77 -0.80 32.25
C ASN A 379 -3.12 0.49 31.51
N ASN A 380 -3.10 0.47 30.18
CA ASN A 380 -3.51 1.64 29.41
C ASN A 380 -4.95 2.02 29.71
N LEU A 381 -5.83 1.01 29.82
CA LEU A 381 -7.22 1.29 30.17
C LEU A 381 -7.33 1.85 31.59
N LEU A 382 -6.50 1.34 32.51
CA LEU A 382 -6.58 1.76 33.90
C LEU A 382 -6.13 3.20 34.12
N LYS A 383 -5.48 3.83 33.13
CA LYS A 383 -5.18 5.25 33.23
C LYS A 383 -6.43 6.10 33.16
N ILE A 384 -7.55 5.53 32.73
CA ILE A 384 -8.78 6.27 32.53
C ILE A 384 -9.48 6.45 33.86
N ARG A 385 -10.01 7.66 34.10
CA ARG A 385 -10.63 7.99 35.37
C ARG A 385 -11.85 7.13 35.63
N GLY A 386 -11.91 6.54 36.82
CA GLY A 386 -13.03 5.72 37.22
C GLY A 386 -12.92 4.26 36.82
N SER A 387 -11.85 3.87 36.14
CA SER A 387 -11.71 2.49 35.68
C SER A 387 -11.14 1.60 36.78
N LYS A 388 -11.49 0.31 36.71
CA LYS A 388 -11.02 -0.64 37.71
C LYS A 388 -11.11 -2.05 37.14
N VAL A 389 -10.15 -2.89 37.52
CA VAL A 389 -10.19 -4.31 37.17
C VAL A 389 -11.29 -4.97 37.99
N LEU A 390 -12.24 -5.60 37.30
CA LEU A 390 -13.32 -6.32 38.00
C LEU A 390 -12.87 -7.71 38.42
N PHE A 391 -12.16 -8.43 37.55
CA PHE A 391 -11.53 -9.68 37.94
C PHE A 391 -10.42 -10.00 36.95
N GLY A 392 -9.59 -10.97 37.32
CA GLY A 392 -8.46 -11.33 36.48
C GLY A 392 -7.38 -10.26 36.53
N GLY A 393 -6.74 -10.04 35.38
CA GLY A 393 -5.69 -9.07 35.29
C GLY A 393 -4.30 -9.57 35.63
N GLU A 394 -4.15 -10.88 35.81
CA GLU A 394 -2.87 -11.49 36.17
C GLU A 394 -2.59 -12.66 35.24
N PRO A 395 -1.32 -12.98 35.02
CA PRO A 395 -0.98 -14.11 34.16
C PRO A 395 -1.35 -15.44 34.80
N LEU A 396 -1.48 -16.45 33.95
CA LEU A 396 -1.60 -17.81 34.44
C LEU A 396 -0.27 -18.26 35.05
N ALA A 397 -0.35 -19.21 35.96
CA ALA A 397 0.82 -19.73 36.65
C ALA A 397 0.97 -21.22 36.38
N ASN A 398 2.18 -21.72 36.66
CA ASN A 398 2.50 -23.14 36.57
C ASN A 398 2.18 -23.71 35.18
N HIS A 399 2.84 -23.14 34.16
CA HIS A 399 2.59 -23.59 32.80
C HIS A 399 3.88 -23.51 32.00
N SER A 400 3.87 -24.17 30.83
CA SER A 400 5.02 -24.21 29.94
C SER A 400 4.69 -23.60 28.57
N ILE A 401 3.74 -22.67 28.54
CA ILE A 401 3.33 -22.02 27.29
C ILE A 401 4.47 -21.11 26.84
N PRO A 402 5.01 -21.32 25.64
CA PRO A 402 6.11 -20.47 25.16
C PRO A 402 5.69 -19.01 25.11
N LYS A 403 6.66 -18.13 25.32
CA LYS A 403 6.35 -16.72 25.55
C LYS A 403 5.79 -16.03 24.31
N ILE A 404 5.91 -16.64 23.12
CA ILE A 404 5.27 -16.07 21.94
C ILE A 404 3.76 -16.05 22.10
N TYR A 405 3.22 -16.90 22.95
CA TYR A 405 1.78 -17.01 23.16
C TYR A 405 1.42 -16.46 24.53
N GLY A 406 0.27 -15.79 24.60
CA GLY A 406 -0.17 -15.26 25.87
C GLY A 406 -0.75 -16.34 26.78
N ALA A 407 -0.76 -16.03 28.08
CA ALA A 407 -1.28 -16.94 29.09
C ALA A 407 -1.83 -16.08 30.22
N MET A 408 -3.10 -15.71 30.10
CA MET A 408 -3.74 -14.75 30.98
C MET A 408 -4.97 -15.38 31.64
N LYS A 409 -5.21 -14.98 32.88
CA LYS A 409 -6.48 -15.28 33.52
C LYS A 409 -7.57 -14.46 32.85
N PRO A 410 -8.81 -14.96 32.84
CA PRO A 410 -9.91 -14.18 32.25
C PRO A 410 -10.03 -12.81 32.92
N THR A 411 -10.02 -11.77 32.09
CA THR A 411 -9.93 -10.40 32.58
C THR A 411 -11.10 -9.57 32.08
N ALA A 412 -11.66 -8.79 33.01
CA ALA A 412 -12.69 -7.80 32.70
C ALA A 412 -12.33 -6.50 33.39
N VAL A 413 -12.36 -5.40 32.65
CA VAL A 413 -12.01 -4.08 33.16
C VAL A 413 -13.22 -3.18 33.02
N PHE A 414 -13.65 -2.57 34.13
CA PHE A 414 -14.70 -1.57 34.06
C PHE A 414 -14.13 -0.23 33.61
N VAL A 415 -14.85 0.42 32.69
CA VAL A 415 -14.53 1.79 32.29
C VAL A 415 -15.84 2.57 32.26
N PRO A 416 -15.94 3.69 32.96
CA PRO A 416 -17.20 4.45 32.96
C PRO A 416 -17.60 4.86 31.55
N LEU A 417 -18.90 4.79 31.27
CA LEU A 417 -19.39 5.01 29.91
C LEU A 417 -19.01 6.38 29.39
N GLU A 418 -19.12 7.41 30.24
CA GLU A 418 -18.84 8.77 29.79
C GLU A 418 -17.37 8.94 29.39
N GLU A 419 -16.46 8.18 30.00
CA GLU A 419 -15.06 8.25 29.61
C GLU A 419 -14.81 7.50 28.30
N ILE A 420 -15.53 6.40 28.08
CA ILE A 420 -15.39 5.63 26.85
C ILE A 420 -15.66 6.50 25.64
N LEU A 421 -16.73 7.31 25.71
CA LEU A 421 -17.15 8.10 24.55
C LEU A 421 -16.15 9.18 24.17
N LYS A 422 -15.25 9.53 25.07
CA LYS A 422 -14.27 10.57 24.77
C LYS A 422 -13.27 10.09 23.74
N SER A 423 -12.75 11.03 22.95
CA SER A 423 -11.76 10.71 21.95
C SER A 423 -10.49 10.20 22.61
N GLY A 424 -9.75 9.37 21.90
CA GLY A 424 -8.57 8.73 22.45
C GLY A 424 -8.94 7.53 23.29
N ASN A 425 -9.76 7.75 24.32
CA ASN A 425 -10.26 6.64 25.13
C ASN A 425 -11.07 5.66 24.29
N PHE A 426 -11.86 6.17 23.35
CA PHE A 426 -12.72 5.29 22.57
C PHE A 426 -11.91 4.31 21.74
N GLU A 427 -10.91 4.81 21.00
CA GLU A 427 -10.09 3.94 20.16
C GLU A 427 -9.36 2.89 21.01
N LEU A 428 -8.90 3.26 22.20
CA LEU A 428 -8.30 2.29 23.11
C LEU A 428 -9.33 1.27 23.62
N VAL A 429 -10.49 1.74 24.09
CA VAL A 429 -11.50 0.85 24.67
C VAL A 429 -12.04 -0.12 23.63
N THR A 430 -12.28 0.35 22.41
CA THR A 430 -12.83 -0.49 21.35
C THR A 430 -11.75 -1.25 20.56
N LYS A 431 -10.54 -1.36 21.10
CA LYS A 431 -9.49 -2.12 20.43
C LYS A 431 -9.71 -3.61 20.68
N GLU A 432 -9.68 -4.40 19.60
CA GLU A 432 -9.90 -5.82 19.73
C GLU A 432 -8.66 -6.51 20.31
N ILE A 433 -8.82 -7.19 21.44
CA ILE A 433 -7.77 -8.02 22.04
C ILE A 433 -8.21 -9.47 21.83
N PHE A 434 -7.52 -10.18 20.94
CA PHE A 434 -7.90 -11.54 20.59
C PHE A 434 -7.43 -12.49 21.70
N GLY A 435 -7.97 -12.26 22.89
CA GLY A 435 -7.66 -13.01 24.09
C GLY A 435 -8.78 -12.93 25.10
N PRO A 436 -8.59 -13.54 26.28
CA PRO A 436 -9.67 -13.55 27.30
C PRO A 436 -9.73 -12.22 28.05
N PHE A 437 -10.40 -11.25 27.43
CA PHE A 437 -10.37 -9.87 27.91
C PHE A 437 -11.60 -9.15 27.42
N GLN A 438 -12.29 -8.45 28.31
CA GLN A 438 -13.46 -7.67 27.94
C GLN A 438 -13.50 -6.39 28.76
N VAL A 439 -14.21 -5.40 28.24
CA VAL A 439 -14.50 -4.17 28.95
C VAL A 439 -15.96 -4.20 29.38
N VAL A 440 -16.21 -3.81 30.64
CA VAL A 440 -17.57 -3.71 31.17
C VAL A 440 -17.83 -2.23 31.46
N THR A 441 -19.05 -1.79 31.18
CA THR A 441 -19.47 -0.43 31.51
C THR A 441 -20.94 -0.45 31.91
N GLU A 442 -21.39 0.70 32.41
CA GLU A 442 -22.74 0.84 32.92
C GLU A 442 -23.41 2.05 32.29
N TYR A 443 -24.70 1.92 31.99
CA TYR A 443 -25.51 3.02 31.49
C TYR A 443 -26.83 3.05 32.25
N SER A 444 -27.29 4.27 32.53
CA SER A 444 -28.57 4.47 33.22
C SER A 444 -29.70 4.52 32.20
N GLU A 445 -30.92 4.61 32.72
CA GLU A 445 -32.10 4.60 31.86
C GLU A 445 -32.06 5.76 30.87
N ASP A 446 -31.35 6.84 31.19
CA ASP A 446 -31.32 8.03 30.36
C ASP A 446 -30.21 8.01 29.31
N GLN A 447 -29.38 6.97 29.27
CA GLN A 447 -28.14 7.00 28.53
C GLN A 447 -28.08 6.00 27.37
N LEU A 448 -29.23 5.47 26.93
CA LEU A 448 -29.20 4.50 25.84
C LEU A 448 -28.61 5.12 24.57
N GLU A 449 -28.81 6.42 24.37
CA GLU A 449 -28.25 7.09 23.20
C GLU A 449 -26.73 7.02 23.21
N LEU A 450 -26.12 7.21 24.38
CA LEU A 450 -24.67 7.11 24.48
C LEU A 450 -24.18 5.72 24.10
N VAL A 451 -24.91 4.69 24.53
CA VAL A 451 -24.53 3.33 24.18
C VAL A 451 -24.63 3.12 22.68
N LEU A 452 -25.72 3.59 22.07
CA LEU A 452 -25.90 3.43 20.63
C LEU A 452 -24.91 4.29 19.86
N GLU A 453 -24.55 5.46 20.39
CA GLU A 453 -23.50 6.26 19.76
C GLU A 453 -22.18 5.49 19.74
N ALA A 454 -21.84 4.84 20.86
CA ALA A 454 -20.60 4.07 20.91
C ALA A 454 -20.61 2.93 19.91
N CYS A 455 -21.75 2.25 19.75
CA CYS A 455 -21.82 1.15 18.79
C CYS A 455 -21.72 1.66 17.37
N GLU A 456 -22.31 2.82 17.07
CA GLU A 456 -22.24 3.38 15.73
C GLU A 456 -20.83 3.86 15.40
N ARG A 457 -20.06 4.29 16.41
CA ARG A 457 -18.72 4.78 16.16
C ARG A 457 -17.70 3.66 15.97
N MET A 458 -18.07 2.41 16.24
CA MET A 458 -17.16 1.30 16.01
C MET A 458 -16.95 1.06 14.52
N ASN A 459 -15.82 0.46 14.18
CA ASN A 459 -15.45 0.19 12.79
C ASN A 459 -15.76 -1.22 12.35
N ALA A 460 -16.23 -2.09 13.26
CA ALA A 460 -16.54 -3.47 12.94
C ALA A 460 -17.96 -3.78 13.40
N HIS A 461 -18.69 -4.52 12.59
CA HIS A 461 -20.09 -4.86 12.85
C HIS A 461 -20.30 -6.35 12.56
N LEU A 462 -19.74 -7.19 13.43
CA LEU A 462 -19.84 -8.63 13.27
C LEU A 462 -20.99 -9.17 14.11
N THR A 463 -20.72 -9.54 15.35
CA THR A 463 -21.77 -10.08 16.22
C THR A 463 -22.12 -9.09 17.31
N ALA A 464 -23.27 -9.32 17.92
CA ALA A 464 -23.82 -8.46 18.96
C ALA A 464 -24.95 -9.20 19.65
N ALA A 465 -25.22 -8.79 20.89
CA ALA A 465 -26.29 -9.38 21.68
C ALA A 465 -27.02 -8.30 22.44
N ILE A 466 -28.36 -8.41 22.45
CA ILE A 466 -29.22 -7.49 23.17
C ILE A 466 -30.00 -8.34 24.16
N VAL A 467 -29.60 -8.33 25.42
CA VAL A 467 -30.17 -9.19 26.44
C VAL A 467 -31.35 -8.44 27.06
N SER A 468 -32.54 -8.70 26.50
CA SER A 468 -33.80 -8.11 26.93
C SER A 468 -34.92 -8.83 26.19
N ASN A 469 -36.08 -8.92 26.84
CA ASN A 469 -37.29 -9.44 26.21
C ASN A 469 -38.32 -8.35 25.95
N ASP A 470 -38.02 -7.10 26.29
CA ASP A 470 -38.85 -5.94 26.01
C ASP A 470 -38.86 -5.65 24.51
N PRO A 471 -39.99 -5.82 23.82
CA PRO A 471 -39.99 -5.62 22.35
C PRO A 471 -39.73 -4.19 21.93
N LEU A 472 -40.13 -3.20 22.73
CA LEU A 472 -39.87 -1.81 22.37
C LEU A 472 -38.38 -1.48 22.51
N PHE A 473 -37.71 -2.05 23.52
CA PHE A 473 -36.27 -1.87 23.66
C PHE A 473 -35.52 -2.58 22.55
N LEU A 474 -35.91 -3.83 22.28
CA LEU A 474 -35.23 -4.61 21.25
C LEU A 474 -35.32 -3.94 19.88
N GLN A 475 -36.54 -3.55 19.47
CA GLN A 475 -36.71 -2.96 18.15
C GLN A 475 -36.04 -1.60 18.06
N ASP A 476 -35.93 -0.88 19.18
CA ASP A 476 -35.20 0.39 19.17
C ASP A 476 -33.71 0.17 18.97
N VAL A 477 -33.13 -0.75 19.73
CA VAL A 477 -31.71 -1.03 19.61
C VAL A 477 -31.39 -1.65 18.25
N LEU A 478 -32.21 -2.62 17.81
CA LEU A 478 -31.96 -3.28 16.54
C LEU A 478 -32.05 -2.31 15.37
N GLY A 479 -33.11 -1.49 15.35
CA GLY A 479 -33.28 -0.52 14.29
C GLY A 479 -32.18 0.52 14.21
N ARG A 480 -31.43 0.72 15.30
CA ARG A 480 -30.34 1.69 15.35
CA ARG A 480 -30.35 1.69 15.37
C ARG A 480 -29.01 1.00 15.62
N SER A 481 -28.78 -0.12 14.94
CA SER A 481 -27.52 -0.84 14.99
C SER A 481 -27.33 -1.56 13.66
N VAL A 482 -26.18 -2.21 13.47
CA VAL A 482 -25.78 -2.72 12.17
C VAL A 482 -25.37 -4.20 12.19
N ASN A 483 -24.76 -4.64 13.30
CA ASN A 483 -23.93 -5.85 13.33
C ASN A 483 -24.59 -7.04 12.63
N GLY A 484 -23.81 -7.71 11.78
CA GLY A 484 -24.39 -8.63 10.81
C GLY A 484 -24.96 -9.90 11.42
N THR A 485 -24.59 -10.21 12.65
CA THR A 485 -25.09 -11.41 13.34
C THR A 485 -25.46 -10.98 14.77
N THR A 486 -26.67 -10.49 14.92
CA THR A 486 -27.14 -9.92 16.19
C THR A 486 -28.17 -10.84 16.80
N TYR A 487 -27.98 -11.18 18.08
CA TYR A 487 -28.92 -11.99 18.84
C TYR A 487 -29.70 -11.10 19.79
N ALA A 488 -31.00 -11.38 19.92
CA ALA A 488 -31.89 -10.53 20.70
C ALA A 488 -32.83 -11.40 21.53
N GLY A 489 -32.93 -11.10 22.82
CA GLY A 489 -33.71 -11.89 23.73
C GLY A 489 -32.96 -12.09 25.02
N ILE A 490 -33.64 -12.58 26.07
CA ILE A 490 -32.95 -12.76 27.34
C ILE A 490 -31.87 -13.83 27.24
N ARG A 491 -31.95 -14.74 26.25
CA ARG A 491 -30.96 -15.76 26.03
C ARG A 491 -29.97 -15.37 24.93
N ALA A 492 -29.88 -14.08 24.60
CA ALA A 492 -29.00 -13.63 23.54
C ALA A 492 -27.54 -13.84 23.92
N ARG A 493 -26.75 -14.20 22.91
CA ARG A 493 -25.31 -14.46 23.04
C ARG A 493 -24.59 -13.73 21.92
N THR A 494 -23.26 -13.71 21.99
CA THR A 494 -22.47 -13.19 20.89
C THR A 494 -21.77 -14.28 20.09
N THR A 495 -21.56 -15.45 20.66
CA THR A 495 -20.78 -16.51 20.03
C THR A 495 -21.66 -17.71 19.68
N GLY A 496 -21.09 -18.60 18.88
CA GLY A 496 -21.70 -19.88 18.61
C GLY A 496 -22.73 -19.88 17.51
N ALA A 497 -22.49 -19.16 16.43
CA ALA A 497 -23.40 -19.18 15.30
C ALA A 497 -23.32 -20.51 14.58
N PRO A 498 -24.39 -21.30 14.54
CA PRO A 498 -24.31 -22.61 13.88
C PRO A 498 -24.61 -22.51 12.39
N GLN A 499 -24.66 -23.67 11.71
CA GLN A 499 -24.80 -23.67 10.26
C GLN A 499 -26.22 -23.39 9.80
N ASN A 500 -27.21 -23.37 10.70
CA ASN A 500 -28.58 -23.16 10.28
C ASN A 500 -28.92 -21.70 10.04
N HIS A 501 -28.04 -20.76 10.41
CA HIS A 501 -28.29 -19.37 10.06
C HIS A 501 -26.99 -18.66 9.75
N TRP A 502 -27.14 -17.51 9.12
CA TRP A 502 -26.02 -16.72 8.63
C TRP A 502 -25.06 -16.35 9.76
N PHE A 503 -23.77 -16.37 9.45
CA PHE A 503 -22.74 -15.71 10.24
C PHE A 503 -21.89 -14.86 9.31
N GLY A 504 -21.70 -13.61 9.68
CA GLY A 504 -20.95 -12.68 8.87
C GLY A 504 -21.25 -11.25 9.27
N PRO A 505 -20.41 -10.32 8.85
CA PRO A 505 -20.62 -8.91 9.20
C PRO A 505 -21.71 -8.30 8.34
N ALA A 506 -22.05 -7.05 8.65
CA ALA A 506 -22.92 -6.23 7.83
C ALA A 506 -22.29 -4.86 7.63
N GLY A 507 -22.90 -4.07 6.75
CA GLY A 507 -22.41 -2.73 6.48
C GLY A 507 -21.24 -2.67 5.53
N ASP A 508 -21.02 -3.70 4.73
CA ASP A 508 -19.88 -3.78 3.84
C ASP A 508 -20.25 -4.61 2.61
N PRO A 509 -20.16 -4.05 1.39
CA PRO A 509 -20.42 -4.86 0.20
C PRO A 509 -19.47 -6.02 0.03
N ARG A 510 -18.33 -6.00 0.72
CA ARG A 510 -17.39 -7.10 0.71
C ARG A 510 -17.70 -8.14 1.77
N GLY A 511 -18.70 -7.89 2.62
CA GLY A 511 -19.03 -8.79 3.72
C GLY A 511 -19.35 -10.20 3.27
N ALA A 512 -18.62 -11.17 3.81
CA ALA A 512 -18.86 -12.56 3.52
C ALA A 512 -19.83 -13.16 4.54
N GLY A 513 -20.51 -14.21 4.12
CA GLY A 513 -21.23 -15.10 5.01
C GLY A 513 -20.61 -16.48 4.94
N ILE A 514 -21.13 -17.37 5.78
CA ILE A 514 -20.64 -18.73 5.82
C ILE A 514 -21.78 -19.63 6.29
N GLY A 515 -21.80 -20.86 5.77
CA GLY A 515 -22.72 -21.88 6.26
C GLY A 515 -23.99 -22.10 5.47
N THR A 516 -24.81 -21.06 5.33
CA THR A 516 -26.15 -21.20 4.79
C THR A 516 -26.14 -21.23 3.26
N PRO A 517 -27.22 -21.71 2.64
CA PRO A 517 -27.31 -21.65 1.17
C PRO A 517 -27.15 -20.24 0.63
N GLU A 518 -27.72 -19.24 1.30
CA GLU A 518 -27.57 -17.86 0.87
C GLU A 518 -26.11 -17.42 0.94
N ALA A 519 -25.43 -17.76 2.04
CA ALA A 519 -24.03 -17.39 2.20
C ALA A 519 -23.18 -18.00 1.10
N ILE A 520 -23.43 -19.26 0.75
CA ILE A 520 -22.66 -19.92 -0.30
C ILE A 520 -22.92 -19.24 -1.64
N LYS A 521 -24.18 -18.95 -1.94
CA LYS A 521 -24.51 -18.34 -3.23
C LYS A 521 -23.97 -16.92 -3.33
N LEU A 522 -24.04 -16.14 -2.25
CA LEU A 522 -23.52 -14.77 -2.28
C LEU A 522 -22.01 -14.76 -2.47
N VAL A 523 -21.30 -15.63 -1.74
CA VAL A 523 -19.85 -15.57 -1.71
C VAL A 523 -19.23 -16.21 -2.94
N TRP A 524 -19.82 -17.30 -3.44
CA TRP A 524 -19.15 -18.17 -4.40
C TRP A 524 -19.80 -18.20 -5.76
N SER A 525 -20.74 -17.31 -6.04
CA SER A 525 -21.29 -17.19 -7.38
C SER A 525 -21.68 -15.75 -7.63
N CYS A 526 -21.90 -15.44 -8.90
CA CYS A 526 -22.39 -14.14 -9.33
C CYS A 526 -23.61 -14.36 -10.22
N HIS A 527 -24.36 -13.29 -10.41
CA HIS A 527 -25.55 -13.37 -11.28
C HIS A 527 -25.12 -13.36 -12.74
N ARG A 528 -25.70 -14.27 -13.51
CA ARG A 528 -25.66 -14.20 -14.97
C ARG A 528 -27.09 -14.24 -15.49
N GLU A 529 -27.43 -13.29 -16.36
CA GLU A 529 -28.73 -13.24 -16.99
C GLU A 529 -28.60 -13.78 -18.41
N ILE A 530 -29.44 -14.76 -18.74
CA ILE A 530 -29.50 -15.33 -20.08
C ILE A 530 -30.91 -15.12 -20.59
N ILE A 531 -31.05 -14.38 -21.68
CA ILE A 531 -32.34 -13.97 -22.22
C ILE A 531 -32.56 -14.73 -23.52
N TYR A 532 -33.50 -15.66 -23.54
CA TYR A 532 -33.85 -16.34 -24.76
C TYR A 532 -34.82 -15.50 -25.58
N ASP A 533 -34.62 -15.51 -26.89
CA ASP A 533 -35.42 -14.76 -27.83
C ASP A 533 -35.43 -15.52 -29.15
N VAL A 534 -36.18 -16.61 -29.21
CA VAL A 534 -36.04 -17.58 -30.29
C VAL A 534 -36.94 -17.33 -31.48
N GLY A 535 -37.83 -16.35 -31.39
CA GLY A 535 -38.79 -16.12 -32.45
C GLY A 535 -40.15 -16.67 -32.07
N PRO A 536 -41.07 -16.72 -33.05
CA PRO A 536 -40.87 -16.36 -34.46
C PRO A 536 -40.74 -14.86 -34.69
N VAL A 537 -40.02 -14.50 -35.75
CA VAL A 537 -40.05 -13.13 -36.26
C VAL A 537 -41.47 -12.95 -36.81
N PRO A 538 -42.21 -11.95 -36.37
CA PRO A 538 -43.59 -11.78 -36.81
C PRO A 538 -43.69 -11.77 -38.33
N GLU A 539 -44.72 -12.42 -38.85
CA GLU A 539 -44.92 -12.46 -40.29
C GLU A 539 -45.07 -11.05 -40.86
N SER A 540 -45.66 -10.14 -40.08
CA SER A 540 -45.87 -8.76 -40.47
C SER A 540 -44.65 -7.89 -40.24
N TRP A 541 -43.50 -8.46 -39.88
CA TRP A 541 -42.33 -7.65 -39.58
C TRP A 541 -41.81 -7.00 -40.85
N ALA A 542 -41.52 -5.70 -40.76
CA ALA A 542 -40.92 -4.95 -41.84
C ALA A 542 -39.83 -4.06 -41.27
N LEU A 543 -38.71 -3.99 -41.98
CA LEU A 543 -37.55 -3.20 -41.59
C LEU A 543 -37.96 -1.81 -41.15
N PRO A 544 -37.83 -1.48 -39.86
CA PRO A 544 -38.19 -0.13 -39.41
C PRO A 544 -37.13 0.86 -39.82
N SER A 545 -37.49 2.14 -39.74
CA SER A 545 -36.52 3.20 -39.94
C SER A 545 -35.43 3.12 -38.87
N ALA A 546 -34.23 3.59 -39.22
CA ALA A 546 -33.12 3.51 -38.29
C ALA A 546 -33.38 4.35 -37.04
N THR A 547 -32.83 3.89 -35.92
CA THR A 547 -32.81 4.68 -34.69
C THR A 547 -31.40 4.64 -34.11
N THR B 26 -42.99 23.80 -21.76
CA THR B 26 -42.12 23.03 -20.88
C THR B 26 -42.81 22.81 -19.53
N PRO B 27 -42.54 21.68 -18.89
CA PRO B 27 -43.31 21.30 -17.70
C PRO B 27 -42.99 22.18 -16.50
N SER B 28 -43.83 22.02 -15.47
CA SER B 28 -43.80 22.92 -14.31
C SER B 28 -42.46 22.88 -13.59
N PHE B 29 -41.94 21.68 -13.34
CA PHE B 29 -40.70 21.55 -12.58
C PHE B 29 -39.49 22.08 -13.34
N ALA B 30 -39.61 22.25 -14.64
CA ALA B 30 -38.43 22.45 -15.49
C ALA B 30 -37.89 23.87 -15.36
N THR B 31 -36.56 23.97 -15.40
CA THR B 31 -35.87 25.26 -15.44
C THR B 31 -35.12 25.46 -16.75
N VAL B 32 -35.37 24.63 -17.77
CA VAL B 32 -34.70 24.74 -19.05
C VAL B 32 -35.65 24.28 -20.14
N SER B 33 -35.47 24.83 -21.35
CA SER B 33 -36.23 24.40 -22.53
C SER B 33 -35.28 23.69 -23.49
N PRO B 34 -35.51 22.41 -23.79
CA PRO B 34 -34.51 21.64 -24.56
C PRO B 34 -34.28 22.16 -25.97
N GLN B 35 -35.31 22.70 -26.63
CA GLN B 35 -35.15 23.19 -27.99
C GLN B 35 -34.54 24.58 -28.04
N GLU B 36 -34.58 25.33 -26.94
CA GLU B 36 -34.15 26.72 -26.93
C GLU B 36 -32.77 26.93 -26.34
N VAL B 37 -32.20 25.94 -25.65
CA VAL B 37 -30.88 26.12 -25.06
C VAL B 37 -29.83 26.21 -26.16
N SER B 38 -28.96 27.21 -26.08
CA SER B 38 -28.05 27.53 -27.16
C SER B 38 -26.93 28.39 -26.61
N GLY B 39 -26.03 28.83 -27.51
CA GLY B 39 -24.97 29.72 -27.10
C GLY B 39 -25.48 31.08 -26.67
N SER B 40 -26.53 31.56 -27.34
CA SER B 40 -27.13 32.84 -26.98
C SER B 40 -28.04 32.71 -25.76
N SER B 41 -28.68 31.56 -25.57
CA SER B 41 -29.52 31.30 -24.40
C SER B 41 -28.96 30.09 -23.65
N PRO B 42 -27.87 30.27 -22.92
CA PRO B 42 -27.26 29.14 -22.21
C PRO B 42 -27.98 28.81 -20.92
N ALA B 43 -27.88 27.54 -20.53
CA ALA B 43 -28.55 27.03 -19.35
C ALA B 43 -27.57 26.89 -18.19
N GLU B 44 -28.11 26.94 -16.98
CA GLU B 44 -27.33 26.79 -15.76
C GLU B 44 -27.73 25.49 -15.05
N VAL B 45 -26.73 24.75 -14.60
CA VAL B 45 -26.93 23.53 -13.82
C VAL B 45 -26.30 23.76 -12.45
N GLN B 46 -27.09 23.60 -11.40
CA GLN B 46 -26.62 23.79 -10.04
C GLN B 46 -26.53 22.46 -9.31
N ASN B 47 -26.01 22.54 -8.10
CA ASN B 47 -25.89 21.38 -7.22
C ASN B 47 -27.00 21.41 -6.18
N PHE B 48 -27.29 20.25 -5.63
CA PHE B 48 -28.24 20.12 -4.53
C PHE B 48 -27.54 19.51 -3.34
N VAL B 49 -27.51 20.24 -2.23
CA VAL B 49 -26.83 19.78 -1.03
C VAL B 49 -27.51 20.40 0.17
N GLN B 50 -27.64 19.60 1.24
CA GLN B 50 -28.30 20.02 2.48
C GLN B 50 -29.66 20.67 2.18
N GLY B 51 -30.38 20.09 1.22
CA GLY B 51 -31.75 20.47 0.97
C GLY B 51 -31.95 21.73 0.15
N SER B 52 -30.91 22.24 -0.50
CA SER B 52 -31.03 23.49 -1.25
C SER B 52 -30.25 23.41 -2.55
N TRP B 53 -30.77 24.09 -3.56
CA TRP B 53 -30.03 24.28 -4.80
C TRP B 53 -28.99 25.37 -4.59
N THR B 54 -27.74 25.06 -4.94
CA THR B 54 -26.65 26.00 -4.68
C THR B 54 -26.72 27.18 -5.65
N ALA B 55 -25.79 28.11 -5.46
CA ALA B 55 -25.64 29.29 -6.30
C ALA B 55 -24.17 29.51 -6.64
N SER B 56 -23.48 28.43 -7.02
CA SER B 56 -22.06 28.53 -7.31
C SER B 56 -21.83 29.21 -8.66
N ALA B 57 -20.70 29.91 -8.76
CA ALA B 57 -20.32 30.63 -9.97
C ALA B 57 -19.15 29.98 -10.70
N ASN B 58 -18.61 28.88 -10.18
CA ASN B 58 -17.48 28.18 -10.82
C ASN B 58 -18.01 27.39 -12.00
N TRP B 59 -18.28 28.12 -13.08
CA TRP B 59 -18.89 27.50 -14.25
C TRP B 59 -17.89 26.65 -15.01
N ASN B 60 -18.31 25.44 -15.36
CA ASN B 60 -17.65 24.61 -16.37
C ASN B 60 -18.53 24.67 -17.61
N TRP B 61 -18.04 25.30 -18.67
CA TRP B 61 -18.83 25.51 -19.87
C TRP B 61 -18.83 24.24 -20.72
N ILE B 62 -20.03 23.71 -20.96
CA ILE B 62 -20.20 22.53 -21.81
C ILE B 62 -20.53 23.01 -23.21
N VAL B 63 -19.83 22.48 -24.21
CA VAL B 63 -20.10 22.87 -25.59
C VAL B 63 -21.18 21.97 -26.17
N ASP B 64 -21.97 22.54 -27.07
CA ASP B 64 -22.97 21.80 -27.82
C ASP B 64 -22.28 20.79 -28.73
N PRO B 65 -22.56 19.49 -28.61
CA PRO B 65 -21.84 18.50 -29.42
C PRO B 65 -22.06 18.66 -30.92
N LEU B 66 -23.08 19.41 -31.33
CA LEU B 66 -23.37 19.56 -32.75
C LEU B 66 -22.75 20.80 -33.37
N ASN B 67 -22.33 21.80 -32.58
CA ASN B 67 -21.82 23.01 -33.22
C ASN B 67 -20.72 23.72 -32.43
N GLY B 68 -20.50 23.34 -31.17
CA GLY B 68 -19.43 23.92 -30.39
C GLY B 68 -19.83 25.09 -29.51
N ASP B 69 -21.10 25.50 -29.54
CA ASP B 69 -21.59 26.58 -28.69
C ASP B 69 -21.42 26.23 -27.22
N LYS B 70 -20.93 27.19 -26.44
CA LYS B 70 -21.00 27.08 -24.99
C LYS B 70 -22.45 27.29 -24.56
N PHE B 71 -23.24 26.22 -24.49
CA PHE B 71 -24.67 26.33 -24.27
C PHE B 71 -25.13 25.90 -22.88
N ILE B 72 -24.23 25.40 -22.04
CA ILE B 72 -24.57 24.99 -20.68
C ILE B 72 -23.42 25.34 -19.76
N LYS B 73 -23.69 26.13 -18.72
CA LYS B 73 -22.75 26.35 -17.63
C LYS B 73 -23.14 25.44 -16.46
N VAL B 74 -22.20 24.61 -16.04
CA VAL B 74 -22.39 23.67 -14.95
C VAL B 74 -21.59 24.15 -13.75
N ALA B 75 -22.29 24.47 -12.66
CA ALA B 75 -21.63 24.91 -11.45
C ALA B 75 -20.89 23.76 -10.79
N GLU B 76 -19.59 23.64 -11.06
CA GLU B 76 -18.82 22.50 -10.57
C GLU B 76 -18.21 22.82 -9.21
N VAL B 77 -18.40 21.90 -8.27
CA VAL B 77 -17.86 22.04 -6.92
C VAL B 77 -16.34 21.98 -6.97
N GLN B 78 -15.70 22.87 -6.21
CA GLN B 78 -14.24 22.95 -6.20
C GLN B 78 -13.67 22.19 -5.00
N GLY B 79 -12.38 22.38 -4.74
CA GLY B 79 -11.69 21.54 -3.77
C GLY B 79 -12.21 21.72 -2.36
N THR B 80 -12.37 22.98 -1.93
CA THR B 80 -12.80 23.25 -0.56
C THR B 80 -14.31 23.09 -0.39
N GLU B 81 -15.07 23.21 -1.46
CA GLU B 81 -16.54 23.21 -1.41
C GLU B 81 -17.14 21.82 -1.19
N ILE B 82 -16.37 20.75 -0.98
CA ILE B 82 -16.97 19.44 -0.73
C ILE B 82 -17.33 19.21 0.72
N LYS B 83 -16.94 20.12 1.62
CA LYS B 83 -17.25 19.94 3.04
C LYS B 83 -18.74 19.83 3.28
N SER B 84 -19.54 20.62 2.54
CA SER B 84 -20.99 20.55 2.67
C SER B 84 -21.51 19.16 2.33
N PHE B 85 -20.91 18.52 1.32
CA PHE B 85 -21.35 17.19 0.94
C PHE B 85 -20.91 16.16 1.97
N MET B 86 -19.69 16.27 2.48
CA MET B 86 -19.24 15.41 3.58
C MET B 86 -20.22 15.48 4.75
N GLU B 87 -20.56 16.70 5.18
CA GLU B 87 -21.45 16.88 6.32
C GLU B 87 -22.81 16.26 6.07
N SER B 88 -23.35 16.45 4.86
CA SER B 88 -24.67 15.92 4.54
C SER B 88 -24.69 14.40 4.60
N LEU B 89 -23.65 13.75 4.06
CA LEU B 89 -23.59 12.30 4.12
C LEU B 89 -23.42 11.81 5.55
N SER B 90 -22.67 12.56 6.36
CA SER B 90 -22.45 12.14 7.75
C SER B 90 -23.72 12.21 8.58
N LYS B 91 -24.74 12.92 8.09
CA LYS B 91 -26.02 12.96 8.79
C LYS B 91 -26.78 11.64 8.71
N CYS B 92 -26.36 10.72 7.82
CA CYS B 92 -26.99 9.42 7.71
C CYS B 92 -26.19 8.39 8.48
N PRO B 93 -26.79 7.71 9.45
CA PRO B 93 -26.07 6.65 10.18
C PRO B 93 -25.94 5.40 9.32
N LYS B 94 -25.11 4.47 9.82
CA LYS B 94 -24.92 3.21 9.11
C LYS B 94 -26.15 2.34 9.14
N HIS B 95 -27.10 2.58 10.05
CA HIS B 95 -28.39 1.90 10.02
C HIS B 95 -29.43 2.63 9.17
N GLY B 96 -29.00 3.60 8.37
CA GLY B 96 -29.79 4.12 7.27
C GLY B 96 -30.76 5.23 7.65
N LEU B 97 -31.36 5.82 6.61
CA LEU B 97 -32.51 6.69 6.83
C LEU B 97 -33.73 5.88 7.24
N HIS B 98 -33.77 4.60 6.84
CA HIS B 98 -34.75 3.65 7.31
C HIS B 98 -34.17 2.26 7.09
N ASN B 99 -34.78 1.27 7.74
CA ASN B 99 -34.42 -0.13 7.54
C ASN B 99 -35.67 -0.95 7.87
N PRO B 100 -35.65 -2.28 7.72
CA PRO B 100 -36.89 -3.04 7.95
C PRO B 100 -37.48 -2.88 9.34
N LEU B 101 -36.74 -2.35 10.30
CA LEU B 101 -37.24 -2.18 11.67
C LEU B 101 -37.31 -0.72 12.10
N LYS B 102 -36.84 0.22 11.28
CA LYS B 102 -36.79 1.62 11.66
C LYS B 102 -37.41 2.48 10.56
N ALA B 103 -38.33 3.36 10.95
CA ALA B 103 -39.09 4.25 10.07
C ALA B 103 -39.62 3.54 8.83
N PRO B 104 -40.34 2.42 8.98
CA PRO B 104 -40.78 1.69 7.79
C PRO B 104 -41.79 2.46 6.95
N GLU B 105 -42.41 3.50 7.50
CA GLU B 105 -43.32 4.31 6.69
C GLU B 105 -42.59 4.95 5.51
N ARG B 106 -41.26 5.05 5.58
CA ARG B 106 -40.50 5.60 4.47
C ARG B 106 -40.49 4.68 3.26
N TYR B 107 -40.66 3.37 3.46
CA TYR B 107 -40.85 2.47 2.34
C TYR B 107 -42.14 2.81 1.60
N LEU B 108 -43.21 3.07 2.34
CA LEU B 108 -44.48 3.45 1.73
C LEU B 108 -44.37 4.81 1.05
N MET B 109 -43.63 5.73 1.66
CA MET B 109 -43.44 7.05 1.06
C MET B 109 -42.81 6.93 -0.32
N TYR B 110 -41.80 6.07 -0.44
CA TYR B 110 -41.11 5.99 -1.72
C TYR B 110 -41.94 5.24 -2.76
N GLY B 111 -42.87 4.39 -2.33
CA GLY B 111 -43.86 3.89 -3.26
C GLY B 111 -44.72 5.01 -3.82
N ASP B 112 -45.09 5.97 -2.97
CA ASP B 112 -45.93 7.08 -3.41
C ASP B 112 -45.14 8.02 -4.32
N ILE B 113 -43.92 8.37 -3.93
CA ILE B 113 -43.06 9.18 -4.79
C ILE B 113 -42.90 8.51 -6.15
N SER B 114 -42.71 7.19 -6.15
CA SER B 114 -42.52 6.48 -7.40
C SER B 114 -43.77 6.53 -8.28
N ALA B 115 -44.95 6.38 -7.67
CA ALA B 115 -46.19 6.46 -8.44
C ALA B 115 -46.38 7.85 -9.02
N LYS B 116 -46.12 8.88 -8.23
CA LYS B 116 -46.26 10.24 -8.73
C LYS B 116 -45.25 10.53 -9.84
N ALA B 117 -44.00 10.10 -9.67
CA ALA B 117 -42.99 10.32 -10.70
C ALA B 117 -43.26 9.51 -11.95
N ALA B 118 -43.75 8.28 -11.77
CA ALA B 118 -44.10 7.44 -12.92
C ALA B 118 -45.22 8.08 -13.74
N HIS B 119 -46.20 8.67 -13.06
CA HIS B 119 -47.29 9.32 -13.80
C HIS B 119 -46.81 10.59 -14.48
N MET B 120 -45.90 11.32 -13.85
CA MET B 120 -45.37 12.54 -14.46
C MET B 120 -44.52 12.20 -15.68
N LEU B 121 -43.63 11.22 -15.55
CA LEU B 121 -42.80 10.82 -16.68
C LEU B 121 -43.65 10.28 -17.83
N GLY B 122 -44.79 9.66 -17.52
CA GLY B 122 -45.63 9.08 -18.55
C GLY B 122 -46.41 10.09 -19.38
N GLN B 123 -46.38 11.36 -18.99
CA GLN B 123 -47.12 12.38 -19.71
C GLN B 123 -46.40 12.73 -21.00
N PRO B 124 -47.12 12.74 -22.14
CA PRO B 124 -46.46 12.97 -23.45
C PRO B 124 -45.53 14.19 -23.48
N THR B 125 -45.98 15.32 -22.92
CA THR B 125 -45.12 16.50 -22.94
C THR B 125 -43.88 16.30 -22.08
N VAL B 126 -43.97 15.50 -21.01
CA VAL B 126 -42.81 15.25 -20.17
C VAL B 126 -41.89 14.22 -20.80
N LEU B 127 -42.46 13.17 -21.41
CA LEU B 127 -41.64 12.24 -22.20
C LEU B 127 -40.84 12.99 -23.26
N ASP B 128 -41.51 13.88 -23.99
CA ASP B 128 -40.85 14.63 -25.05
C ASP B 128 -39.77 15.55 -24.49
N PHE B 129 -40.08 16.23 -23.39
CA PHE B 129 -39.11 17.16 -22.78
C PHE B 129 -37.81 16.45 -22.43
N PHE B 130 -37.90 15.26 -21.82
CA PHE B 130 -36.69 14.56 -21.42
C PHE B 130 -35.99 13.93 -22.62
N ALA B 131 -36.75 13.42 -23.60
CA ALA B 131 -36.14 12.89 -24.80
C ALA B 131 -35.33 13.94 -25.53
N LYS B 132 -35.90 15.12 -25.74
CA LYS B 132 -35.20 16.18 -26.46
C LYS B 132 -34.03 16.72 -25.66
N LEU B 133 -34.16 16.81 -24.33
CA LEU B 133 -33.06 17.28 -23.51
C LEU B 133 -31.89 16.30 -23.54
N ILE B 134 -32.18 14.99 -23.45
CA ILE B 134 -31.13 13.98 -23.59
C ILE B 134 -30.43 14.12 -24.93
N GLN B 135 -31.22 14.33 -26.00
CA GLN B 135 -30.65 14.49 -27.33
C GLN B 135 -29.61 15.61 -27.37
N ARG B 136 -29.91 16.73 -26.71
CA ARG B 136 -29.03 17.90 -26.81
C ARG B 136 -27.67 17.65 -26.17
N VAL B 137 -27.61 16.82 -25.13
CA VAL B 137 -26.37 16.63 -24.39
C VAL B 137 -25.69 15.30 -24.69
N SER B 138 -26.46 14.24 -24.96
CA SER B 138 -25.94 12.93 -25.36
C SER B 138 -26.56 12.60 -26.71
N PRO B 139 -25.99 13.14 -27.79
CA PRO B 139 -26.66 13.06 -29.11
C PRO B 139 -26.96 11.63 -29.53
N LYS B 140 -28.24 11.39 -29.79
CA LYS B 140 -28.76 10.10 -30.22
C LYS B 140 -30.13 10.38 -30.82
N SER B 141 -30.69 9.39 -31.50
CA SER B 141 -31.97 9.60 -32.16
C SER B 141 -33.07 9.85 -31.13
N TYR B 142 -34.14 10.50 -31.59
CA TYR B 142 -35.28 10.78 -30.71
C TYR B 142 -35.83 9.51 -30.09
N GLN B 143 -35.94 8.44 -30.90
CA GLN B 143 -36.49 7.19 -30.40
C GLN B 143 -35.58 6.58 -29.34
N GLN B 144 -34.26 6.60 -29.57
CA GLN B 144 -33.34 6.13 -28.54
C GLN B 144 -33.46 6.96 -27.27
N ALA B 145 -33.51 8.29 -27.41
CA ALA B 145 -33.73 9.14 -26.25
C ALA B 145 -35.05 8.83 -25.57
N LEU B 146 -36.11 8.63 -26.36
CA LEU B 146 -37.42 8.31 -25.80
C LEU B 146 -37.40 6.97 -25.08
N ALA B 147 -36.71 5.98 -25.65
CA ALA B 147 -36.60 4.68 -24.99
C ALA B 147 -35.98 4.81 -23.61
N GLU B 148 -35.06 5.75 -23.43
CA GLU B 148 -34.46 5.96 -22.12
C GLU B 148 -35.48 6.46 -21.12
N VAL B 149 -36.35 7.38 -21.54
CA VAL B 149 -37.41 7.85 -20.66
C VAL B 149 -38.42 6.76 -20.38
N GLN B 150 -38.68 5.89 -21.36
CA GLN B 150 -39.69 4.85 -21.21
C GLN B 150 -39.24 3.79 -20.22
N VAL B 151 -37.98 3.34 -20.33
CA VAL B 151 -37.43 2.43 -19.33
C VAL B 151 -37.50 3.05 -17.95
N SER B 152 -37.16 4.34 -17.84
CA SER B 152 -37.23 5.02 -16.56
C SER B 152 -38.66 5.09 -16.04
N GLN B 153 -39.61 5.42 -16.91
CA GLN B 153 -41.00 5.49 -16.50
C GLN B 153 -41.51 4.12 -16.04
N LYS B 154 -41.19 3.08 -16.80
CA LYS B 154 -41.67 1.74 -16.48
C LYS B 154 -41.03 1.22 -15.21
N PHE B 155 -39.74 1.56 -14.98
CA PHE B 155 -39.08 1.16 -13.74
C PHE B 155 -39.78 1.75 -12.53
N LEU B 156 -40.11 3.05 -12.60
CA LEU B 156 -40.83 3.68 -11.50
C LEU B 156 -42.17 3.00 -11.27
N GLU B 157 -42.83 2.57 -12.36
CA GLU B 157 -44.09 1.86 -12.21
C GLU B 157 -43.94 0.56 -11.44
N ASN B 158 -42.74 -0.05 -11.49
CA ASN B 158 -42.52 -1.31 -10.78
C ASN B 158 -42.41 -1.14 -9.28
N PHE B 159 -42.34 0.09 -8.78
CA PHE B 159 -42.09 0.28 -7.36
C PHE B 159 -43.07 1.27 -6.75
N CYS B 160 -44.30 1.25 -7.24
CA CYS B 160 -45.42 1.93 -6.63
C CYS B 160 -45.98 1.09 -5.49
N GLY B 161 -46.85 1.72 -4.70
CA GLY B 161 -47.57 1.00 -3.65
C GLY B 161 -46.64 0.39 -2.61
N ASP B 162 -46.78 -0.93 -2.42
CA ASP B 162 -46.01 -1.66 -1.43
C ASP B 162 -44.73 -2.26 -2.00
N GLN B 163 -44.40 -1.97 -3.25
CA GLN B 163 -43.31 -2.70 -3.91
C GLN B 163 -41.94 -2.27 -3.38
N VAL B 164 -41.82 -1.04 -2.88
CA VAL B 164 -40.61 -0.68 -2.15
C VAL B 164 -40.58 -1.38 -0.81
N ARG B 165 -41.72 -1.40 -0.12
CA ARG B 165 -41.88 -2.20 1.09
C ARG B 165 -41.47 -3.65 0.85
N PHE B 166 -41.90 -4.22 -0.29
CA PHE B 166 -41.59 -5.61 -0.59
C PHE B 166 -40.10 -5.84 -0.87
N LEU B 167 -39.37 -4.79 -1.26
CA LEU B 167 -37.92 -4.93 -1.39
C LEU B 167 -37.27 -5.28 -0.06
N ALA B 168 -37.84 -4.79 1.05
CA ALA B 168 -37.35 -5.07 2.39
C ALA B 168 -37.94 -6.34 2.98
N ARG B 169 -38.44 -7.24 2.13
CA ARG B 169 -38.89 -8.55 2.59
C ARG B 169 -37.75 -9.27 3.28
N SER B 170 -38.06 -9.96 4.38
CA SER B 170 -37.10 -10.76 5.09
C SER B 170 -37.53 -12.22 5.09
N PHE B 171 -36.62 -13.09 5.51
CA PHE B 171 -36.94 -14.49 5.71
C PHE B 171 -36.56 -14.89 7.13
N ALA B 172 -37.14 -15.99 7.60
CA ALA B 172 -36.88 -16.47 8.95
C ALA B 172 -36.93 -17.99 8.96
N VAL B 173 -36.22 -18.57 9.93
CA VAL B 173 -36.08 -20.01 10.07
C VAL B 173 -36.25 -20.36 11.54
N PRO B 174 -36.98 -21.42 11.88
CA PRO B 174 -37.12 -21.79 13.30
C PRO B 174 -35.76 -22.18 13.89
N GLY B 175 -35.58 -21.85 15.17
CA GLY B 175 -34.36 -22.18 15.88
C GLY B 175 -34.39 -23.60 16.41
N ASN B 176 -33.45 -23.88 17.32
CA ASN B 176 -33.28 -25.22 17.88
C ASN B 176 -34.23 -25.51 19.03
N HIS B 177 -34.92 -24.51 19.56
CA HIS B 177 -35.78 -24.70 20.72
C HIS B 177 -36.80 -23.58 20.76
N LEU B 178 -37.81 -23.77 21.60
CA LEU B 178 -38.87 -22.79 21.79
C LEU B 178 -38.29 -21.42 22.10
N GLY B 179 -38.79 -20.41 21.40
CA GLY B 179 -38.34 -19.04 21.61
C GLY B 179 -37.17 -18.62 20.76
N GLN B 180 -36.61 -19.52 19.96
CA GLN B 180 -35.50 -19.19 19.09
C GLN B 180 -35.94 -19.24 17.64
N ARG B 181 -35.62 -18.18 16.90
CA ARG B 181 -35.89 -18.10 15.47
C ARG B 181 -34.90 -17.11 14.87
N SER B 182 -34.33 -17.45 13.72
CA SER B 182 -33.34 -16.62 13.07
C SER B 182 -33.96 -15.90 11.87
N ASN B 183 -33.51 -14.66 11.63
CA ASN B 183 -34.12 -13.78 10.63
C ASN B 183 -33.04 -13.21 9.72
N GLY B 184 -33.30 -13.19 8.42
CA GLY B 184 -32.40 -12.58 7.46
C GLY B 184 -32.97 -11.33 6.84
N TYR B 185 -32.34 -10.18 7.07
CA TYR B 185 -32.85 -8.89 6.62
C TYR B 185 -31.95 -8.29 5.55
N ARG B 186 -32.52 -7.35 4.81
CA ARG B 186 -31.75 -6.53 3.87
C ARG B 186 -31.52 -5.18 4.55
N TRP B 187 -30.29 -4.96 5.02
CA TRP B 187 -29.95 -3.75 5.74
C TRP B 187 -29.32 -2.72 4.80
N PRO B 188 -29.59 -1.43 4.99
CA PRO B 188 -28.94 -0.42 4.16
C PRO B 188 -27.47 -0.30 4.51
N TYR B 189 -26.75 0.45 3.67
CA TYR B 189 -25.40 0.85 4.02
C TYR B 189 -25.33 2.23 4.66
N GLY B 190 -26.34 3.07 4.45
CA GLY B 190 -26.32 4.41 4.96
C GLY B 190 -25.83 5.40 3.93
N PRO B 191 -24.72 6.09 4.24
CA PRO B 191 -24.17 7.09 3.30
C PRO B 191 -23.48 6.40 2.13
N VAL B 192 -23.92 6.73 0.91
CA VAL B 192 -23.45 6.09 -0.30
C VAL B 192 -23.25 7.12 -1.40
N ALA B 193 -22.57 6.70 -2.47
CA ALA B 193 -22.26 7.55 -3.61
C ALA B 193 -22.62 6.85 -4.90
N ILE B 194 -22.99 7.64 -5.91
CA ILE B 194 -23.37 7.15 -7.23
C ILE B 194 -22.71 8.03 -8.28
N ILE B 195 -21.96 7.42 -9.20
CA ILE B 195 -21.25 8.12 -10.27
C ILE B 195 -21.60 7.46 -11.59
N THR B 196 -22.10 8.25 -12.54
CA THR B 196 -22.64 7.74 -13.79
C THR B 196 -22.07 8.49 -14.99
N PRO B 197 -22.08 7.87 -16.18
CA PRO B 197 -21.39 8.47 -17.34
C PRO B 197 -22.28 9.33 -18.23
N PHE B 198 -21.74 9.71 -19.39
CA PHE B 198 -22.42 10.68 -20.25
C PHE B 198 -23.54 10.05 -21.06
N ASN B 199 -23.42 8.75 -21.39
CA ASN B 199 -24.17 8.21 -22.51
C ASN B 199 -25.64 7.98 -22.20
N PHE B 200 -25.98 7.66 -20.94
CA PHE B 200 -27.38 7.54 -20.53
C PHE B 200 -27.64 8.53 -19.41
N PRO B 201 -28.03 9.78 -19.76
CA PRO B 201 -28.12 10.83 -18.74
C PRO B 201 -29.27 10.65 -17.76
N LEU B 202 -30.26 9.81 -18.07
CA LEU B 202 -31.42 9.62 -17.20
C LEU B 202 -31.50 8.21 -16.64
N GLU B 203 -31.44 7.19 -17.50
CA GLU B 203 -31.79 5.83 -17.10
C GLU B 203 -30.86 5.30 -16.00
N ILE B 204 -29.55 5.43 -16.20
CA ILE B 204 -28.59 4.88 -15.24
C ILE B 204 -28.66 5.62 -13.91
N PRO B 205 -28.50 6.95 -13.87
CA PRO B 205 -28.53 7.62 -12.56
C PRO B 205 -29.86 7.51 -11.83
N LEU B 206 -31.01 7.62 -12.54
CA LEU B 206 -32.29 7.53 -11.87
C LEU B 206 -32.49 6.15 -11.23
N LEU B 207 -32.20 5.09 -11.99
CA LEU B 207 -32.47 3.74 -11.49
C LEU B 207 -31.58 3.39 -10.32
N GLN B 208 -30.33 3.87 -10.31
CA GLN B 208 -29.49 3.62 -9.15
C GLN B 208 -29.82 4.55 -8.01
N LEU B 209 -30.21 5.79 -8.31
CA LEU B 209 -30.62 6.72 -7.26
C LEU B 209 -31.80 6.17 -6.47
N MET B 210 -32.87 5.80 -7.17
CA MET B 210 -34.06 5.28 -6.49
C MET B 210 -33.74 3.98 -5.75
N GLY B 211 -32.93 3.11 -6.35
CA GLY B 211 -32.54 1.89 -5.66
C GLY B 211 -31.83 2.14 -4.35
N ALA B 212 -30.92 3.13 -4.34
CA ALA B 212 -30.24 3.49 -3.10
C ALA B 212 -31.23 4.00 -2.06
N LEU B 213 -32.12 4.90 -2.47
CA LEU B 213 -33.09 5.45 -1.53
C LEU B 213 -34.07 4.38 -1.05
N TYR B 214 -34.46 3.48 -1.95
CA TYR B 214 -35.44 2.45 -1.59
C TYR B 214 -34.97 1.62 -0.41
N MET B 215 -33.71 1.20 -0.42
CA MET B 215 -33.21 0.30 0.60
C MET B 215 -32.84 1.00 1.90
N GLY B 216 -32.94 2.33 1.96
CA GLY B 216 -32.69 3.05 3.18
C GLY B 216 -31.41 3.86 3.21
N ASN B 217 -30.75 4.06 2.07
CA ASN B 217 -29.48 4.77 2.04
C ASN B 217 -29.71 6.26 1.81
N LYS B 218 -28.66 7.04 2.04
CA LYS B 218 -28.63 8.45 1.64
C LYS B 218 -27.55 8.64 0.60
N PRO B 219 -27.92 8.88 -0.66
CA PRO B 219 -26.90 8.96 -1.71
C PRO B 219 -26.51 10.37 -2.07
N VAL B 220 -25.25 10.56 -2.45
CA VAL B 220 -24.83 11.73 -3.22
C VAL B 220 -24.64 11.25 -4.65
N LEU B 221 -25.22 11.97 -5.60
CA LEU B 221 -25.24 11.55 -6.99
C LEU B 221 -24.40 12.49 -7.85
N LYS B 222 -23.49 11.91 -8.63
CA LYS B 222 -22.67 12.66 -9.58
C LYS B 222 -22.89 12.09 -10.97
N VAL B 223 -23.40 12.92 -11.88
CA VAL B 223 -23.52 12.59 -13.28
C VAL B 223 -22.48 13.41 -14.04
N ASP B 224 -21.89 12.80 -15.07
CA ASP B 224 -20.95 13.49 -15.94
C ASP B 224 -21.48 14.87 -16.31
N SER B 225 -20.61 15.88 -16.17
CA SER B 225 -21.07 17.26 -16.28
C SER B 225 -21.59 17.59 -17.67
N LYS B 226 -21.14 16.86 -18.70
CA LYS B 226 -21.62 17.11 -20.05
C LYS B 226 -23.12 16.93 -20.16
N VAL B 227 -23.70 16.05 -19.33
CA VAL B 227 -25.09 15.63 -19.46
C VAL B 227 -25.88 15.76 -18.17
N SER B 228 -25.29 16.29 -17.09
CA SER B 228 -25.96 16.28 -15.79
C SER B 228 -27.21 17.15 -15.76
N ILE B 229 -27.48 17.94 -16.79
CA ILE B 229 -28.67 18.79 -16.81
C ILE B 229 -29.93 17.93 -16.79
N VAL B 230 -29.86 16.71 -17.33
CA VAL B 230 -31.04 15.85 -17.39
C VAL B 230 -31.45 15.41 -15.98
N MET B 231 -30.48 14.89 -15.21
CA MET B 231 -30.80 14.51 -13.84
C MET B 231 -31.17 15.72 -12.99
N GLU B 232 -30.57 16.88 -13.26
CA GLU B 232 -30.98 18.09 -12.53
C GLU B 232 -32.47 18.32 -12.68
N GLN B 233 -32.98 18.23 -13.92
CA GLN B 233 -34.41 18.39 -14.14
C GLN B 233 -35.20 17.26 -13.52
N MET B 234 -34.68 16.03 -13.62
CA MET B 234 -35.40 14.89 -13.04
C MET B 234 -35.45 14.98 -11.52
N ILE B 235 -34.42 15.55 -10.91
CA ILE B 235 -34.43 15.72 -9.45
C ILE B 235 -35.50 16.72 -9.06
N ARG B 236 -35.61 17.82 -9.82
CA ARG B 236 -36.69 18.78 -9.59
C ARG B 236 -38.05 18.11 -9.72
N LEU B 237 -38.22 17.26 -10.73
CA LEU B 237 -39.46 16.49 -10.85
C LEU B 237 -39.67 15.60 -9.64
N LEU B 238 -38.60 14.92 -9.20
CA LEU B 238 -38.71 14.05 -8.04
C LEU B 238 -39.08 14.84 -6.78
N HIS B 239 -38.52 16.05 -6.63
CA HIS B 239 -38.88 16.88 -5.50
C HIS B 239 -40.35 17.28 -5.53
N ASP B 240 -40.88 17.57 -6.73
CA ASP B 240 -42.30 17.90 -6.82
C ASP B 240 -43.18 16.70 -6.50
N CYS B 241 -42.66 15.49 -6.68
CA CYS B 241 -43.40 14.27 -6.39
C CYS B 241 -43.23 13.79 -4.96
N GLY B 242 -42.43 14.49 -4.14
CA GLY B 242 -42.36 14.22 -2.72
C GLY B 242 -41.02 13.74 -2.22
N LEU B 243 -40.00 13.67 -3.07
CA LEU B 243 -38.67 13.30 -2.62
C LEU B 243 -38.18 14.31 -1.59
N PRO B 244 -37.93 13.88 -0.34
CA PRO B 244 -37.56 14.85 0.70
C PRO B 244 -36.24 15.53 0.37
N ALA B 245 -36.16 16.82 0.74
CA ALA B 245 -34.98 17.61 0.40
C ALA B 245 -33.72 17.05 1.03
N GLU B 246 -33.83 16.40 2.18
CA GLU B 246 -32.66 15.95 2.93
C GLU B 246 -32.24 14.53 2.59
N ASP B 247 -32.90 13.88 1.63
CA ASP B 247 -32.67 12.47 1.37
C ASP B 247 -31.53 12.20 0.39
N MET B 248 -31.20 13.14 -0.49
CA MET B 248 -30.12 12.92 -1.44
C MET B 248 -29.42 14.24 -1.75
N ASP B 249 -28.15 14.14 -2.14
CA ASP B 249 -27.39 15.26 -2.66
C ASP B 249 -27.07 15.03 -4.13
N PHE B 250 -26.71 16.12 -4.81
CA PHE B 250 -26.44 16.09 -6.24
C PHE B 250 -25.23 16.99 -6.48
N ILE B 251 -24.12 16.40 -6.92
CA ILE B 251 -22.86 17.12 -7.04
C ILE B 251 -22.40 17.10 -8.50
N ASN B 252 -21.96 18.26 -8.98
CA ASN B 252 -21.27 18.37 -10.25
C ASN B 252 -19.81 18.74 -9.97
N SER B 253 -18.89 18.00 -10.57
CA SER B 253 -17.47 18.21 -10.35
C SER B 253 -16.70 17.45 -11.42
N ASP B 254 -15.42 17.80 -11.56
CA ASP B 254 -14.55 16.93 -12.34
C ASP B 254 -14.23 15.68 -11.53
N GLY B 255 -13.59 14.72 -12.20
CA GLY B 255 -13.35 13.43 -11.56
C GLY B 255 -12.44 13.54 -10.35
N ALA B 256 -11.46 14.46 -10.41
CA ALA B 256 -10.51 14.57 -9.31
C ALA B 256 -11.18 15.05 -8.03
N VAL B 257 -12.13 15.98 -8.16
CA VAL B 257 -12.83 16.48 -6.97
C VAL B 257 -13.72 15.40 -6.39
N MET B 258 -14.39 14.61 -7.24
CA MET B 258 -15.24 13.53 -6.76
C MET B 258 -14.40 12.46 -6.07
N ASN B 259 -13.19 12.20 -6.59
CA ASN B 259 -12.30 11.24 -5.95
C ASN B 259 -11.92 11.70 -4.55
N LYS B 260 -11.66 13.00 -4.38
CA LYS B 260 -11.34 13.53 -3.06
C LYS B 260 -12.51 13.36 -2.10
N LEU B 261 -13.73 13.62 -2.58
CA LEU B 261 -14.91 13.48 -1.72
C LEU B 261 -15.09 12.05 -1.27
N LEU B 262 -14.86 11.09 -2.17
CA LEU B 262 -14.99 9.68 -1.80
C LEU B 262 -14.01 9.30 -0.70
N LEU B 263 -12.77 9.81 -0.78
CA LEU B 263 -11.77 9.47 0.21
C LEU B 263 -11.98 10.25 1.51
N GLU B 264 -12.64 11.40 1.44
CA GLU B 264 -12.86 12.21 2.63
C GLU B 264 -14.14 11.85 3.37
N ALA B 265 -15.20 11.47 2.63
CA ALA B 265 -16.48 11.15 3.24
C ALA B 265 -16.61 9.69 3.64
N ASN B 266 -15.79 8.82 3.06
CA ASN B 266 -15.83 7.38 3.32
C ASN B 266 -17.24 6.80 3.21
N PRO B 267 -17.87 6.91 2.03
CA PRO B 267 -19.19 6.29 1.87
C PRO B 267 -19.07 4.78 2.04
N LYS B 268 -20.12 4.19 2.63
CA LYS B 268 -20.11 2.75 2.89
C LYS B 268 -20.33 1.94 1.61
N MET B 269 -20.87 2.56 0.56
CA MET B 269 -20.99 1.92 -0.73
C MET B 269 -20.91 2.99 -1.81
N THR B 270 -20.34 2.62 -2.94
CA THR B 270 -20.24 3.51 -4.08
C THR B 270 -20.56 2.73 -5.34
N LEU B 271 -21.59 3.17 -6.06
CA LEU B 271 -21.95 2.61 -7.36
C LEU B 271 -21.27 3.45 -8.42
N PHE B 272 -20.37 2.83 -9.20
CA PHE B 272 -19.70 3.53 -10.27
C PHE B 272 -20.03 2.89 -11.63
N THR B 273 -20.45 3.73 -12.58
CA THR B 273 -20.68 3.31 -13.95
C THR B 273 -19.86 4.19 -14.87
N GLY B 274 -18.97 3.57 -15.64
CA GLY B 274 -18.14 4.28 -16.58
C GLY B 274 -17.01 3.44 -17.14
N SER B 275 -15.84 4.07 -17.32
CA SER B 275 -14.70 3.40 -17.93
C SER B 275 -14.08 2.38 -16.97
N SER B 276 -13.46 1.35 -17.55
CA SER B 276 -12.77 0.35 -16.74
C SER B 276 -11.61 0.99 -15.98
N ARG B 277 -10.93 1.97 -16.59
CA ARG B 277 -9.76 2.58 -15.97
C ARG B 277 -10.13 3.28 -14.68
N VAL B 278 -11.18 4.10 -14.70
CA VAL B 278 -11.63 4.78 -13.48
C VAL B 278 -12.22 3.76 -12.49
N ALA B 279 -12.90 2.73 -13.01
CA ALA B 279 -13.52 1.74 -12.14
C ALA B 279 -12.47 1.04 -11.28
N GLU B 280 -11.41 0.54 -11.91
CA GLU B 280 -10.36 -0.14 -11.15
C GLU B 280 -9.63 0.82 -10.22
N LYS B 281 -9.52 2.09 -10.58
CA LYS B 281 -8.86 3.06 -9.71
C LYS B 281 -9.68 3.30 -8.45
N LEU B 282 -11.01 3.48 -8.61
CA LEU B 282 -11.87 3.69 -7.45
C LEU B 282 -11.96 2.43 -6.59
N ALA B 283 -12.02 1.26 -7.23
CA ALA B 283 -12.06 0.01 -6.47
C ALA B 283 -10.83 -0.15 -5.59
N ALA B 284 -9.66 0.24 -6.11
CA ALA B 284 -8.45 0.21 -5.30
C ALA B 284 -8.48 1.29 -4.23
N ASP B 285 -8.80 2.53 -4.61
CA ASP B 285 -8.88 3.63 -3.66
C ASP B 285 -9.85 3.32 -2.54
N LEU B 286 -11.05 2.88 -2.88
CA LEU B 286 -12.09 2.57 -1.90
C LEU B 286 -11.96 1.16 -1.33
N LYS B 287 -10.84 0.49 -1.60
CA LYS B 287 -10.55 -0.85 -1.08
C LYS B 287 -11.71 -1.80 -1.29
N GLY B 288 -12.35 -1.69 -2.46
CA GLY B 288 -13.39 -2.60 -2.86
C GLY B 288 -14.77 -2.34 -2.31
N ARG B 289 -14.98 -1.26 -1.56
CA ARG B 289 -16.31 -0.86 -1.13
C ARG B 289 -17.07 -0.20 -2.28
N VAL B 290 -17.20 -0.95 -3.38
CA VAL B 290 -17.79 -0.45 -4.62
C VAL B 290 -18.63 -1.54 -5.27
N LYS B 291 -19.56 -1.10 -6.14
CA LYS B 291 -20.20 -1.92 -7.15
C LYS B 291 -19.97 -1.24 -8.50
N LEU B 292 -19.64 -2.05 -9.50
CA LEU B 292 -19.14 -1.51 -10.75
C LEU B 292 -19.95 -1.97 -11.95
N GLU B 293 -20.30 -1.02 -12.81
CA GLU B 293 -20.70 -1.28 -14.19
C GLU B 293 -19.64 -0.60 -15.06
N ASP B 294 -18.62 -1.37 -15.45
CA ASP B 294 -17.46 -0.84 -16.15
C ASP B 294 -17.61 -0.98 -17.66
N ALA B 295 -16.51 -1.01 -18.39
CA ALA B 295 -16.57 -1.13 -19.84
C ALA B 295 -17.06 -2.52 -20.25
N GLY B 296 -17.27 -2.69 -21.54
CA GLY B 296 -17.63 -3.98 -22.10
C GLY B 296 -17.14 -4.10 -23.53
N PHE B 297 -16.49 -5.21 -23.84
CA PHE B 297 -16.22 -5.59 -25.23
C PHE B 297 -17.19 -6.72 -25.54
N ASP B 298 -18.36 -6.32 -26.03
CA ASP B 298 -19.49 -7.23 -26.19
C ASP B 298 -19.46 -7.88 -27.57
N TRP B 299 -19.73 -9.18 -27.60
CA TRP B 299 -19.62 -9.98 -28.81
C TRP B 299 -20.97 -10.55 -29.22
N LYS B 300 -21.06 -10.86 -30.51
CA LYS B 300 -22.19 -11.58 -31.09
C LYS B 300 -21.64 -12.76 -31.90
N ILE B 301 -22.13 -13.96 -31.58
CA ILE B 301 -21.79 -15.16 -32.33
C ILE B 301 -22.99 -15.54 -33.19
N LEU B 302 -22.75 -15.74 -34.49
CA LEU B 302 -23.76 -16.32 -35.36
C LEU B 302 -23.53 -17.81 -35.45
N GLY B 303 -24.59 -18.58 -35.21
CA GLY B 303 -24.52 -20.01 -35.26
C GLY B 303 -24.55 -20.53 -36.68
N PRO B 304 -24.62 -21.85 -36.84
CA PRO B 304 -24.63 -22.43 -38.19
C PRO B 304 -25.98 -22.32 -38.90
N ASP B 305 -27.08 -22.15 -38.18
CA ASP B 305 -28.40 -22.20 -38.81
C ASP B 305 -28.78 -20.82 -39.34
N VAL B 306 -28.52 -20.62 -40.64
CA VAL B 306 -28.78 -19.33 -41.27
C VAL B 306 -30.27 -19.18 -41.53
N GLN B 307 -30.86 -18.11 -41.00
CA GLN B 307 -32.27 -17.81 -41.20
C GLN B 307 -32.53 -16.38 -40.75
N GLU B 308 -33.65 -15.83 -41.22
CA GLU B 308 -34.09 -14.47 -40.89
C GLU B 308 -32.96 -13.46 -41.09
N VAL B 309 -32.34 -13.53 -42.28
CA VAL B 309 -31.17 -12.71 -42.55
C VAL B 309 -31.47 -11.23 -42.43
N ASP B 310 -32.62 -10.81 -42.97
CA ASP B 310 -33.01 -9.40 -42.89
C ASP B 310 -33.14 -8.95 -41.45
N TYR B 311 -33.83 -9.73 -40.62
CA TYR B 311 -34.01 -9.35 -39.22
C TYR B 311 -32.67 -9.33 -38.50
N VAL B 312 -31.84 -10.35 -38.73
CA VAL B 312 -30.54 -10.45 -38.07
C VAL B 312 -29.64 -9.28 -38.47
N ALA B 313 -29.70 -8.87 -39.74
CA ALA B 313 -28.93 -7.73 -40.18
C ALA B 313 -29.40 -6.44 -39.52
N TRP B 314 -30.72 -6.29 -39.37
CA TRP B 314 -31.26 -5.12 -38.69
C TRP B 314 -30.76 -5.04 -37.25
N VAL B 315 -30.82 -6.16 -36.54
CA VAL B 315 -30.38 -6.18 -35.15
C VAL B 315 -28.89 -5.89 -35.05
N CYS B 316 -28.10 -6.43 -35.99
CA CYS B 316 -26.67 -6.13 -36.03
C CYS B 316 -26.43 -4.64 -36.18
N ASP B 317 -27.15 -4.01 -37.12
CA ASP B 317 -26.96 -2.58 -37.35
C ASP B 317 -27.32 -1.74 -36.12
N GLN B 318 -28.41 -2.12 -35.43
CA GLN B 318 -28.82 -1.36 -34.25
C GLN B 318 -27.88 -1.62 -33.09
N ASP B 319 -27.50 -2.89 -32.86
CA ASP B 319 -26.56 -3.21 -31.79
C ASP B 319 -25.26 -2.44 -31.94
N ALA B 320 -24.77 -2.32 -33.17
CA ALA B 320 -23.44 -1.76 -33.38
C ALA B 320 -23.46 -0.24 -33.43
N TYR B 321 -24.50 0.37 -34.01
CA TYR B 321 -24.40 1.76 -34.41
C TYR B 321 -25.49 2.68 -33.89
N ALA B 322 -26.54 2.16 -33.26
CA ALA B 322 -27.45 3.03 -32.52
C ALA B 322 -26.67 3.82 -31.49
N CYS B 323 -26.97 5.11 -31.40
CA CYS B 323 -26.21 6.05 -30.56
C CYS B 323 -24.74 6.11 -30.97
N SER B 324 -24.47 5.82 -32.25
CA SER B 324 -23.11 5.78 -32.78
C SER B 324 -22.22 4.85 -31.95
N GLY B 325 -22.80 3.74 -31.49
CA GLY B 325 -22.10 2.76 -30.70
C GLY B 325 -21.82 3.15 -29.27
N GLN B 326 -22.32 4.30 -28.82
CA GLN B 326 -22.05 4.77 -27.46
C GLN B 326 -23.03 4.17 -26.45
N LYS B 327 -23.03 2.84 -26.41
CA LYS B 327 -23.71 2.04 -25.41
C LYS B 327 -22.69 1.09 -24.80
N CYS B 328 -22.71 0.95 -23.47
CA CYS B 328 -21.87 -0.06 -22.83
C CYS B 328 -22.25 -1.47 -23.27
N SER B 329 -23.34 -1.63 -24.00
CA SER B 329 -23.79 -2.92 -24.48
C SER B 329 -23.60 -3.10 -25.99
N ALA B 330 -22.92 -2.17 -26.63
CA ALA B 330 -22.88 -2.15 -28.09
C ALA B 330 -22.09 -3.33 -28.63
N GLN B 331 -22.44 -3.73 -29.86
CA GLN B 331 -21.79 -4.84 -30.55
C GLN B 331 -20.43 -4.38 -31.08
N SER B 332 -19.36 -4.90 -30.49
CA SER B 332 -18.00 -4.53 -30.86
C SER B 332 -17.28 -5.59 -31.68
N VAL B 333 -17.76 -6.84 -31.67
CA VAL B 333 -17.18 -7.87 -32.52
C VAL B 333 -18.29 -8.84 -32.91
N LEU B 334 -18.18 -9.37 -34.14
CA LEU B 334 -19.17 -10.29 -34.70
C LEU B 334 -18.43 -11.52 -35.21
N PHE B 335 -18.63 -12.66 -34.55
CA PHE B 335 -18.07 -13.93 -35.00
C PHE B 335 -19.06 -14.56 -35.98
N MET B 336 -18.75 -14.51 -37.27
CA MET B 336 -19.63 -15.04 -38.30
C MET B 336 -19.29 -16.51 -38.56
N HIS B 337 -20.28 -17.39 -38.40
CA HIS B 337 -20.12 -18.75 -38.88
C HIS B 337 -20.03 -18.71 -40.40
N LYS B 338 -19.14 -19.55 -40.95
CA LYS B 338 -18.89 -19.52 -42.39
C LYS B 338 -20.18 -19.64 -43.20
N ASN B 339 -21.16 -20.38 -42.65
CA ASN B 339 -22.44 -20.54 -43.34
C ASN B 339 -23.13 -19.21 -43.60
N TRP B 340 -22.84 -18.19 -42.78
CA TRP B 340 -23.47 -16.89 -42.97
C TRP B 340 -22.79 -16.05 -44.04
N SER B 341 -21.63 -16.46 -44.54
CA SER B 341 -20.87 -15.62 -45.45
C SER B 341 -21.55 -15.48 -46.81
N SER B 342 -22.38 -16.44 -47.18
CA SER B 342 -23.09 -16.39 -48.45
C SER B 342 -24.54 -15.92 -48.30
N SER B 343 -24.92 -15.50 -47.10
CA SER B 343 -26.30 -15.14 -46.80
C SER B 343 -26.67 -13.73 -47.26
N GLY B 344 -25.70 -12.91 -47.63
CA GLY B 344 -25.96 -11.52 -47.87
C GLY B 344 -25.94 -10.65 -46.63
N LEU B 345 -25.63 -11.22 -45.46
CA LEU B 345 -25.73 -10.48 -44.21
C LEU B 345 -24.86 -9.23 -44.22
N LEU B 346 -23.58 -9.38 -44.60
CA LEU B 346 -22.67 -8.24 -44.62
C LEU B 346 -23.16 -7.17 -45.59
N GLU B 347 -23.64 -7.58 -46.77
CA GLU B 347 -24.17 -6.62 -47.73
C GLU B 347 -25.32 -5.82 -47.13
N LYS B 348 -26.23 -6.49 -46.42
CA LYS B 348 -27.33 -5.77 -45.77
C LYS B 348 -26.81 -4.87 -44.65
N MET B 349 -25.84 -5.35 -43.87
CA MET B 349 -25.24 -4.50 -42.85
C MET B 349 -24.63 -3.24 -43.45
N LYS B 350 -23.96 -3.39 -44.60
CA LYS B 350 -23.38 -2.23 -45.27
C LYS B 350 -24.47 -1.24 -45.69
N LYS B 351 -25.54 -1.75 -46.33
CA LYS B 351 -26.63 -0.88 -46.75
C LYS B 351 -27.28 -0.19 -45.56
N LEU B 352 -27.52 -0.95 -44.48
CA LEU B 352 -28.17 -0.38 -43.30
C LEU B 352 -27.30 0.68 -42.64
N SER B 353 -25.98 0.46 -42.60
CA SER B 353 -25.09 1.47 -42.02
C SER B 353 -25.12 2.77 -42.81
N GLU B 354 -25.29 2.67 -44.13
CA GLU B 354 -25.19 3.84 -45.00
C GLU B 354 -26.45 4.70 -45.02
N ARG B 355 -27.57 4.23 -44.44
CA ARG B 355 -28.73 5.09 -44.28
C ARG B 355 -28.72 5.84 -42.96
N ARG B 356 -27.72 5.61 -42.11
CA ARG B 356 -27.58 6.41 -40.91
C ARG B 356 -27.04 7.79 -41.26
N LYS B 357 -27.62 8.82 -40.66
CA LYS B 357 -27.33 10.19 -41.05
C LYS B 357 -27.40 11.09 -39.82
N LEU B 358 -26.71 12.23 -39.91
CA LEU B 358 -26.63 13.15 -38.78
C LEU B 358 -27.96 13.85 -38.53
N GLU B 359 -28.82 13.95 -39.56
CA GLU B 359 -30.01 14.79 -39.47
C GLU B 359 -30.97 14.26 -38.42
N ASP B 360 -31.08 12.95 -38.28
CA ASP B 360 -31.90 12.35 -37.24
C ASP B 360 -31.06 11.69 -36.16
N LEU B 361 -29.75 11.92 -36.17
CA LEU B 361 -28.83 11.42 -35.15
C LEU B 361 -28.81 9.89 -35.10
N THR B 362 -29.08 9.24 -36.23
CA THR B 362 -28.77 7.83 -36.36
C THR B 362 -27.27 7.59 -36.54
N ILE B 363 -26.52 8.64 -36.83
CA ILE B 363 -25.08 8.71 -36.57
C ILE B 363 -24.82 10.11 -36.03
N GLY B 364 -23.83 10.24 -35.16
CA GLY B 364 -23.63 11.52 -34.52
C GLY B 364 -22.30 11.70 -33.82
N PRO B 365 -22.20 12.75 -32.99
CA PRO B 365 -20.95 13.00 -32.27
C PRO B 365 -20.59 11.84 -31.35
N VAL B 366 -19.28 11.61 -31.22
CA VAL B 366 -18.72 10.60 -30.34
C VAL B 366 -17.99 11.33 -29.22
N LEU B 367 -18.60 11.34 -28.03
CA LEU B 367 -18.19 12.29 -27.00
C LEU B 367 -16.87 11.92 -26.34
N THR B 368 -16.39 10.68 -26.46
CA THR B 368 -15.17 10.28 -25.76
C THR B 368 -14.08 9.72 -26.66
N VAL B 369 -14.28 9.67 -27.97
CA VAL B 369 -13.27 9.17 -28.91
C VAL B 369 -13.24 10.10 -30.11
N THR B 370 -12.07 10.67 -30.41
CA THR B 370 -11.97 11.59 -31.53
C THR B 370 -11.97 10.82 -32.85
N THR B 371 -12.17 11.58 -33.93
CA THR B 371 -12.10 10.99 -35.27
C THR B 371 -10.72 10.42 -35.54
N GLU B 372 -9.68 11.18 -35.19
CA GLU B 372 -8.32 10.74 -35.44
C GLU B 372 -8.01 9.46 -34.67
N ALA B 373 -8.52 9.35 -33.45
CA ALA B 373 -8.30 8.14 -32.65
C ALA B 373 -8.93 6.93 -33.32
N MET B 374 -10.16 7.10 -33.83
CA MET B 374 -10.83 5.99 -34.48
C MET B 374 -10.16 5.62 -35.80
N ILE B 375 -9.72 6.62 -36.56
CA ILE B 375 -9.00 6.35 -37.81
C ILE B 375 -7.70 5.62 -37.50
N GLU B 376 -6.99 6.06 -36.46
CA GLU B 376 -5.73 5.43 -36.08
C GLU B 376 -5.95 3.97 -35.69
N HIS B 377 -7.01 3.70 -34.90
CA HIS B 377 -7.32 2.33 -34.53
C HIS B 377 -7.62 1.47 -35.75
N MET B 378 -8.40 2.01 -36.69
CA MET B 378 -8.69 1.28 -37.93
C MET B 378 -7.42 0.96 -38.70
N ASN B 379 -6.54 1.96 -38.84
CA ASN B 379 -5.30 1.76 -39.59
C ASN B 379 -4.36 0.80 -38.86
N ASN B 380 -4.43 0.74 -37.53
CA ASN B 380 -3.63 -0.25 -36.81
C ASN B 380 -4.15 -1.65 -37.07
N LEU B 381 -5.48 -1.82 -37.11
CA LEU B 381 -6.05 -3.12 -37.43
C LEU B 381 -5.75 -3.52 -38.86
N LEU B 382 -5.63 -2.54 -39.76
CA LEU B 382 -5.40 -2.85 -41.17
C LEU B 382 -3.98 -3.29 -41.45
N LYS B 383 -3.06 -3.17 -40.49
CA LYS B 383 -1.72 -3.71 -40.67
C LYS B 383 -1.74 -5.23 -40.58
N ILE B 384 -2.73 -5.79 -39.89
CA ILE B 384 -2.83 -7.23 -39.70
C ILE B 384 -3.15 -7.90 -41.03
N ARG B 385 -2.47 -9.02 -41.29
CA ARG B 385 -2.64 -9.73 -42.56
C ARG B 385 -4.10 -10.15 -42.75
N GLY B 386 -4.58 -10.01 -43.98
CA GLY B 386 -5.91 -10.46 -44.36
C GLY B 386 -7.04 -9.56 -43.91
N SER B 387 -6.75 -8.44 -43.26
CA SER B 387 -7.80 -7.55 -42.79
C SER B 387 -8.27 -6.62 -43.90
N LYS B 388 -9.50 -6.13 -43.75
CA LYS B 388 -10.09 -5.24 -44.74
C LYS B 388 -11.20 -4.42 -44.10
N VAL B 389 -11.39 -3.21 -44.62
CA VAL B 389 -12.55 -2.39 -44.26
C VAL B 389 -13.75 -2.93 -45.02
N LEU B 390 -14.76 -3.40 -44.28
CA LEU B 390 -15.99 -3.87 -44.91
C LEU B 390 -16.85 -2.70 -45.34
N PHE B 391 -17.06 -1.73 -44.46
CA PHE B 391 -17.76 -0.50 -44.84
C PHE B 391 -17.35 0.61 -43.88
N GLY B 392 -17.65 1.84 -44.30
CA GLY B 392 -17.27 2.99 -43.50
C GLY B 392 -15.77 3.22 -43.53
N GLY B 393 -15.22 3.63 -42.40
CA GLY B 393 -13.81 3.97 -42.33
C GLY B 393 -13.48 5.38 -42.75
N GLU B 394 -14.47 6.23 -42.93
CA GLU B 394 -14.28 7.63 -43.31
C GLU B 394 -15.03 8.53 -42.34
N PRO B 395 -14.51 9.72 -42.08
CA PRO B 395 -15.20 10.65 -41.20
C PRO B 395 -16.52 11.12 -41.81
N LEU B 396 -17.39 11.64 -40.94
CA LEU B 396 -18.60 12.29 -41.41
C LEU B 396 -18.26 13.63 -42.05
N ALA B 397 -19.06 14.03 -43.02
CA ALA B 397 -18.92 15.32 -43.68
C ALA B 397 -20.11 16.21 -43.37
N ASN B 398 -19.97 17.48 -43.74
CA ASN B 398 -21.01 18.49 -43.59
C ASN B 398 -21.55 18.54 -42.17
N HIS B 399 -20.68 18.91 -41.23
CA HIS B 399 -21.09 19.03 -39.84
C HIS B 399 -20.22 20.04 -39.12
N SER B 400 -20.69 20.47 -37.95
CA SER B 400 -19.96 21.42 -37.11
C SER B 400 -19.59 20.83 -35.76
N ILE B 401 -19.42 19.52 -35.69
CA ILE B 401 -19.07 18.85 -34.44
C ILE B 401 -17.65 19.24 -34.05
N PRO B 402 -17.45 19.78 -32.85
CA PRO B 402 -16.09 20.20 -32.45
C PRO B 402 -15.12 19.02 -32.47
N LYS B 403 -13.86 19.35 -32.71
CA LYS B 403 -12.84 18.32 -32.92
C LYS B 403 -12.60 17.46 -31.69
N ILE B 404 -13.01 17.93 -30.51
CA ILE B 404 -12.86 17.10 -29.31
C ILE B 404 -13.75 15.87 -29.38
N TYR B 405 -14.76 15.87 -30.23
CA TYR B 405 -15.71 14.79 -30.36
C TYR B 405 -15.56 14.13 -31.73
N GLY B 406 -15.64 12.79 -31.74
CA GLY B 406 -15.54 12.07 -32.99
C GLY B 406 -16.75 12.25 -33.88
N ALA B 407 -16.54 12.02 -35.18
CA ALA B 407 -17.58 12.17 -36.19
C ALA B 407 -17.25 11.20 -37.33
N MET B 408 -17.67 9.95 -37.16
CA MET B 408 -17.30 8.86 -38.05
C MET B 408 -18.52 8.21 -38.66
N LYS B 409 -18.39 7.80 -39.93
CA LYS B 409 -19.38 6.91 -40.52
C LYS B 409 -19.32 5.56 -39.79
N PRO B 410 -20.44 4.83 -39.76
CA PRO B 410 -20.41 3.49 -39.17
C PRO B 410 -19.38 2.62 -39.86
N THR B 411 -18.49 2.03 -39.06
CA THR B 411 -17.30 1.37 -39.57
C THR B 411 -17.23 -0.08 -39.12
N ALA B 412 -16.84 -0.97 -40.03
CA ALA B 412 -16.62 -2.37 -39.73
C ALA B 412 -15.33 -2.83 -40.40
N VAL B 413 -14.45 -3.43 -39.62
CA VAL B 413 -13.18 -3.95 -40.11
C VAL B 413 -13.17 -5.46 -39.94
N PHE B 414 -12.94 -6.18 -41.04
CA PHE B 414 -12.77 -7.62 -40.96
C PHE B 414 -11.34 -7.95 -40.57
N VAL B 415 -11.19 -8.90 -39.64
CA VAL B 415 -9.88 -9.40 -39.25
C VAL B 415 -9.96 -10.93 -39.17
N PRO B 416 -9.07 -11.66 -39.85
CA PRO B 416 -9.14 -13.12 -39.81
C PRO B 416 -8.98 -13.66 -38.40
N LEU B 417 -9.79 -14.67 -38.06
CA LEU B 417 -9.86 -15.16 -36.69
C LEU B 417 -8.50 -15.62 -36.18
N GLU B 418 -7.75 -16.34 -37.01
CA GLU B 418 -6.48 -16.88 -36.56
C GLU B 418 -5.47 -15.78 -36.27
N GLU B 419 -5.61 -14.62 -36.92
CA GLU B 419 -4.74 -13.49 -36.58
C GLU B 419 -5.21 -12.83 -35.29
N ILE B 420 -6.52 -12.80 -35.06
CA ILE B 420 -7.08 -12.18 -33.86
C ILE B 420 -6.50 -12.82 -32.61
N LEU B 421 -6.27 -14.13 -32.65
CA LEU B 421 -5.86 -14.87 -31.45
C LEU B 421 -4.37 -14.74 -31.14
N LYS B 422 -3.57 -14.19 -32.06
CA LYS B 422 -2.16 -13.99 -31.77
C LYS B 422 -1.99 -12.86 -30.76
N SER B 423 -1.01 -13.03 -29.88
CA SER B 423 -0.73 -12.01 -28.87
C SER B 423 -0.30 -10.71 -29.51
N GLY B 424 -0.67 -9.60 -28.87
CA GLY B 424 -0.46 -8.29 -29.44
C GLY B 424 -1.65 -7.88 -30.30
N ASN B 425 -1.91 -8.66 -31.35
CA ASN B 425 -3.11 -8.46 -32.15
C ASN B 425 -4.36 -8.49 -31.28
N PHE B 426 -4.44 -9.48 -30.37
CA PHE B 426 -5.66 -9.67 -29.60
C PHE B 426 -6.01 -8.44 -28.78
N GLU B 427 -5.02 -7.85 -28.11
CA GLU B 427 -5.28 -6.67 -27.30
C GLU B 427 -5.77 -5.51 -28.15
N LEU B 428 -5.21 -5.36 -29.35
CA LEU B 428 -5.68 -4.31 -30.26
C LEU B 428 -7.10 -4.60 -30.75
N VAL B 429 -7.34 -5.84 -31.18
CA VAL B 429 -8.65 -6.20 -31.72
C VAL B 429 -9.73 -6.01 -30.66
N THR B 430 -9.47 -6.44 -29.43
CA THR B 430 -10.46 -6.37 -28.37
C THR B 430 -10.42 -5.05 -27.60
N LYS B 431 -9.78 -4.02 -28.14
CA LYS B 431 -9.82 -2.71 -27.52
C LYS B 431 -11.21 -2.11 -27.72
N GLU B 432 -11.85 -1.69 -26.63
CA GLU B 432 -13.18 -1.10 -26.75
C GLU B 432 -13.08 0.29 -27.38
N ILE B 433 -13.77 0.47 -28.50
CA ILE B 433 -13.91 1.77 -29.15
C ILE B 433 -15.33 2.24 -28.86
N PHE B 434 -15.48 3.24 -28.00
CA PHE B 434 -16.80 3.71 -27.62
C PHE B 434 -17.31 4.66 -28.70
N GLY B 435 -17.54 4.08 -29.87
CA GLY B 435 -17.97 4.81 -31.04
C GLY B 435 -18.46 3.85 -32.11
N PRO B 436 -18.83 4.37 -33.27
CA PRO B 436 -19.50 3.53 -34.29
C PRO B 436 -18.52 2.65 -35.06
N PHE B 437 -18.09 1.58 -34.39
CA PHE B 437 -16.98 0.77 -34.89
C PHE B 437 -17.11 -0.65 -34.36
N GLN B 438 -16.93 -1.63 -35.23
CA GLN B 438 -16.94 -3.03 -34.81
C GLN B 438 -15.94 -3.82 -35.64
N VAL B 439 -15.51 -4.94 -35.07
CA VAL B 439 -14.65 -5.91 -35.75
C VAL B 439 -15.53 -7.06 -36.22
N VAL B 440 -15.29 -7.54 -37.44
CA VAL B 440 -16.02 -8.68 -37.98
C VAL B 440 -15.02 -9.77 -38.32
N THR B 441 -15.36 -11.01 -37.97
CA THR B 441 -14.50 -12.14 -38.26
C THR B 441 -15.38 -13.34 -38.62
N GLU B 442 -14.73 -14.40 -39.11
CA GLU B 442 -15.42 -15.59 -39.59
C GLU B 442 -14.78 -16.83 -38.98
N TYR B 443 -15.61 -17.78 -38.58
CA TYR B 443 -15.13 -19.08 -38.11
C TYR B 443 -15.86 -20.20 -38.85
N SER B 444 -15.11 -21.24 -39.21
CA SER B 444 -15.69 -22.40 -39.86
C SER B 444 -16.30 -23.33 -38.81
N GLU B 445 -16.99 -24.37 -39.29
CA GLU B 445 -17.66 -25.30 -38.39
C GLU B 445 -16.71 -25.95 -37.39
N ASP B 446 -15.41 -25.98 -37.70
CA ASP B 446 -14.43 -26.65 -36.86
C ASP B 446 -13.62 -25.69 -36.01
N GLN B 447 -14.05 -24.43 -35.88
CA GLN B 447 -13.28 -23.41 -35.18
C GLN B 447 -14.04 -22.77 -34.02
N LEU B 448 -15.14 -23.37 -33.56
CA LEU B 448 -15.87 -22.80 -32.44
C LEU B 448 -14.98 -22.66 -31.21
N GLU B 449 -14.06 -23.61 -31.02
CA GLU B 449 -13.14 -23.54 -29.89
C GLU B 449 -12.31 -22.28 -29.95
N LEU B 450 -11.93 -21.84 -31.15
CA LEU B 450 -11.14 -20.62 -31.29
C LEU B 450 -11.97 -19.39 -30.92
N VAL B 451 -13.24 -19.37 -31.32
CA VAL B 451 -14.13 -18.27 -30.93
C VAL B 451 -14.28 -18.23 -29.42
N LEU B 452 -14.55 -19.39 -28.81
CA LEU B 452 -14.77 -19.44 -27.37
C LEU B 452 -13.49 -19.08 -26.62
N GLU B 453 -12.33 -19.47 -27.15
CA GLU B 453 -11.07 -19.05 -26.55
C GLU B 453 -10.92 -17.53 -26.62
N ALA B 454 -11.37 -16.92 -27.72
CA ALA B 454 -11.31 -15.47 -27.84
C ALA B 454 -12.19 -14.80 -26.79
N CYS B 455 -13.41 -15.30 -26.61
CA CYS B 455 -14.32 -14.72 -25.63
C CYS B 455 -13.82 -14.93 -24.20
N GLU B 456 -13.13 -16.05 -23.95
CA GLU B 456 -12.62 -16.32 -22.61
C GLU B 456 -11.39 -15.49 -22.29
N ARG B 457 -10.61 -15.09 -23.29
CA ARG B 457 -9.42 -14.27 -23.06
C ARG B 457 -9.76 -12.80 -22.88
N MET B 458 -10.99 -12.39 -23.18
CA MET B 458 -11.40 -11.01 -22.93
C MET B 458 -11.47 -10.75 -21.43
N ASN B 459 -11.24 -9.50 -21.05
CA ASN B 459 -11.24 -9.10 -19.64
C ASN B 459 -12.58 -8.56 -19.17
N ALA B 460 -13.49 -8.24 -20.09
CA ALA B 460 -14.80 -7.73 -19.74
C ALA B 460 -15.86 -8.71 -20.20
N HIS B 461 -16.94 -8.85 -19.41
CA HIS B 461 -18.00 -9.81 -19.67
C HIS B 461 -19.36 -9.15 -19.40
N LEU B 462 -19.73 -8.19 -20.25
CA LEU B 462 -20.96 -7.46 -20.04
C LEU B 462 -22.10 -8.11 -20.81
N THR B 463 -22.33 -7.68 -22.04
CA THR B 463 -23.38 -8.28 -22.86
C THR B 463 -22.79 -9.16 -23.95
N ALA B 464 -23.66 -10.01 -24.51
CA ALA B 464 -23.30 -10.94 -25.57
C ALA B 464 -24.59 -11.41 -26.23
N ALA B 465 -24.44 -11.90 -27.46
CA ALA B 465 -25.55 -12.47 -28.21
C ALA B 465 -25.08 -13.73 -28.91
N ILE B 466 -25.94 -14.74 -28.92
CA ILE B 466 -25.71 -15.99 -29.65
C ILE B 466 -26.90 -16.15 -30.58
N VAL B 467 -26.71 -15.81 -31.86
CA VAL B 467 -27.79 -15.83 -32.83
C VAL B 467 -27.88 -17.25 -33.37
N SER B 468 -28.72 -18.06 -32.72
CA SER B 468 -28.96 -19.43 -33.15
C SER B 468 -30.19 -19.96 -32.42
N ASN B 469 -30.92 -20.85 -33.09
CA ASN B 469 -32.04 -21.55 -32.47
C ASN B 469 -31.73 -23.02 -32.23
N ASP B 470 -30.51 -23.45 -32.51
CA ASP B 470 -30.02 -24.79 -32.23
C ASP B 470 -29.74 -24.91 -30.74
N PRO B 471 -30.50 -25.72 -30.01
CA PRO B 471 -30.29 -25.78 -28.55
C PRO B 471 -28.99 -26.45 -28.16
N LEU B 472 -28.44 -27.34 -29.00
CA LEU B 472 -27.16 -27.95 -28.68
C LEU B 472 -26.02 -26.93 -28.82
N PHE B 473 -26.09 -26.09 -29.85
CA PHE B 473 -25.12 -25.02 -30.01
C PHE B 473 -25.26 -23.98 -28.91
N LEU B 474 -26.51 -23.59 -28.61
CA LEU B 474 -26.76 -22.56 -27.61
C LEU B 474 -26.21 -22.97 -26.25
N GLN B 475 -26.57 -24.16 -25.78
CA GLN B 475 -26.11 -24.59 -24.46
C GLN B 475 -24.60 -24.79 -24.41
N ASP B 476 -24.00 -25.20 -25.53
CA ASP B 476 -22.55 -25.34 -25.57
C ASP B 476 -21.85 -24.00 -25.40
N VAL B 477 -22.30 -22.99 -26.15
CA VAL B 477 -21.68 -21.67 -26.07
C VAL B 477 -22.04 -20.99 -24.75
N LEU B 478 -23.29 -21.14 -24.31
CA LEU B 478 -23.71 -20.56 -23.04
C LEU B 478 -22.99 -21.20 -21.86
N GLY B 479 -22.82 -22.52 -21.89
CA GLY B 479 -22.09 -23.20 -20.83
C GLY B 479 -20.62 -22.83 -20.75
N ARG B 480 -20.04 -22.35 -21.85
CA ARG B 480 -18.63 -22.01 -21.90
C ARG B 480 -18.43 -20.52 -22.19
N SER B 481 -19.24 -19.69 -21.55
CA SER B 481 -19.10 -18.24 -21.61
C SER B 481 -19.55 -17.67 -20.27
N VAL B 482 -19.44 -16.35 -20.12
CA VAL B 482 -19.56 -15.71 -18.81
C VAL B 482 -20.51 -14.52 -18.81
N ASN B 483 -20.57 -13.78 -19.91
CA ASN B 483 -21.08 -12.41 -19.92
C ASN B 483 -22.42 -12.26 -19.20
N GLY B 484 -22.50 -11.25 -18.34
CA GLY B 484 -23.58 -11.20 -17.36
C GLY B 484 -24.95 -10.99 -17.95
N THR B 485 -25.02 -10.47 -19.18
CA THR B 485 -26.28 -10.21 -19.87
C THR B 485 -26.18 -10.78 -21.27
N THR B 486 -26.48 -12.07 -21.41
CA THR B 486 -26.33 -12.77 -22.67
C THR B 486 -27.70 -13.11 -23.26
N TYR B 487 -27.91 -12.75 -24.52
CA TYR B 487 -29.11 -13.06 -25.26
C TYR B 487 -28.86 -14.24 -26.18
N ALA B 488 -29.87 -15.10 -26.33
CA ALA B 488 -29.73 -16.36 -27.06
C ALA B 488 -30.99 -16.61 -27.88
N GLY B 489 -30.80 -16.96 -29.15
CA GLY B 489 -31.89 -17.12 -30.08
C GLY B 489 -31.62 -16.37 -31.37
N ILE B 490 -32.43 -16.69 -32.38
CA ILE B 490 -32.24 -16.05 -33.68
C ILE B 490 -32.56 -14.56 -33.61
N ARG B 491 -33.32 -14.13 -32.60
CA ARG B 491 -33.59 -12.71 -32.37
C ARG B 491 -32.66 -12.10 -31.33
N ALA B 492 -31.57 -12.80 -30.98
CA ALA B 492 -30.67 -12.31 -29.93
C ALA B 492 -30.02 -11.00 -30.36
N ARG B 493 -29.86 -10.11 -29.37
CA ARG B 493 -29.24 -8.80 -29.54
C ARG B 493 -28.21 -8.63 -28.43
N THR B 494 -27.41 -7.55 -28.51
CA THR B 494 -26.52 -7.22 -27.41
C THR B 494 -26.94 -5.99 -26.63
N THR B 495 -27.80 -5.14 -27.20
CA THR B 495 -28.18 -3.88 -26.58
C THR B 495 -29.63 -3.90 -26.13
N GLY B 496 -29.99 -2.89 -25.35
CA GLY B 496 -31.39 -2.62 -25.06
C GLY B 496 -32.00 -3.45 -23.95
N ALA B 497 -31.27 -3.69 -22.88
CA ALA B 497 -31.82 -4.42 -21.74
C ALA B 497 -32.81 -3.55 -21.00
N PRO B 498 -34.09 -3.93 -20.95
CA PRO B 498 -35.08 -3.11 -20.24
C PRO B 498 -35.08 -3.46 -18.75
N GLN B 499 -36.00 -2.82 -18.04
CA GLN B 499 -36.05 -2.92 -16.59
C GLN B 499 -36.64 -4.25 -16.10
N ASN B 500 -37.22 -5.06 -16.99
CA ASN B 500 -37.82 -6.31 -16.54
C ASN B 500 -36.81 -7.42 -16.32
N HIS B 501 -35.56 -7.24 -16.74
CA HIS B 501 -34.57 -8.25 -16.42
C HIS B 501 -33.22 -7.60 -16.14
N TRP B 502 -32.34 -8.38 -15.53
CA TRP B 502 -31.04 -7.91 -15.08
C TRP B 502 -30.21 -7.35 -16.23
N PHE B 503 -29.46 -6.28 -15.94
CA PHE B 503 -28.39 -5.82 -16.80
C PHE B 503 -27.16 -5.56 -15.94
N GLY B 504 -26.02 -6.10 -16.37
CA GLY B 504 -24.79 -5.97 -15.66
C GLY B 504 -23.81 -7.08 -16.01
N PRO B 505 -22.57 -6.94 -15.60
CA PRO B 505 -21.55 -7.94 -15.92
C PRO B 505 -21.66 -9.15 -14.99
N ALA B 506 -20.89 -10.19 -15.33
CA ALA B 506 -20.67 -11.35 -14.49
C ALA B 506 -19.17 -11.57 -14.35
N GLY B 507 -18.79 -12.52 -13.50
CA GLY B 507 -17.39 -12.83 -13.29
C GLY B 507 -16.67 -11.89 -12.36
N ASP B 508 -17.41 -11.10 -11.57
CA ASP B 508 -16.82 -10.10 -10.70
C ASP B 508 -17.65 -9.98 -9.42
N PRO B 509 -17.04 -10.14 -8.25
CA PRO B 509 -17.81 -9.91 -7.01
C PRO B 509 -18.23 -8.46 -6.83
N ARG B 510 -17.63 -7.53 -7.56
CA ARG B 510 -18.00 -6.14 -7.54
C ARG B 510 -19.04 -5.78 -8.59
N GLY B 511 -19.46 -6.74 -9.42
CA GLY B 511 -20.36 -6.46 -10.52
C GLY B 511 -21.70 -5.91 -10.07
N ALA B 512 -22.11 -4.78 -10.64
CA ALA B 512 -23.38 -4.16 -10.33
C ALA B 512 -24.46 -4.62 -11.28
N GLY B 513 -25.69 -4.71 -10.76
CA GLY B 513 -26.88 -4.82 -11.57
C GLY B 513 -27.63 -3.50 -11.53
N ILE B 514 -28.70 -3.43 -12.33
CA ILE B 514 -29.55 -2.25 -12.37
C ILE B 514 -30.94 -2.67 -12.77
N GLY B 515 -31.93 -1.96 -12.22
CA GLY B 515 -33.31 -2.09 -12.69
C GLY B 515 -34.20 -3.03 -11.91
N THR B 516 -33.79 -4.28 -11.73
CA THR B 516 -34.67 -5.30 -11.16
C THR B 516 -34.65 -5.28 -9.64
N PRO B 517 -35.65 -5.89 -9.00
CA PRO B 517 -35.61 -6.04 -7.54
C PRO B 517 -34.34 -6.67 -7.03
N GLU B 518 -33.83 -7.72 -7.70
CA GLU B 518 -32.61 -8.37 -7.25
C GLU B 518 -31.42 -7.43 -7.36
N ALA B 519 -31.30 -6.74 -8.50
CA ALA B 519 -30.22 -5.76 -8.68
C ALA B 519 -30.24 -4.71 -7.60
N ILE B 520 -31.42 -4.20 -7.24
CA ILE B 520 -31.54 -3.18 -6.20
C ILE B 520 -31.06 -3.74 -4.86
N LYS B 521 -31.56 -4.91 -4.47
CA LYS B 521 -31.18 -5.49 -3.18
C LYS B 521 -29.70 -5.84 -3.14
N LEU B 522 -29.14 -6.33 -4.24
CA LEU B 522 -27.73 -6.69 -4.26
C LEU B 522 -26.83 -5.47 -4.13
N VAL B 523 -27.15 -4.42 -4.88
CA VAL B 523 -26.27 -3.26 -4.93
C VAL B 523 -26.43 -2.37 -3.70
N TRP B 524 -27.65 -2.25 -3.17
CA TRP B 524 -27.95 -1.19 -2.21
C TRP B 524 -28.31 -1.69 -0.82
N SER B 525 -28.15 -2.98 -0.55
CA SER B 525 -28.35 -3.51 0.79
C SER B 525 -27.34 -4.61 1.04
N CYS B 526 -27.19 -4.97 2.32
CA CYS B 526 -26.40 -6.11 2.74
C CYS B 526 -27.26 -6.97 3.64
N HIS B 527 -26.79 -8.19 3.89
CA HIS B 527 -27.52 -9.09 4.76
C HIS B 527 -27.26 -8.74 6.21
N ARG B 528 -28.31 -8.73 7.02
CA ARG B 528 -28.18 -8.69 8.47
C ARG B 528 -29.02 -9.80 9.06
N GLU B 529 -28.39 -10.64 9.87
CA GLU B 529 -29.07 -11.72 10.57
C GLU B 529 -29.40 -11.27 11.98
N ILE B 530 -30.67 -11.38 12.35
CA ILE B 530 -31.14 -11.10 13.69
C ILE B 530 -31.76 -12.37 14.23
N ILE B 531 -31.19 -12.91 15.31
CA ILE B 531 -31.60 -14.18 15.89
C ILE B 531 -32.29 -13.90 17.21
N TYR B 532 -33.60 -14.12 17.26
CA TYR B 532 -34.34 -13.99 18.51
C TYR B 532 -34.19 -15.26 19.33
N ASP B 533 -34.00 -15.08 20.64
CA ASP B 533 -33.83 -16.17 21.61
C ASP B 533 -34.41 -15.67 22.93
N VAL B 534 -35.75 -15.69 23.02
CA VAL B 534 -36.45 -15.00 24.10
C VAL B 534 -36.71 -15.89 25.31
N GLY B 535 -36.49 -17.20 25.20
CA GLY B 535 -36.81 -18.10 26.27
C GLY B 535 -38.07 -18.91 25.99
N PRO B 536 -38.61 -19.58 27.00
CA PRO B 536 -38.18 -19.64 28.40
C PRO B 536 -36.85 -20.34 28.60
N VAL B 537 -36.10 -19.94 29.63
CA VAL B 537 -34.95 -20.72 30.08
C VAL B 537 -35.49 -22.07 30.51
N PRO B 538 -35.04 -23.18 29.93
CA PRO B 538 -35.72 -24.45 30.15
C PRO B 538 -35.75 -24.86 31.61
N GLU B 539 -36.79 -25.62 31.95
CA GLU B 539 -36.87 -26.27 33.25
C GLU B 539 -35.62 -27.07 33.55
N SER B 540 -35.12 -27.82 32.57
CA SER B 540 -33.96 -28.69 32.76
C SER B 540 -32.64 -27.93 32.86
N TRP B 541 -32.63 -26.63 32.61
CA TRP B 541 -31.36 -25.92 32.53
C TRP B 541 -30.74 -25.80 33.92
N ALA B 542 -29.61 -26.45 34.11
CA ALA B 542 -28.69 -26.18 35.19
C ALA B 542 -27.39 -25.65 34.59
N LEU B 543 -26.69 -24.81 35.36
CA LEU B 543 -25.42 -24.23 34.94
C LEU B 543 -24.48 -25.32 34.43
N PRO B 544 -24.27 -25.41 33.12
CA PRO B 544 -23.39 -26.46 32.60
C PRO B 544 -21.95 -26.17 32.99
N SER B 545 -21.17 -27.25 33.06
CA SER B 545 -19.75 -27.10 33.32
C SER B 545 -19.10 -26.23 32.25
N ALA B 546 -18.05 -25.52 32.66
CA ALA B 546 -17.39 -24.59 31.76
C ALA B 546 -16.84 -25.30 30.53
N THR B 547 -16.92 -24.62 29.39
CA THR B 547 -16.24 -25.07 28.18
C THR B 547 -15.45 -23.90 27.59
N PRO C 27 22.21 19.62 41.87
CA PRO C 27 22.58 20.83 41.12
C PRO C 27 21.39 21.78 40.93
N SER C 28 21.68 23.01 40.51
CA SER C 28 20.67 24.06 40.50
C SER C 28 19.54 23.74 39.53
N PHE C 29 19.88 23.14 38.39
CA PHE C 29 18.87 22.88 37.37
C PHE C 29 17.95 21.71 37.74
N ALA C 30 18.38 20.87 38.68
CA ALA C 30 17.73 19.60 38.89
C ALA C 30 16.42 19.76 39.66
N THR C 31 15.47 18.89 39.34
CA THR C 31 14.20 18.80 40.06
C THR C 31 14.02 17.46 40.76
N VAL C 32 15.07 16.64 40.81
CA VAL C 32 15.01 15.32 41.43
C VAL C 32 16.32 15.09 42.16
N SER C 33 16.24 14.26 43.21
CA SER C 33 17.44 13.79 43.92
C SER C 33 17.61 12.30 43.62
N PRO C 34 18.65 11.89 42.91
CA PRO C 34 18.72 10.50 42.44
C PRO C 34 18.72 9.47 43.56
N GLN C 35 19.38 9.76 44.68
CA GLN C 35 19.43 8.79 45.77
C GLN C 35 18.18 8.80 46.64
N GLU C 36 17.33 9.81 46.51
CA GLU C 36 16.16 9.95 47.36
C GLU C 36 14.85 9.59 46.65
N VAL C 37 14.84 9.46 45.33
CA VAL C 37 13.62 9.11 44.63
C VAL C 37 13.24 7.68 44.96
N SER C 38 12.00 7.48 45.39
CA SER C 38 11.55 6.21 45.94
C SER C 38 10.03 6.14 45.86
N GLY C 39 9.48 5.02 46.31
CA GLY C 39 8.04 4.87 46.35
C GLY C 39 7.36 5.93 47.23
N SER C 40 8.01 6.31 48.33
CA SER C 40 7.45 7.32 49.22
C SER C 40 7.82 8.75 48.83
N SER C 41 8.89 8.95 48.06
CA SER C 41 9.26 10.26 47.53
C SER C 41 9.39 10.14 46.00
N PRO C 42 8.27 9.99 45.30
CA PRO C 42 8.34 9.80 43.84
C PRO C 42 8.71 11.08 43.11
N ALA C 43 9.12 10.91 41.87
CA ALA C 43 9.48 12.01 40.99
C ALA C 43 8.47 12.13 39.87
N GLU C 44 8.22 13.37 39.46
CA GLU C 44 7.36 13.66 38.32
C GLU C 44 8.21 14.04 37.12
N VAL C 45 7.84 13.52 35.96
CA VAL C 45 8.48 13.86 34.68
C VAL C 45 7.42 14.49 33.81
N GLN C 46 7.67 15.72 33.36
CA GLN C 46 6.72 16.43 32.52
C GLN C 46 7.24 16.49 31.08
N ASN C 47 6.44 17.12 30.23
CA ASN C 47 6.78 17.35 28.84
C ASN C 47 7.18 18.80 28.64
N PHE C 48 7.96 19.04 27.59
CA PHE C 48 8.30 20.40 27.18
C PHE C 48 7.79 20.63 25.77
N VAL C 49 6.86 21.56 25.62
CA VAL C 49 6.26 21.84 24.33
C VAL C 49 5.90 23.32 24.27
N GLN C 50 6.14 23.92 23.10
CA GLN C 50 5.84 25.33 22.86
C GLN C 50 6.46 26.23 23.93
N GLY C 51 7.70 25.90 24.30
CA GLY C 51 8.46 26.76 25.18
C GLY C 51 8.14 26.65 26.65
N SER C 52 7.41 25.62 27.06
CA SER C 52 7.02 25.53 28.46
C SER C 52 6.87 24.08 28.90
N TRP C 53 7.28 23.81 30.13
CA TRP C 53 6.99 22.53 30.77
C TRP C 53 5.50 22.39 30.99
N THR C 54 4.97 21.20 30.72
CA THR C 54 3.56 20.95 30.91
C THR C 54 3.27 20.65 32.38
N ALA C 55 1.99 20.49 32.70
CA ALA C 55 1.54 20.12 34.03
C ALA C 55 0.45 19.06 33.90
N SER C 56 0.77 17.98 33.19
CA SER C 56 -0.20 16.93 32.92
C SER C 56 -0.29 15.95 34.08
N ALA C 57 -1.47 15.37 34.26
CA ALA C 57 -1.71 14.42 35.33
C ALA C 57 -1.93 13.00 34.84
N ASN C 58 -1.87 12.77 33.53
CA ASN C 58 -2.05 11.43 32.97
C ASN C 58 -0.78 10.63 33.24
N TRP C 59 -0.64 10.19 34.48
CA TRP C 59 0.60 9.55 34.92
C TRP C 59 0.73 8.14 34.37
N ASN C 60 1.95 7.80 33.94
CA ASN C 60 2.37 6.41 33.74
C ASN C 60 3.37 6.09 34.85
N TRP C 61 3.02 5.14 35.71
CA TRP C 61 3.83 4.85 36.88
C TRP C 61 4.96 3.90 36.50
N ILE C 62 6.20 4.38 36.61
CA ILE C 62 7.38 3.57 36.38
C ILE C 62 7.80 2.94 37.70
N VAL C 63 8.09 1.64 37.68
CA VAL C 63 8.48 0.94 38.90
C VAL C 63 10.00 0.90 38.98
N ASP C 64 10.50 0.88 40.21
CA ASP C 64 11.93 0.77 40.46
C ASP C 64 12.39 -0.61 40.01
N PRO C 65 13.34 -0.70 39.07
CA PRO C 65 13.77 -2.03 38.59
C PRO C 65 14.36 -2.92 39.67
N LEU C 66 14.73 -2.36 40.83
CA LEU C 66 15.33 -3.16 41.88
C LEU C 66 14.34 -3.63 42.93
N ASN C 67 13.18 -2.97 43.06
CA ASN C 67 12.24 -3.35 44.11
C ASN C 67 10.77 -3.23 43.73
N GLY C 68 10.42 -2.64 42.60
CA GLY C 68 9.03 -2.56 42.20
C GLY C 68 8.27 -1.36 42.73
N ASP C 69 8.92 -0.48 43.49
CA ASP C 69 8.27 0.73 43.96
C ASP C 69 7.81 1.57 42.78
N LYS C 70 6.62 2.15 42.90
CA LYS C 70 6.16 3.15 41.94
C LYS C 70 6.82 4.47 42.32
N PHE C 71 8.01 4.70 41.79
CA PHE C 71 8.85 5.81 42.23
C PHE C 71 8.98 6.94 41.22
N ILE C 72 8.39 6.81 40.03
CA ILE C 72 8.43 7.84 39.00
C ILE C 72 7.08 7.86 38.29
N LYS C 73 6.43 9.02 38.25
CA LYS C 73 5.25 9.22 37.43
C LYS C 73 5.62 10.08 36.24
N VAL C 74 5.41 9.54 35.04
CA VAL C 74 5.68 10.21 33.78
C VAL C 74 4.35 10.69 33.21
N ALA C 75 4.21 12.00 33.04
CA ALA C 75 3.01 12.59 32.43
C ALA C 75 3.06 12.30 30.94
N GLU C 76 2.35 11.27 30.51
CA GLU C 76 2.39 10.85 29.12
C GLU C 76 1.31 11.54 28.31
N VAL C 77 1.71 12.05 27.15
CA VAL C 77 0.78 12.75 26.27
C VAL C 77 -0.20 11.75 25.66
N GLN C 78 -1.49 12.05 25.77
CA GLN C 78 -2.50 11.20 25.17
C GLN C 78 -2.73 11.60 23.71
N GLY C 79 -3.49 10.77 22.99
CA GLY C 79 -3.69 10.99 21.58
C GLY C 79 -4.38 12.31 21.26
N THR C 80 -5.23 12.78 22.18
CA THR C 80 -5.93 14.05 22.00
C THR C 80 -5.03 15.25 22.24
N GLU C 81 -3.84 15.05 22.80
CA GLU C 81 -3.00 16.15 23.25
C GLU C 81 -1.80 16.40 22.33
N ILE C 82 -1.70 15.73 21.19
CA ILE C 82 -0.52 15.89 20.34
C ILE C 82 -0.58 17.14 19.46
N LYS C 83 -1.68 17.89 19.51
CA LYS C 83 -1.83 19.05 18.63
C LYS C 83 -0.79 20.12 18.95
N SER C 84 -0.47 20.30 20.24
CA SER C 84 0.56 21.27 20.61
C SER C 84 1.90 20.92 19.97
N PHE C 85 2.23 19.63 19.93
CA PHE C 85 3.51 19.22 19.34
C PHE C 85 3.49 19.39 17.83
N MET C 86 2.38 19.04 17.18
CA MET C 86 2.22 19.33 15.76
C MET C 86 2.40 20.82 15.49
N GLU C 87 1.76 21.65 16.32
CA GLU C 87 1.83 23.10 16.14
C GLU C 87 3.25 23.60 16.30
N SER C 88 3.97 23.11 17.30
CA SER C 88 5.34 23.56 17.54
C SER C 88 6.24 23.16 16.38
N LEU C 89 6.09 21.92 15.90
CA LEU C 89 6.92 21.43 14.80
C LEU C 89 6.63 22.19 13.52
N SER C 90 5.38 22.57 13.30
CA SER C 90 5.01 23.28 12.07
C SER C 90 5.64 24.66 12.01
N LYS C 91 6.11 25.20 13.13
CA LYS C 91 6.75 26.50 13.13
C LYS C 91 8.13 26.46 12.49
N CYS C 92 8.71 25.27 12.34
CA CYS C 92 9.99 25.14 11.66
C CYS C 92 9.76 24.87 10.18
N PRO C 93 10.25 25.71 9.28
CA PRO C 93 10.13 25.42 7.85
C PRO C 93 11.14 24.37 7.41
N LYS C 94 11.01 23.95 6.16
CA LYS C 94 11.93 22.94 5.64
C LYS C 94 13.34 23.49 5.47
N HIS C 95 13.50 24.81 5.35
CA HIS C 95 14.83 25.41 5.34
C HIS C 95 15.35 25.69 6.74
N GLY C 96 14.72 25.11 7.77
CA GLY C 96 15.32 24.99 9.08
C GLY C 96 15.15 26.22 9.97
N LEU C 97 15.53 26.04 11.24
CA LEU C 97 15.69 27.18 12.13
C LEU C 97 16.89 28.02 11.71
N HIS C 98 17.88 27.39 11.09
CA HIS C 98 18.98 28.09 10.43
C HIS C 98 19.55 27.17 9.38
N ASN C 99 20.38 27.74 8.50
CA ASN C 99 21.08 26.98 7.48
C ASN C 99 22.32 27.78 7.10
N PRO C 100 23.22 27.22 6.25
CA PRO C 100 24.45 27.95 5.93
C PRO C 100 24.26 29.36 5.42
N LEU C 101 23.06 29.73 4.97
CA LEU C 101 22.81 31.07 4.45
C LEU C 101 21.82 31.88 5.27
N LYS C 102 21.18 31.29 6.27
CA LYS C 102 20.12 31.95 7.01
C LYS C 102 20.37 31.84 8.51
N ALA C 103 20.35 32.98 9.20
CA ALA C 103 20.56 33.05 10.64
C ALA C 103 21.82 32.29 11.10
N PRO C 104 22.98 32.55 10.49
CA PRO C 104 24.17 31.75 10.83
C PRO C 104 24.68 32.00 12.24
N GLU C 105 24.30 33.11 12.87
CA GLU C 105 24.68 33.34 14.25
C GLU C 105 24.21 32.21 15.16
N ARG C 106 23.20 31.44 14.74
CA ARG C 106 22.72 30.32 15.54
C ARG C 106 23.74 29.19 15.60
N TYR C 107 24.59 29.05 14.57
CA TYR C 107 25.72 28.13 14.68
C TYR C 107 26.65 28.56 15.82
N LEU C 108 26.95 29.86 15.89
CA LEU C 108 27.78 30.37 16.98
C LEU C 108 27.11 30.13 18.33
N MET C 109 25.80 30.38 18.41
CA MET C 109 25.08 30.22 19.67
C MET C 109 25.17 28.79 20.18
N TYR C 110 25.08 27.81 19.27
CA TYR C 110 25.13 26.43 19.73
C TYR C 110 26.55 25.99 20.10
N GLY C 111 27.57 26.66 19.58
CA GLY C 111 28.90 26.48 20.13
C GLY C 111 29.00 26.95 21.57
N ASP C 112 28.35 28.08 21.88
CA ASP C 112 28.38 28.59 23.25
C ASP C 112 27.57 27.72 24.18
N ILE C 113 26.35 27.33 23.76
CA ILE C 113 25.53 26.42 24.56
C ILE C 113 26.30 25.14 24.85
N SER C 114 26.96 24.59 23.83
CA SER C 114 27.73 23.36 24.01
C SER C 114 28.87 23.59 24.99
N ALA C 115 29.52 24.75 24.93
CA ALA C 115 30.63 25.05 25.83
C ALA C 115 30.15 25.19 27.27
N LYS C 116 29.03 25.87 27.48
CA LYS C 116 28.48 25.98 28.83
C LYS C 116 28.00 24.63 29.34
N ALA C 117 27.34 23.84 28.49
CA ALA C 117 26.87 22.52 28.91
C ALA C 117 28.03 21.58 29.19
N ALA C 118 29.08 21.65 28.37
CA ALA C 118 30.26 20.82 28.59
C ALA C 118 30.87 21.12 29.96
N HIS C 119 31.01 22.41 30.29
CA HIS C 119 31.58 22.79 31.58
C HIS C 119 30.69 22.34 32.73
N MET C 120 29.37 22.48 32.59
CA MET C 120 28.46 22.02 33.63
C MET C 120 28.55 20.51 33.82
N LEU C 121 28.52 19.77 32.70
CA LEU C 121 28.55 18.32 32.79
C LEU C 121 29.84 17.82 33.41
N GLY C 122 30.96 18.52 33.20
CA GLY C 122 32.23 18.08 33.73
C GLY C 122 32.41 18.32 35.22
N GLN C 123 31.49 19.03 35.85
CA GLN C 123 31.59 19.26 37.29
C GLN C 123 31.38 17.96 38.04
N PRO C 124 32.25 17.61 38.99
CA PRO C 124 32.11 16.33 39.70
C PRO C 124 30.72 16.06 40.24
N THR C 125 30.09 17.03 40.89
CA THR C 125 28.75 16.79 41.44
C THR C 125 27.72 16.56 40.35
N VAL C 126 27.89 17.18 39.17
CA VAL C 126 26.94 16.97 38.09
C VAL C 126 27.17 15.62 37.43
N LEU C 127 28.43 15.25 37.18
CA LEU C 127 28.75 13.91 36.71
C LEU C 127 28.13 12.86 37.62
N ASP C 128 28.36 12.98 38.92
CA ASP C 128 27.83 12.02 39.88
C ASP C 128 26.30 12.03 39.88
N PHE C 129 25.72 13.22 39.81
CA PHE C 129 24.26 13.33 39.75
C PHE C 129 23.69 12.53 38.59
N PHE C 130 24.20 12.76 37.38
CA PHE C 130 23.67 12.07 36.22
C PHE C 130 24.03 10.58 36.24
N ALA C 131 25.19 10.23 36.77
CA ALA C 131 25.55 8.81 36.87
C ALA C 131 24.57 8.08 37.78
N LYS C 132 24.27 8.65 38.95
CA LYS C 132 23.37 7.98 39.88
C LYS C 132 21.92 7.98 39.36
N LEU C 133 21.53 9.01 38.62
CA LEU C 133 20.17 9.02 38.08
C LEU C 133 20.01 7.98 36.98
N ILE C 134 21.04 7.78 36.16
CA ILE C 134 20.99 6.73 35.14
C ILE C 134 20.87 5.36 35.80
N GLN C 135 21.63 5.14 36.88
CA GLN C 135 21.58 3.86 37.57
C GLN C 135 20.17 3.53 38.06
N ARG C 136 19.43 4.55 38.52
CA ARG C 136 18.11 4.29 39.09
C ARG C 136 17.14 3.76 38.04
N VAL C 137 17.23 4.25 36.79
CA VAL C 137 16.20 3.96 35.80
C VAL C 137 16.70 2.95 34.78
N SER C 138 18.01 2.92 34.56
CA SER C 138 18.64 1.96 33.65
C SER C 138 19.77 1.29 34.40
N PRO C 139 19.46 0.28 35.22
CA PRO C 139 20.45 -0.25 36.18
C PRO C 139 21.70 -0.78 35.50
N LYS C 140 22.83 -0.24 35.94
CA LYS C 140 24.16 -0.60 35.45
C LYS C 140 25.13 -0.14 36.52
N SER C 141 26.37 -0.61 36.43
CA SER C 141 27.36 -0.23 37.42
C SER C 141 27.59 1.28 37.38
N TYR C 142 28.14 1.80 38.48
CA TYR C 142 28.40 3.23 38.57
C TYR C 142 29.37 3.68 37.48
N GLN C 143 30.39 2.86 37.21
CA GLN C 143 31.38 3.23 36.20
C GLN C 143 30.77 3.24 34.80
N GLN C 144 29.87 2.29 34.52
CA GLN C 144 29.18 2.29 33.23
C GLN C 144 28.26 3.50 33.10
N ALA C 145 27.56 3.86 34.18
CA ALA C 145 26.75 5.07 34.18
C ALA C 145 27.62 6.31 34.03
N LEU C 146 28.74 6.36 34.74
CA LEU C 146 29.65 7.50 34.64
C LEU C 146 30.20 7.63 33.22
N ALA C 147 30.57 6.51 32.60
CA ALA C 147 31.07 6.53 31.23
C ALA C 147 30.10 7.23 30.29
N GLU C 148 28.80 7.01 30.50
CA GLU C 148 27.79 7.65 29.65
C GLU C 148 27.86 9.18 29.78
N VAL C 149 28.03 9.69 31.01
CA VAL C 149 28.14 11.12 31.21
C VAL C 149 29.44 11.65 30.63
N GLN C 150 30.51 10.86 30.74
CA GLN C 150 31.83 11.31 30.28
C GLN C 150 31.88 11.43 28.76
N VAL C 151 31.35 10.43 28.05
CA VAL C 151 31.25 10.53 26.59
C VAL C 151 30.40 11.74 26.20
N SER C 152 29.27 11.93 26.89
CA SER C 152 28.42 13.08 26.63
C SER C 152 29.16 14.39 26.87
N GLN C 153 29.90 14.46 27.98
CA GLN C 153 30.67 15.67 28.29
C GLN C 153 31.72 15.94 27.23
N LYS C 154 32.41 14.88 26.78
CA LYS C 154 33.45 15.04 25.76
C LYS C 154 32.85 15.45 24.41
N PHE C 155 31.74 14.83 24.02
CA PHE C 155 31.05 15.22 22.80
C PHE C 155 30.75 16.70 22.77
N LEU C 156 30.23 17.23 23.89
CA LEU C 156 29.95 18.65 23.97
C LEU C 156 31.22 19.49 23.83
N GLU C 157 32.33 19.03 24.39
CA GLU C 157 33.60 19.75 24.22
C GLU C 157 34.00 19.81 22.76
N ASN C 158 33.68 18.79 21.96
CA ASN C 158 34.07 18.80 20.56
C ASN C 158 33.33 19.83 19.73
N PHE C 159 32.32 20.48 20.28
CA PHE C 159 31.51 21.40 19.50
C PHE C 159 31.34 22.72 20.22
N CYS C 160 32.42 23.19 20.82
CA CYS C 160 32.52 24.53 21.37
C CYS C 160 33.00 25.50 20.29
N GLY C 161 32.91 26.78 20.59
CA GLY C 161 33.45 27.81 19.72
C GLY C 161 32.80 27.78 18.34
N ASP C 162 33.64 27.62 17.31
CA ASP C 162 33.20 27.60 15.92
C ASP C 162 32.91 26.20 15.38
N GLN C 163 32.97 25.17 16.23
CA GLN C 163 32.92 23.81 15.72
C GLN C 163 31.53 23.44 15.22
N VAL C 164 30.47 24.06 15.75
CA VAL C 164 29.16 23.90 15.14
C VAL C 164 29.13 24.62 13.79
N ARG C 165 29.64 25.85 13.76
CA ARG C 165 29.81 26.58 12.51
C ARG C 165 30.56 25.75 11.49
N PHE C 166 31.59 25.02 11.92
CA PHE C 166 32.39 24.23 11.00
C PHE C 166 31.64 23.04 10.44
N LEU C 167 30.59 22.56 11.11
CA LEU C 167 29.78 21.48 10.56
C LEU C 167 29.03 21.93 9.32
N ALA C 168 28.75 23.23 9.21
CA ALA C 168 28.10 23.79 8.04
C ALA C 168 29.07 24.20 6.95
N ARG C 169 30.32 23.76 7.04
CA ARG C 169 31.29 23.98 5.97
C ARG C 169 30.73 23.49 4.64
N SER C 170 30.95 24.27 3.59
CA SER C 170 30.51 23.95 2.24
C SER C 170 31.73 23.83 1.34
N PHE C 171 31.53 23.22 0.18
CA PHE C 171 32.56 23.18 -0.84
C PHE C 171 32.03 23.86 -2.11
N ALA C 172 32.97 24.25 -2.96
CA ALA C 172 32.62 24.90 -4.21
C ALA C 172 33.64 24.51 -5.28
N VAL C 173 33.19 24.56 -6.53
CA VAL C 173 33.99 24.20 -7.68
C VAL C 173 33.77 25.26 -8.75
N PRO C 174 34.81 25.74 -9.44
CA PRO C 174 34.60 26.73 -10.49
C PRO C 174 33.70 26.18 -11.59
N GLY C 175 33.01 27.10 -12.26
CA GLY C 175 32.09 26.75 -13.33
C GLY C 175 32.79 26.65 -14.67
N ASN C 176 31.97 26.58 -15.72
CA ASN C 176 32.49 26.44 -17.08
C ASN C 176 32.94 27.76 -17.68
N HIS C 177 32.54 28.89 -17.10
CA HIS C 177 32.83 30.19 -17.66
C HIS C 177 32.78 31.22 -16.54
N LEU C 178 33.23 32.43 -16.87
CA LEU C 178 33.27 33.52 -15.90
C LEU C 178 31.90 33.74 -15.27
N GLY C 179 31.86 33.84 -13.95
CA GLY C 179 30.62 34.09 -13.24
C GLY C 179 29.88 32.88 -12.78
N GLN C 180 30.36 31.67 -13.08
CA GLN C 180 29.69 30.44 -12.70
C GLN C 180 30.50 29.72 -11.63
N ARG C 181 29.82 29.30 -10.56
CA ARG C 181 30.45 28.60 -9.44
C ARG C 181 29.38 27.71 -8.81
N SER C 182 29.66 26.43 -8.66
CA SER C 182 28.72 25.50 -8.04
C SER C 182 29.14 25.22 -6.60
N ASN C 183 28.15 25.20 -5.70
CA ASN C 183 28.41 25.09 -4.27
C ASN C 183 27.61 23.93 -3.68
N GLY C 184 28.27 23.12 -2.86
CA GLY C 184 27.59 22.06 -2.13
C GLY C 184 27.44 22.35 -0.65
N TYR C 185 26.21 22.44 -0.17
CA TYR C 185 25.92 22.81 1.21
C TYR C 185 25.29 21.64 1.97
N ARG C 186 25.37 21.72 3.30
CA ARG C 186 24.67 20.79 4.18
C ARG C 186 23.43 21.49 4.70
N TRP C 187 22.26 21.12 4.15
CA TRP C 187 21.00 21.77 4.45
C TRP C 187 20.24 21.00 5.53
N PRO C 188 19.52 21.71 6.39
CA PRO C 188 18.69 21.02 7.38
C PRO C 188 17.48 20.36 6.73
N TYR C 189 16.82 19.50 7.50
CA TYR C 189 15.54 18.96 7.09
C TYR C 189 14.38 19.78 7.63
N GLY C 190 14.57 20.48 8.74
CA GLY C 190 13.53 21.26 9.35
C GLY C 190 12.96 20.56 10.57
N PRO C 191 11.66 20.28 10.55
CA PRO C 191 11.04 19.53 11.66
C PRO C 191 11.45 18.07 11.62
N VAL C 192 11.96 17.57 12.76
CA VAL C 192 12.47 16.21 12.84
C VAL C 192 12.03 15.58 14.16
N ALA C 193 12.13 14.26 14.21
CA ALA C 193 11.79 13.47 15.39
C ALA C 193 12.98 12.63 15.82
N ILE C 194 13.11 12.44 17.13
CA ILE C 194 14.16 11.62 17.72
C ILE C 194 13.52 10.70 18.75
N ILE C 195 13.74 9.39 18.60
CA ILE C 195 13.14 8.37 19.47
C ILE C 195 14.25 7.42 19.91
N THR C 196 14.45 7.32 21.23
CA THR C 196 15.60 6.63 21.81
C THR C 196 15.14 5.59 22.83
N PRO C 197 16.00 4.60 23.14
CA PRO C 197 15.56 3.49 23.98
C PRO C 197 15.99 3.62 25.44
N PHE C 198 15.71 2.57 26.22
CA PHE C 198 15.91 2.63 27.67
C PHE C 198 17.38 2.58 28.06
N ASN C 199 18.23 1.90 27.28
CA ASN C 199 19.50 1.42 27.81
C ASN C 199 20.55 2.51 27.97
N PHE C 200 20.48 3.58 27.17
CA PHE C 200 21.36 4.74 27.33
C PHE C 200 20.49 5.98 27.51
N PRO C 201 20.08 6.29 28.73
CA PRO C 201 19.13 7.40 28.94
C PRO C 201 19.71 8.77 28.65
N LEU C 202 21.04 8.92 28.61
CA LEU C 202 21.67 10.20 28.35
C LEU C 202 22.39 10.24 27.00
N GLU C 203 23.31 9.29 26.76
CA GLU C 203 24.27 9.45 25.66
C GLU C 203 23.58 9.50 24.31
N ILE C 204 22.69 8.55 24.04
CA ILE C 204 22.05 8.46 22.73
C ILE C 204 21.14 9.66 22.48
N PRO C 205 20.19 10.00 23.36
CA PRO C 205 19.32 11.13 23.05
C PRO C 205 20.03 12.46 23.02
N LEU C 206 21.00 12.69 23.91
CA LEU C 206 21.69 13.98 23.95
C LEU C 206 22.48 14.22 22.68
N LEU C 207 23.23 13.20 22.23
CA LEU C 207 24.09 13.38 21.07
C LEU C 207 23.26 13.54 19.80
N GLN C 208 22.14 12.82 19.69
CA GLN C 208 21.28 13.00 18.53
C GLN C 208 20.50 14.30 18.61
N LEU C 209 20.18 14.76 19.83
CA LEU C 209 19.48 16.04 19.97
C LEU C 209 20.35 17.19 19.51
N MET C 210 21.59 17.24 20.00
CA MET C 210 22.50 18.34 19.66
C MET C 210 22.83 18.32 18.17
N GLY C 211 23.12 17.15 17.61
CA GLY C 211 23.40 17.07 16.19
C GLY C 211 22.24 17.58 15.34
N ALA C 212 21.01 17.22 15.72
CA ALA C 212 19.85 17.73 15.02
C ALA C 212 19.79 19.26 15.10
N LEU C 213 20.00 19.80 16.30
CA LEU C 213 19.97 21.25 16.48
C LEU C 213 21.13 21.93 15.75
N TYR C 214 22.32 21.31 15.78
CA TYR C 214 23.50 21.92 15.16
C TYR C 214 23.26 22.25 13.70
N MET C 215 22.68 21.31 12.96
CA MET C 215 22.49 21.48 11.53
C MET C 215 21.28 22.32 11.16
N GLY C 216 20.55 22.84 12.14
CA GLY C 216 19.43 23.73 11.88
C GLY C 216 18.06 23.11 11.93
N ASN C 217 17.90 21.93 12.53
CA ASN C 217 16.60 21.29 12.61
C ASN C 217 15.88 21.70 13.89
N LYS C 218 14.56 21.47 13.90
CA LYS C 218 13.81 21.58 15.14
C LYS C 218 13.32 20.20 15.53
N PRO C 219 13.83 19.62 16.60
CA PRO C 219 13.47 18.25 16.95
C PRO C 219 12.44 18.13 18.07
N VAL C 220 11.55 17.15 17.95
CA VAL C 220 10.80 16.64 19.09
C VAL C 220 11.51 15.36 19.55
N LEU C 221 11.80 15.26 20.83
CA LEU C 221 12.57 14.15 21.38
C LEU C 221 11.66 13.27 22.21
N LYS C 222 11.66 11.98 21.93
CA LYS C 222 10.97 10.99 22.75
C LYS C 222 11.99 9.99 23.26
N VAL C 223 12.07 9.88 24.59
CA VAL C 223 12.87 8.85 25.24
C VAL C 223 11.91 7.89 25.91
N ASP C 224 12.30 6.61 25.97
CA ASP C 224 11.50 5.60 26.67
C ASP C 224 11.17 6.08 28.07
N SER C 225 9.87 6.06 28.39
CA SER C 225 9.38 6.67 29.62
C SER C 225 10.03 6.08 30.86
N LYS C 226 10.49 4.82 30.78
CA LYS C 226 11.19 4.21 31.91
C LYS C 226 12.39 5.04 32.35
N VAL C 227 13.05 5.71 31.40
CA VAL C 227 14.32 6.38 31.67
C VAL C 227 14.32 7.85 31.30
N SER C 228 13.21 8.38 30.78
CA SER C 228 13.21 9.74 30.24
C SER C 228 13.47 10.81 31.30
N ILE C 229 13.52 10.45 32.59
CA ILE C 229 13.81 11.44 33.62
C ILE C 229 15.22 11.99 33.46
N VAL C 230 16.13 11.19 32.93
CA VAL C 230 17.51 11.64 32.74
C VAL C 230 17.55 12.80 31.76
N MET C 231 16.89 12.64 30.60
CA MET C 231 16.91 13.72 29.61
C MET C 231 16.06 14.90 30.03
N GLU C 232 15.02 14.67 30.85
CA GLU C 232 14.30 15.80 31.42
C GLU C 232 15.25 16.70 32.21
N GLN C 233 16.09 16.08 33.03
CA GLN C 233 17.08 16.84 33.80
C GLN C 233 18.14 17.45 32.90
N MET C 234 18.52 16.73 31.84
CA MET C 234 19.53 17.26 30.92
C MET C 234 19.00 18.46 30.15
N ILE C 235 17.72 18.41 29.74
CA ILE C 235 17.12 19.54 29.04
C ILE C 235 17.05 20.77 29.94
N ARG C 236 16.79 20.53 31.23
CA ARG C 236 16.82 21.64 32.20
C ARG C 236 18.22 22.23 32.32
N LEU C 237 19.25 21.38 32.29
CA LEU C 237 20.62 21.88 32.22
C LEU C 237 20.84 22.67 30.95
N LEU C 238 20.37 22.13 29.82
CA LEU C 238 20.59 22.79 28.53
C LEU C 238 19.88 24.13 28.47
N HIS C 239 18.66 24.21 29.00
CA HIS C 239 17.97 25.50 29.08
C HIS C 239 18.76 26.50 29.90
N ASP C 240 19.36 26.04 31.01
CA ASP C 240 20.19 26.91 31.83
C ASP C 240 21.45 27.35 31.08
N CYS C 241 21.91 26.55 30.12
CA CYS C 241 23.10 26.90 29.35
C CYS C 241 22.78 27.70 28.10
N GLY C 242 21.52 28.03 27.86
CA GLY C 242 21.14 28.90 26.76
C GLY C 242 20.33 28.27 25.65
N LEU C 243 19.94 27.00 25.79
CA LEU C 243 19.11 26.36 24.79
C LEU C 243 17.77 27.10 24.69
N PRO C 244 17.42 27.66 23.54
CA PRO C 244 16.19 28.45 23.45
C PRO C 244 14.95 27.58 23.65
N ALA C 245 13.96 28.16 24.32
CA ALA C 245 12.76 27.41 24.69
C ALA C 245 12.01 26.89 23.46
N GLU C 246 12.09 27.61 22.35
CA GLU C 246 11.31 27.27 21.16
C GLU C 246 12.04 26.33 20.21
N ASP C 247 13.27 25.93 20.53
CA ASP C 247 14.08 25.17 19.58
C ASP C 247 13.79 23.67 19.62
N MET C 248 13.26 23.15 20.72
CA MET C 248 13.01 21.71 20.77
C MET C 248 11.81 21.43 21.68
N ASP C 249 11.22 20.25 21.47
CA ASP C 249 10.16 19.74 22.32
C ASP C 249 10.55 18.37 22.87
N PHE C 250 9.99 18.04 24.03
CA PHE C 250 10.28 16.79 24.73
C PHE C 250 8.95 16.13 25.04
N ILE C 251 8.72 14.94 24.49
CA ILE C 251 7.43 14.26 24.61
C ILE C 251 7.63 12.92 25.30
N ASN C 252 6.76 12.63 26.26
CA ASN C 252 6.64 11.31 26.85
C ASN C 252 5.30 10.73 26.44
N SER C 253 5.30 9.50 25.97
CA SER C 253 4.08 8.84 25.53
C SER C 253 4.40 7.36 25.32
N ASP C 254 3.36 6.57 25.14
CA ASP C 254 3.57 5.21 24.68
C ASP C 254 3.90 5.22 23.18
N GLY C 255 4.34 4.07 22.68
CA GLY C 255 4.74 4.00 21.28
C GLY C 255 3.61 4.35 20.32
N ALA C 256 2.39 3.96 20.65
CA ALA C 256 1.27 4.18 19.74
C ALA C 256 1.00 5.66 19.53
N VAL C 257 1.12 6.46 20.59
CA VAL C 257 0.86 7.90 20.48
C VAL C 257 1.96 8.57 19.66
N MET C 258 3.22 8.18 19.88
CA MET C 258 4.30 8.74 19.10
C MET C 258 4.16 8.38 17.63
N ASN C 259 3.78 7.14 17.33
CA ASN C 259 3.50 6.74 15.96
C ASN C 259 2.44 7.62 15.34
N LYS C 260 1.41 7.98 16.11
CA LYS C 260 0.36 8.86 15.62
C LYS C 260 0.92 10.24 15.31
N LEU C 261 1.71 10.81 16.23
CA LEU C 261 2.28 12.14 16.01
C LEU C 261 3.17 12.16 14.77
N LEU C 262 3.93 11.09 14.55
CA LEU C 262 4.77 11.01 13.36
C LEU C 262 3.95 11.13 12.09
N LEU C 263 2.81 10.43 12.04
CA LEU C 263 2.02 10.41 10.81
C LEU C 263 1.19 11.69 10.64
N GLU C 264 0.88 12.40 11.72
CA GLU C 264 0.13 13.65 11.61
C GLU C 264 1.05 14.86 11.44
N ALA C 265 2.24 14.84 12.04
CA ALA C 265 3.15 15.98 11.98
C ALA C 265 4.07 15.96 10.78
N ASN C 266 4.22 14.78 10.15
CA ASN C 266 5.07 14.57 8.98
C ASN C 266 6.45 15.21 9.16
N PRO C 267 7.25 14.71 10.10
CA PRO C 267 8.63 15.18 10.20
C PRO C 267 9.41 14.78 8.94
N LYS C 268 10.32 15.66 8.54
CA LYS C 268 11.11 15.40 7.34
C LYS C 268 12.24 14.42 7.59
N MET C 269 12.57 14.15 8.85
CA MET C 269 13.55 13.15 9.22
C MET C 269 13.22 12.62 10.60
N THR C 270 13.37 11.32 10.78
CA THR C 270 13.17 10.69 12.08
C THR C 270 14.38 9.84 12.39
N LEU C 271 15.01 10.09 13.54
CA LEU C 271 16.06 9.23 14.06
C LEU C 271 15.42 8.27 15.05
N PHE C 272 15.47 6.97 14.74
CA PHE C 272 14.98 5.96 15.66
C PHE C 272 16.13 5.09 16.12
N THR C 273 16.25 4.93 17.45
CA THR C 273 17.19 4.00 18.05
C THR C 273 16.41 3.06 18.95
N GLY C 274 16.44 1.77 18.64
CA GLY C 274 15.70 0.80 19.41
C GLY C 274 15.63 -0.56 18.75
N SER C 275 14.52 -1.26 18.94
CA SER C 275 14.39 -2.63 18.47
C SER C 275 14.26 -2.69 16.95
N SER C 276 14.80 -3.77 16.37
CA SER C 276 14.72 -3.99 14.93
C SER C 276 13.26 -4.03 14.47
N ARG C 277 12.38 -4.59 15.30
CA ARG C 277 10.98 -4.73 14.92
C ARG C 277 10.31 -3.37 14.75
N VAL C 278 10.49 -2.47 15.72
CA VAL C 278 9.91 -1.13 15.62
C VAL C 278 10.57 -0.33 14.51
N ALA C 279 11.89 -0.47 14.37
CA ALA C 279 12.62 0.26 13.33
C ALA C 279 12.05 -0.02 11.95
N GLU C 280 11.89 -1.30 11.60
CA GLU C 280 11.36 -1.65 10.29
C GLU C 280 9.91 -1.20 10.12
N LYS C 281 9.13 -1.23 11.20
CA LYS C 281 7.76 -0.72 11.15
C LYS C 281 7.74 0.76 10.81
N LEU C 282 8.56 1.55 11.52
CA LEU C 282 8.60 2.99 11.25
C LEU C 282 9.13 3.28 9.86
N ALA C 283 10.14 2.52 9.42
CA ALA C 283 10.69 2.73 8.09
C ALA C 283 9.64 2.54 7.00
N ALA C 284 8.68 1.64 7.23
CA ALA C 284 7.57 1.49 6.30
C ALA C 284 6.53 2.58 6.49
N ASP C 285 6.18 2.87 7.74
CA ASP C 285 5.17 3.89 8.03
C ASP C 285 5.61 5.25 7.49
N LEU C 286 6.86 5.63 7.74
CA LEU C 286 7.40 6.89 7.25
C LEU C 286 7.98 6.77 5.85
N LYS C 287 7.74 5.63 5.18
CA LYS C 287 8.18 5.40 3.80
C LYS C 287 9.67 5.67 3.63
N GLY C 288 10.44 5.33 4.66
CA GLY C 288 11.89 5.43 4.56
C GLY C 288 12.47 6.77 4.92
N ARG C 289 11.67 7.75 5.35
CA ARG C 289 12.21 9.03 5.81
C ARG C 289 12.74 8.89 7.23
N VAL C 290 13.69 7.96 7.40
CA VAL C 290 14.20 7.58 8.71
C VAL C 290 15.70 7.33 8.62
N LYS C 291 16.38 7.51 9.75
CA LYS C 291 17.70 6.93 9.98
C LYS C 291 17.60 5.99 11.16
N LEU C 292 18.26 4.84 11.07
CA LEU C 292 18.04 3.76 12.02
C LEU C 292 19.34 3.35 12.69
N GLU C 293 19.33 3.32 14.02
CA GLU C 293 20.30 2.58 14.81
C GLU C 293 19.50 1.45 15.46
N ASP C 294 19.34 0.35 14.72
CA ASP C 294 18.50 -0.74 15.19
C ASP C 294 19.33 -1.77 15.98
N ALA C 295 18.78 -2.95 16.17
CA ALA C 295 19.45 -3.96 16.95
C ALA C 295 20.72 -4.44 16.25
N GLY C 296 21.48 -5.26 16.93
CA GLY C 296 22.64 -5.90 16.35
C GLY C 296 22.82 -7.28 16.95
N PHE C 297 23.43 -8.17 16.16
CA PHE C 297 23.92 -9.44 16.67
C PHE C 297 25.43 -9.40 16.48
N ASP C 298 26.11 -8.79 17.44
CA ASP C 298 27.51 -8.44 17.30
C ASP C 298 28.40 -9.63 17.67
N TRP C 299 29.38 -9.91 16.81
CA TRP C 299 30.23 -11.08 16.96
C TRP C 299 31.65 -10.68 17.31
N LYS C 300 32.37 -11.66 17.87
CA LYS C 300 33.80 -11.54 18.09
C LYS C 300 34.49 -12.79 17.54
N ILE C 301 35.50 -12.59 16.70
CA ILE C 301 36.29 -13.66 16.14
C ILE C 301 37.67 -13.61 16.78
N LEU C 302 38.11 -14.74 17.33
CA LEU C 302 39.46 -14.87 17.85
C LEU C 302 40.34 -15.49 16.77
N GLY C 303 41.46 -14.84 16.48
CA GLY C 303 42.36 -15.34 15.47
C GLY C 303 43.18 -16.51 15.95
N PRO C 304 44.11 -16.95 15.10
CA PRO C 304 44.96 -18.08 15.46
C PRO C 304 46.08 -17.76 16.43
N ASP C 305 46.42 -16.49 16.61
CA ASP C 305 47.61 -16.09 17.39
C ASP C 305 47.20 -15.85 18.83
N VAL C 306 47.21 -16.93 19.62
CA VAL C 306 46.87 -16.83 21.04
C VAL C 306 47.91 -16.00 21.76
N GLN C 307 47.45 -15.02 22.52
CA GLN C 307 48.30 -14.14 23.31
C GLN C 307 47.41 -13.26 24.16
N GLU C 308 47.99 -12.72 25.24
CA GLU C 308 47.30 -11.79 26.14
C GLU C 308 45.95 -12.36 26.58
N VAL C 309 45.98 -13.61 27.04
CA VAL C 309 44.73 -14.33 27.35
C VAL C 309 43.96 -13.60 28.44
N ASP C 310 44.63 -13.16 29.49
CA ASP C 310 43.97 -12.45 30.58
C ASP C 310 43.25 -11.21 30.07
N TYR C 311 43.95 -10.37 29.30
CA TYR C 311 43.34 -9.17 28.77
C TYR C 311 42.18 -9.50 27.84
N VAL C 312 42.35 -10.49 26.97
CA VAL C 312 41.30 -10.87 26.05
C VAL C 312 40.08 -11.38 26.81
N ALA C 313 40.32 -12.14 27.89
CA ALA C 313 39.20 -12.64 28.69
C ALA C 313 38.45 -11.50 29.35
N TRP C 314 39.17 -10.48 29.83
CA TRP C 314 38.53 -9.33 30.46
C TRP C 314 37.62 -8.61 29.49
N VAL C 315 38.11 -8.37 28.27
CA VAL C 315 37.28 -7.70 27.27
C VAL C 315 36.06 -8.55 26.92
N CYS C 316 36.24 -9.87 26.87
CA CYS C 316 35.13 -10.77 26.59
C CYS C 316 34.05 -10.66 27.67
N ASP C 317 34.46 -10.62 28.94
CA ASP C 317 33.49 -10.48 30.02
C ASP C 317 32.80 -9.12 29.95
N GLN C 318 33.57 -8.05 29.75
CA GLN C 318 32.99 -6.71 29.69
C GLN C 318 32.09 -6.56 28.46
N ASP C 319 32.55 -7.05 27.31
CA ASP C 319 31.75 -6.94 26.09
C ASP C 319 30.41 -7.65 26.24
N ALA C 320 30.39 -8.79 26.93
CA ALA C 320 29.19 -9.61 26.95
C ALA C 320 28.23 -9.20 28.06
N TYR C 321 28.74 -8.81 29.23
CA TYR C 321 27.90 -8.74 30.41
C TYR C 321 27.89 -7.40 31.15
N ALA C 322 28.69 -6.43 30.75
CA ALA C 322 28.54 -5.10 31.31
C ALA C 322 27.13 -4.59 30.98
N CYS C 323 26.50 -3.94 31.97
CA CYS C 323 25.10 -3.56 31.90
C CYS C 323 24.18 -4.76 31.68
N SER C 324 24.66 -5.95 32.04
CA SER C 324 23.92 -7.20 31.84
C SER C 324 23.60 -7.44 30.37
N GLY C 325 24.53 -7.07 29.49
CA GLY C 325 24.35 -7.28 28.07
C GLY C 325 23.39 -6.33 27.39
N GLN C 326 22.90 -5.32 28.10
CA GLN C 326 21.92 -4.39 27.54
C GLN C 326 22.61 -3.22 26.84
N LYS C 327 23.41 -3.58 25.83
CA LYS C 327 24.04 -2.65 24.92
C LYS C 327 23.80 -3.13 23.50
N CYS C 328 23.43 -2.22 22.61
CA CYS C 328 23.29 -2.60 21.20
C CYS C 328 24.61 -3.10 20.62
N SER C 329 25.73 -2.84 21.30
CA SER C 329 27.05 -3.24 20.85
C SER C 329 27.55 -4.50 21.55
N ALA C 330 26.71 -5.15 22.36
CA ALA C 330 27.20 -6.22 23.22
C ALA C 330 27.61 -7.45 22.41
N GLN C 331 28.56 -8.19 22.97
CA GLN C 331 29.06 -9.42 22.35
C GLN C 331 28.00 -10.52 22.51
N SER C 332 27.39 -10.92 21.40
CA SER C 332 26.35 -11.95 21.41
C SER C 332 26.81 -13.30 20.89
N VAL C 333 27.92 -13.36 20.15
CA VAL C 333 28.50 -14.63 19.76
C VAL C 333 30.02 -14.48 19.72
N LEU C 334 30.71 -15.54 20.13
CA LEU C 334 32.17 -15.58 20.14
C LEU C 334 32.63 -16.78 19.32
N PHE C 335 33.36 -16.52 18.24
CA PHE C 335 33.91 -17.58 17.40
C PHE C 335 35.34 -17.83 17.87
N MET C 336 35.55 -18.95 18.57
CA MET C 336 36.86 -19.27 19.14
C MET C 336 37.65 -20.14 18.16
N HIS C 337 38.80 -19.65 17.72
CA HIS C 337 39.72 -20.49 16.99
C HIS C 337 40.18 -21.63 17.90
N LYS C 338 40.35 -22.82 17.32
CA LYS C 338 40.71 -23.98 18.11
C LYS C 338 42.00 -23.76 18.90
N ASN C 339 42.90 -22.93 18.37
CA ASN C 339 44.14 -22.61 19.08
C ASN C 339 43.86 -22.02 20.45
N TRP C 340 42.70 -21.40 20.64
CA TRP C 340 42.37 -20.78 21.92
C TRP C 340 41.80 -21.77 22.93
N SER C 341 41.47 -22.99 22.50
CA SER C 341 40.78 -23.92 23.40
C SER C 341 41.65 -24.39 24.55
N SER C 342 42.98 -24.33 24.41
CA SER C 342 43.89 -24.74 25.46
C SER C 342 44.48 -23.55 26.21
N SER C 343 44.01 -22.33 25.92
CA SER C 343 44.58 -21.12 26.51
C SER C 343 44.09 -20.86 27.92
N GLY C 344 43.00 -21.49 28.35
CA GLY C 344 42.35 -21.12 29.58
C GLY C 344 41.40 -19.96 29.47
N LEU C 345 41.11 -19.49 28.26
CA LEU C 345 40.22 -18.35 28.06
C LEU C 345 38.84 -18.61 28.66
N LEU C 346 38.22 -19.73 28.27
CA LEU C 346 36.87 -20.03 28.74
C LEU C 346 36.84 -20.18 30.25
N GLU C 347 37.88 -20.79 30.84
CA GLU C 347 37.95 -20.89 32.29
C GLU C 347 37.97 -19.52 32.94
N LYS C 348 38.72 -18.58 32.36
CA LYS C 348 38.78 -17.23 32.92
C LYS C 348 37.49 -16.47 32.69
N MET C 349 36.82 -16.71 31.55
CA MET C 349 35.53 -16.07 31.30
C MET C 349 34.49 -16.52 32.32
N LYS C 350 34.47 -17.81 32.62
CA LYS C 350 33.57 -18.32 33.66
C LYS C 350 33.84 -17.64 35.00
N LYS C 351 35.11 -17.61 35.41
CA LYS C 351 35.47 -16.96 36.67
C LYS C 351 35.08 -15.49 36.67
N LEU C 352 35.34 -14.79 35.55
CA LEU C 352 35.02 -13.36 35.49
C LEU C 352 33.51 -13.13 35.53
N SER C 353 32.72 -13.99 34.88
CA SER C 353 31.28 -13.86 34.93
C SER C 353 30.73 -14.05 36.33
N GLU C 354 31.42 -14.86 37.15
CA GLU C 354 30.91 -15.23 38.47
C GLU C 354 31.21 -14.18 39.53
N ARG C 355 32.11 -13.25 39.27
CA ARG C 355 32.30 -12.15 40.21
C ARG C 355 31.32 -11.00 39.97
N ARG C 356 30.48 -11.10 38.95
CA ARG C 356 29.43 -10.11 38.72
C ARG C 356 28.30 -10.31 39.73
N LYS C 357 27.83 -9.21 40.29
CA LYS C 357 26.88 -9.29 41.39
C LYS C 357 25.90 -8.14 41.33
N LEU C 358 24.74 -8.33 41.95
CA LEU C 358 23.69 -7.33 41.95
C LEU C 358 24.07 -6.13 42.80
N GLU C 359 24.96 -6.33 43.77
CA GLU C 359 25.21 -5.31 44.78
C GLU C 359 25.84 -4.05 44.17
N ASP C 360 26.69 -4.22 43.16
CA ASP C 360 27.22 -3.09 42.41
C ASP C 360 26.68 -3.04 41.00
N LEU C 361 25.64 -3.82 40.70
CA LEU C 361 24.97 -3.82 39.39
C LEU C 361 25.90 -4.23 38.25
N THR C 362 26.95 -5.01 38.57
CA THR C 362 27.68 -5.68 37.51
C THR C 362 26.88 -6.81 36.88
N ILE C 363 25.80 -7.24 37.54
CA ILE C 363 24.69 -7.94 36.91
C ILE C 363 23.43 -7.32 37.50
N GLY C 364 22.34 -7.33 36.73
CA GLY C 364 21.16 -6.65 37.20
C GLY C 364 19.89 -6.86 36.41
N PRO C 365 18.90 -6.00 36.66
CA PRO C 365 17.59 -6.17 36.00
C PRO C 365 17.72 -6.03 34.50
N VAL C 366 17.00 -6.90 33.79
CA VAL C 366 16.96 -6.91 32.34
C VAL C 366 15.61 -6.34 31.92
N LEU C 367 15.62 -5.12 31.38
CA LEU C 367 14.39 -4.34 31.32
C LEU C 367 13.44 -4.78 30.20
N THR C 368 13.93 -5.49 29.18
CA THR C 368 13.07 -5.87 28.07
C THR C 368 13.07 -7.36 27.77
N VAL C 369 13.66 -8.20 28.62
CA VAL C 369 13.61 -9.66 28.45
C VAL C 369 13.40 -10.29 29.82
N THR C 370 12.35 -11.11 29.96
CA THR C 370 12.05 -11.71 31.26
C THR C 370 12.99 -12.89 31.53
N THR C 371 13.07 -13.26 32.80
CA THR C 371 13.85 -14.43 33.19
C THR C 371 13.36 -15.67 32.47
N GLU C 372 12.04 -15.90 32.48
CA GLU C 372 11.47 -17.07 31.83
C GLU C 372 11.76 -17.06 30.34
N ALA C 373 11.80 -15.88 29.72
CA ALA C 373 12.13 -15.80 28.30
C ALA C 373 13.58 -16.19 28.05
N MET C 374 14.49 -15.77 28.93
CA MET C 374 15.90 -16.13 28.78
C MET C 374 16.10 -17.62 29.06
N ILE C 375 15.42 -18.16 30.07
CA ILE C 375 15.49 -19.60 30.33
C ILE C 375 15.00 -20.39 29.12
N GLU C 376 13.87 -19.95 28.54
CA GLU C 376 13.28 -20.66 27.41
C GLU C 376 14.21 -20.66 26.21
N HIS C 377 14.81 -19.50 25.92
CA HIS C 377 15.77 -19.42 24.81
C HIS C 377 16.94 -20.37 25.03
N MET C 378 17.45 -20.42 26.27
CA MET C 378 18.57 -21.30 26.56
C MET C 378 18.21 -22.76 26.32
N ASN C 379 17.05 -23.19 26.82
CA ASN C 379 16.63 -24.57 26.65
C ASN C 379 16.35 -24.91 25.19
N ASN C 380 15.88 -23.95 24.40
CA ASN C 380 15.74 -24.18 22.97
C ASN C 380 17.09 -24.39 22.32
N LEU C 381 18.10 -23.61 22.71
CA LEU C 381 19.45 -23.82 22.20
C LEU C 381 20.00 -25.16 22.65
N LEU C 382 19.69 -25.57 23.88
CA LEU C 382 20.19 -26.84 24.41
C LEU C 382 19.59 -28.05 23.71
N LYS C 383 18.52 -27.89 22.93
CA LYS C 383 18.02 -28.98 22.12
C LYS C 383 18.97 -29.32 20.98
N ILE C 384 19.87 -28.40 20.64
CA ILE C 384 20.76 -28.58 19.50
C ILE C 384 21.87 -29.56 19.88
N ARG C 385 22.15 -30.49 18.98
CA ARG C 385 23.09 -31.58 19.22
C ARG C 385 24.50 -31.06 19.45
N GLY C 386 25.11 -31.46 20.56
CA GLY C 386 26.43 -31.00 20.94
C GLY C 386 26.47 -29.77 21.80
N SER C 387 25.32 -29.15 22.08
CA SER C 387 25.28 -27.90 22.83
C SER C 387 25.39 -28.15 24.33
N LYS C 388 26.01 -27.19 25.02
CA LYS C 388 26.15 -27.27 26.47
C LYS C 388 26.22 -25.87 27.06
N VAL C 389 25.81 -25.75 28.32
CA VAL C 389 25.95 -24.51 29.07
C VAL C 389 27.37 -24.41 29.58
N LEU C 390 28.09 -23.37 29.18
CA LEU C 390 29.45 -23.16 29.65
C LEU C 390 29.47 -22.57 31.05
N PHE C 391 28.61 -21.59 31.33
CA PHE C 391 28.47 -21.07 32.68
C PHE C 391 27.16 -20.30 32.77
N GLY C 392 26.71 -20.08 34.00
CA GLY C 392 25.44 -19.39 34.19
C GLY C 392 24.28 -20.32 33.90
N GLY C 393 23.23 -19.75 33.32
CA GLY C 393 22.03 -20.51 33.01
C GLY C 393 21.03 -20.62 34.14
N GLU C 394 21.24 -19.89 35.23
CA GLU C 394 20.36 -19.91 36.39
C GLU C 394 19.94 -18.49 36.74
N PRO C 395 18.76 -18.31 37.31
CA PRO C 395 18.30 -16.96 37.67
C PRO C 395 19.10 -16.40 38.83
N LEU C 396 19.12 -15.07 38.92
CA LEU C 396 19.65 -14.43 40.11
C LEU C 396 18.78 -14.80 41.31
N ALA C 397 19.40 -14.81 42.48
CA ALA C 397 18.71 -15.07 43.73
C ALA C 397 18.77 -13.85 44.63
N ASN C 398 17.95 -13.87 45.68
CA ASN C 398 17.98 -12.88 46.75
C ASN C 398 17.77 -11.46 46.21
N HIS C 399 16.65 -11.25 45.53
CA HIS C 399 16.39 -9.94 44.95
C HIS C 399 14.89 -9.66 44.93
N SER C 400 14.56 -8.39 44.69
CA SER C 400 13.18 -7.94 44.59
C SER C 400 12.85 -7.38 43.20
N ILE C 401 13.62 -7.75 42.19
CA ILE C 401 13.40 -7.29 40.82
C ILE C 401 12.02 -7.76 40.37
N PRO C 402 11.11 -6.84 40.02
CA PRO C 402 9.76 -7.25 39.62
C PRO C 402 9.79 -8.16 38.40
N LYS C 403 8.83 -9.08 38.37
CA LYS C 403 8.86 -10.18 37.40
C LYS C 403 8.82 -9.70 35.96
N ILE C 404 8.36 -8.48 35.69
CA ILE C 404 8.35 -7.97 34.32
C ILE C 404 9.76 -7.82 33.77
N TYR C 405 10.76 -7.71 34.63
CA TYR C 405 12.15 -7.59 34.22
C TYR C 405 12.90 -8.88 34.51
N GLY C 406 13.90 -9.17 33.68
CA GLY C 406 14.68 -10.38 33.86
C GLY C 406 15.77 -10.23 34.89
N ALA C 407 16.11 -11.35 35.52
CA ALA C 407 17.16 -11.41 36.55
C ALA C 407 17.90 -12.73 36.37
N MET C 408 18.98 -12.69 35.58
CA MET C 408 19.74 -13.88 35.23
C MET C 408 21.21 -13.69 35.59
N LYS C 409 21.86 -14.80 35.94
CA LYS C 409 23.30 -14.82 36.03
C LYS C 409 23.88 -14.76 34.61
N PRO C 410 25.09 -14.21 34.45
CA PRO C 410 25.70 -14.18 33.13
C PRO C 410 25.82 -15.58 32.56
N THR C 411 25.38 -15.74 31.32
CA THR C 411 25.21 -17.06 30.73
C THR C 411 25.90 -17.12 29.39
N ALA C 412 26.56 -18.26 29.14
CA ALA C 412 27.13 -18.57 27.84
C ALA C 412 26.77 -20.00 27.48
N VAL C 413 26.34 -20.19 26.24
CA VAL C 413 25.92 -21.50 25.74
C VAL C 413 26.79 -21.84 24.54
N PHE C 414 27.43 -23.01 24.59
CA PHE C 414 28.22 -23.47 23.46
C PHE C 414 27.33 -24.18 22.45
N VAL C 415 27.46 -23.82 21.18
CA VAL C 415 26.78 -24.55 20.11
C VAL C 415 27.80 -24.88 19.04
N PRO C 416 27.89 -26.13 18.59
CA PRO C 416 28.85 -26.49 17.54
C PRO C 416 28.59 -25.71 16.26
N LEU C 417 29.69 -25.25 15.63
CA LEU C 417 29.58 -24.35 14.49
C LEU C 417 28.81 -24.96 13.33
N GLU C 418 29.07 -26.23 13.02
CA GLU C 418 28.36 -26.88 11.92
C GLU C 418 26.86 -26.96 12.20
N GLU C 419 26.46 -27.01 13.47
CA GLU C 419 25.05 -27.03 13.82
C GLU C 419 24.43 -25.64 13.71
N ILE C 420 25.20 -24.60 14.06
CA ILE C 420 24.71 -23.22 13.94
C ILE C 420 24.29 -22.92 12.51
N LEU C 421 25.04 -23.43 11.54
CA LEU C 421 24.83 -23.04 10.15
C LEU C 421 23.60 -23.68 9.53
N LYS C 422 23.03 -24.70 10.17
CA LYS C 422 21.81 -25.31 9.66
C LYS C 422 20.66 -24.32 9.73
N SER C 423 19.75 -24.40 8.75
CA SER C 423 18.56 -23.58 8.77
C SER C 423 17.68 -23.95 9.95
N GLY C 424 16.94 -22.96 10.46
CA GLY C 424 16.17 -23.15 11.67
C GLY C 424 17.00 -22.91 12.91
N ASN C 425 18.10 -23.66 13.04
CA ASN C 425 19.06 -23.41 14.11
C ASN C 425 19.63 -22.00 14.02
N PHE C 426 19.98 -21.56 12.81
CA PHE C 426 20.70 -20.30 12.66
C PHE C 426 19.87 -19.12 13.15
N GLU C 427 18.58 -19.09 12.79
CA GLU C 427 17.73 -18.01 13.27
C GLU C 427 17.63 -18.03 14.79
N LEU C 428 17.57 -19.23 15.38
CA LEU C 428 17.50 -19.33 16.83
C LEU C 428 18.82 -18.88 17.46
N VAL C 429 19.95 -19.33 16.91
CA VAL C 429 21.25 -19.02 17.49
C VAL C 429 21.54 -17.53 17.38
N THR C 430 21.19 -16.91 16.26
CA THR C 430 21.48 -15.50 16.02
C THR C 430 20.33 -14.59 16.45
N LYS C 431 19.40 -15.09 17.26
CA LYS C 431 18.39 -14.22 17.84
C LYS C 431 19.04 -13.33 18.90
N GLU C 432 18.80 -12.03 18.82
CA GLU C 432 19.38 -11.12 19.81
C GLU C 432 18.64 -11.26 21.14
N ILE C 433 19.40 -11.52 22.20
CA ILE C 433 18.88 -11.56 23.56
C ILE C 433 19.45 -10.35 24.28
N PHE C 434 18.64 -9.30 24.44
CA PHE C 434 19.09 -8.07 25.08
C PHE C 434 19.18 -8.33 26.59
N GLY C 435 20.14 -9.16 26.96
CA GLY C 435 20.36 -9.58 28.32
C GLY C 435 21.71 -10.24 28.45
N PRO C 436 22.03 -10.76 29.63
CA PRO C 436 23.39 -11.28 29.88
C PRO C 436 23.59 -12.69 29.32
N PHE C 437 23.66 -12.77 27.98
CA PHE C 437 23.61 -14.06 27.30
C PHE C 437 24.43 -13.98 26.02
N GLN C 438 25.25 -15.00 25.78
CA GLN C 438 26.01 -15.11 24.54
C GLN C 438 26.13 -16.56 24.12
N VAL C 439 26.33 -16.77 22.83
CA VAL C 439 26.63 -18.08 22.27
C VAL C 439 28.13 -18.13 22.02
N VAL C 440 28.74 -19.29 22.31
CA VAL C 440 30.15 -19.52 22.06
C VAL C 440 30.27 -20.72 21.13
N THR C 441 31.16 -20.61 20.16
CA THR C 441 31.39 -21.72 19.23
C THR C 441 32.88 -21.78 18.90
N GLU C 442 33.26 -22.84 18.22
CA GLU C 442 34.66 -23.09 17.89
C GLU C 442 34.83 -23.37 16.41
N TYR C 443 35.96 -22.93 15.87
CA TYR C 443 36.29 -23.17 14.47
C TYR C 443 37.76 -23.52 14.34
N SER C 444 38.06 -24.49 13.48
CA SER C 444 39.42 -24.94 13.25
C SER C 444 40.09 -24.06 12.20
N GLU C 445 41.38 -24.32 11.98
CA GLU C 445 42.14 -23.58 10.98
C GLU C 445 41.55 -23.73 9.58
N ASP C 446 40.75 -24.77 9.34
CA ASP C 446 40.15 -25.04 8.05
C ASP C 446 38.68 -24.64 8.00
N GLN C 447 38.21 -23.83 8.95
CA GLN C 447 36.79 -23.52 9.04
C GLN C 447 36.48 -22.03 9.03
N LEU C 448 37.45 -21.19 8.64
CA LEU C 448 37.20 -19.75 8.64
C LEU C 448 36.05 -19.38 7.71
N GLU C 449 35.90 -20.11 6.61
CA GLU C 449 34.80 -19.85 5.69
C GLU C 449 33.44 -20.07 6.35
N LEU C 450 33.35 -21.05 7.25
CA LEU C 450 32.09 -21.29 7.95
C LEU C 450 31.75 -20.13 8.88
N VAL C 451 32.76 -19.58 9.57
CA VAL C 451 32.54 -18.41 10.42
C VAL C 451 32.08 -17.22 9.56
N LEU C 452 32.78 -16.96 8.46
CA LEU C 452 32.42 -15.84 7.61
C LEU C 452 31.07 -16.04 6.94
N GLU C 453 30.71 -17.29 6.63
CA GLU C 453 29.36 -17.55 6.16
C GLU C 453 28.33 -17.16 7.21
N ALA C 454 28.59 -17.49 8.47
CA ALA C 454 27.67 -17.14 9.55
C ALA C 454 27.51 -15.63 9.68
N CYS C 455 28.62 -14.89 9.61
CA CYS C 455 28.55 -13.43 9.73
C CYS C 455 27.80 -12.83 8.56
N GLU C 456 28.00 -13.35 7.35
CA GLU C 456 27.29 -12.84 6.19
C GLU C 456 25.80 -13.15 6.24
N ARG C 457 25.42 -14.27 6.87
CA ARG C 457 24.01 -14.65 6.89
C ARG C 457 23.21 -13.87 7.94
N MET C 458 23.88 -13.19 8.87
CA MET C 458 23.18 -12.36 9.83
C MET C 458 22.55 -11.16 9.13
N ASN C 459 21.41 -10.72 9.64
CA ASN C 459 20.73 -9.57 9.05
C ASN C 459 21.15 -8.23 9.65
N ALA C 460 21.92 -8.22 10.73
CA ALA C 460 22.36 -6.99 11.36
C ALA C 460 23.89 -6.91 11.32
N HIS C 461 24.41 -5.70 11.08
CA HIS C 461 25.85 -5.47 10.95
C HIS C 461 26.22 -4.19 11.71
N LEU C 462 26.21 -4.29 13.04
CA LEU C 462 26.53 -3.15 13.89
C LEU C 462 28.00 -3.21 14.34
N THR C 463 28.28 -3.83 15.48
CA THR C 463 29.66 -3.92 15.94
C THR C 463 30.21 -5.34 15.79
N ALA C 464 31.53 -5.42 15.78
CA ALA C 464 32.24 -6.67 15.63
C ALA C 464 33.67 -6.47 16.10
N ALA C 465 34.31 -7.57 16.50
CA ALA C 465 35.69 -7.54 16.96
C ALA C 465 36.45 -8.72 16.37
N ILE C 466 37.67 -8.45 15.91
CA ILE C 466 38.56 -9.48 15.36
C ILE C 466 39.81 -9.45 16.22
N VAL C 467 39.93 -10.41 17.14
CA VAL C 467 41.01 -10.41 18.13
C VAL C 467 42.20 -11.13 17.48
N SER C 468 43.07 -10.35 16.86
CA SER C 468 44.28 -10.87 16.22
C SER C 468 45.17 -9.70 15.83
N ASN C 469 46.48 -9.92 15.88
CA ASN C 469 47.45 -8.98 15.33
C ASN C 469 48.06 -9.46 14.02
N ASP C 470 47.59 -10.59 13.50
CA ASP C 470 48.01 -11.12 12.20
C ASP C 470 47.43 -10.24 11.10
N PRO C 471 48.25 -9.45 10.40
CA PRO C 471 47.68 -8.55 9.39
C PRO C 471 47.08 -9.27 8.20
N LEU C 472 47.57 -10.47 7.87
CA LEU C 472 46.98 -11.22 6.77
C LEU C 472 45.60 -11.77 7.15
N PHE C 473 45.48 -12.31 8.36
CA PHE C 473 44.18 -12.73 8.88
C PHE C 473 43.24 -11.53 9.01
N LEU C 474 43.76 -10.42 9.54
CA LEU C 474 42.93 -9.23 9.77
C LEU C 474 42.36 -8.70 8.46
N GLN C 475 43.21 -8.50 7.45
CA GLN C 475 42.73 -7.96 6.18
C GLN C 475 41.81 -8.96 5.47
N ASP C 476 42.04 -10.26 5.65
CA ASP C 476 41.14 -11.26 5.08
C ASP C 476 39.74 -11.15 5.67
N VAL C 477 39.65 -11.08 7.00
CA VAL C 477 38.34 -11.07 7.65
C VAL C 477 37.66 -9.72 7.48
N LEU C 478 38.42 -8.62 7.61
CA LEU C 478 37.85 -7.31 7.38
C LEU C 478 37.35 -7.16 5.94
N GLY C 479 38.12 -7.67 4.97
CA GLY C 479 37.69 -7.55 3.59
C GLY C 479 36.42 -8.32 3.29
N ARG C 480 36.14 -9.36 4.08
CA ARG C 480 34.98 -10.21 3.86
C ARG C 480 33.99 -10.14 5.03
N SER C 481 33.75 -8.91 5.50
CA SER C 481 32.75 -8.62 6.52
C SER C 481 32.23 -7.21 6.28
N VAL C 482 31.28 -6.78 7.11
CA VAL C 482 30.47 -5.59 6.81
C VAL C 482 30.35 -4.63 7.99
N ASN C 483 30.29 -5.17 9.21
CA ASN C 483 29.73 -4.46 10.36
C ASN C 483 30.26 -3.03 10.52
N GLY C 484 29.33 -2.12 10.79
CA GLY C 484 29.64 -0.70 10.66
C GLY C 484 30.68 -0.18 11.63
N THR C 485 30.83 -0.85 12.77
CA THR C 485 31.82 -0.46 13.77
C THR C 485 32.59 -1.71 14.16
N THR C 486 33.69 -1.97 13.48
CA THR C 486 34.48 -3.18 13.65
C THR C 486 35.83 -2.84 14.26
N TYR C 487 36.18 -3.50 15.35
CA TYR C 487 37.48 -3.33 15.99
C TYR C 487 38.38 -4.51 15.63
N ALA C 488 39.66 -4.24 15.41
CA ALA C 488 40.62 -5.25 14.99
C ALA C 488 41.93 -5.03 15.72
N GLY C 489 42.55 -6.14 16.12
CA GLY C 489 43.70 -6.10 17.00
C GLY C 489 43.48 -7.00 18.20
N ILE C 490 44.60 -7.31 18.87
CA ILE C 490 44.51 -8.17 20.03
C ILE C 490 43.74 -7.49 21.17
N ARG C 491 43.62 -6.16 21.12
CA ARG C 491 42.82 -5.43 22.09
C ARG C 491 41.43 -5.11 21.57
N ALA C 492 41.02 -5.73 20.46
CA ALA C 492 39.72 -5.45 19.87
C ALA C 492 38.60 -5.75 20.86
N ARG C 493 37.56 -4.93 20.80
CA ARG C 493 36.37 -5.06 21.64
C ARG C 493 35.16 -4.91 20.74
N THR C 494 33.97 -5.19 21.27
CA THR C 494 32.75 -4.89 20.53
C THR C 494 32.02 -3.67 21.07
N THR C 495 32.26 -3.29 22.32
CA THR C 495 31.47 -2.27 22.99
C THR C 495 32.31 -1.04 23.30
N GLY C 496 31.62 0.03 23.68
CA GLY C 496 32.29 1.21 24.20
C GLY C 496 32.83 2.16 23.16
N ALA C 497 32.10 2.38 22.09
CA ALA C 497 32.53 3.33 21.06
C ALA C 497 32.43 4.75 21.59
N PRO C 498 33.53 5.47 21.72
CA PRO C 498 33.48 6.85 22.23
C PRO C 498 33.16 7.81 21.09
N GLN C 499 33.16 9.10 21.45
CA GLN C 499 32.70 10.12 20.53
C GLN C 499 33.74 10.45 19.46
N ASN C 500 34.99 10.02 19.62
CA ASN C 500 36.01 10.41 18.65
C ASN C 500 35.92 9.64 17.35
N HIS C 501 35.18 8.54 17.30
CA HIS C 501 35.00 7.84 16.04
C HIS C 501 33.57 7.33 15.90
N TRP C 502 33.24 6.98 14.66
CA TRP C 502 31.89 6.59 14.26
C TRP C 502 31.38 5.44 15.12
N PHE C 503 30.06 5.46 15.37
CA PHE C 503 29.35 4.29 15.85
C PHE C 503 28.04 4.19 15.08
N GLY C 504 27.78 3.03 14.51
CA GLY C 504 26.59 2.81 13.72
C GLY C 504 26.76 1.63 12.80
N PRO C 505 25.64 1.14 12.26
CA PRO C 505 25.69 -0.03 11.38
C PRO C 505 26.22 0.32 10.00
N ALA C 506 26.38 -0.72 9.19
CA ALA C 506 26.69 -0.59 7.77
C ALA C 506 25.82 -1.56 6.99
N GLY C 507 25.81 -1.39 5.67
CA GLY C 507 24.97 -2.21 4.82
C GLY C 507 23.54 -1.74 4.73
N ASP C 508 23.26 -0.50 5.08
CA ASP C 508 21.91 0.03 5.11
C ASP C 508 21.94 1.51 4.75
N PRO C 509 21.29 1.93 3.65
CA PRO C 509 21.23 3.37 3.34
C PRO C 509 20.52 4.17 4.42
N ARG C 510 19.74 3.51 5.28
CA ARG C 510 19.10 4.14 6.42
C ARG C 510 19.99 4.14 7.66
N GLY C 511 21.16 3.50 7.61
CA GLY C 511 22.03 3.41 8.77
C GLY C 511 22.35 4.74 9.41
N ALA C 512 22.19 4.82 10.72
CA ALA C 512 22.45 6.04 11.48
C ALA C 512 23.83 5.97 12.12
N GLY C 513 24.51 7.11 12.16
CA GLY C 513 25.71 7.28 12.96
C GLY C 513 25.42 8.20 14.13
N ILE C 514 26.42 8.32 15.01
CA ILE C 514 26.27 9.16 16.19
C ILE C 514 27.64 9.69 16.60
N GLY C 515 27.64 10.88 17.18
CA GLY C 515 28.84 11.44 17.82
C GLY C 515 29.81 12.28 16.99
N THR C 516 30.22 11.77 15.84
CA THR C 516 31.27 12.42 15.07
C THR C 516 30.71 13.50 14.17
N PRO C 517 31.56 14.42 13.68
CA PRO C 517 31.09 15.39 12.68
C PRO C 517 30.42 14.76 11.47
N GLU C 518 30.99 13.69 10.92
CA GLU C 518 30.40 13.04 9.74
C GLU C 518 29.04 12.45 10.07
N ALA C 519 28.93 11.76 11.21
CA ALA C 519 27.65 11.20 11.63
C ALA C 519 26.59 12.27 11.76
N ILE C 520 26.94 13.41 12.38
CA ILE C 520 25.97 14.50 12.52
C ILE C 520 25.55 15.01 11.16
N LYS C 521 26.51 15.18 10.24
CA LYS C 521 26.17 15.69 8.91
C LYS C 521 25.36 14.68 8.12
N LEU C 522 25.70 13.39 8.21
CA LEU C 522 24.95 12.38 7.47
C LEU C 522 23.51 12.28 7.97
N VAL C 523 23.33 12.27 9.28
CA VAL C 523 22.01 12.01 9.83
C VAL C 523 21.12 13.25 9.77
N TRP C 524 21.67 14.42 10.02
CA TRP C 524 20.86 15.60 10.32
C TRP C 524 20.94 16.68 9.25
N SER C 525 21.58 16.41 8.12
CA SER C 525 21.55 17.34 7.00
C SER C 525 21.50 16.54 5.70
N CYS C 526 21.13 17.22 4.63
CA CYS C 526 21.15 16.68 3.29
C CYS C 526 21.93 17.63 2.40
N HIS C 527 22.32 17.13 1.23
CA HIS C 527 23.09 17.94 0.29
C HIS C 527 22.16 18.90 -0.45
N ARG C 528 22.56 20.16 -0.54
CA ARG C 528 21.93 21.11 -1.45
C ARG C 528 23.00 21.75 -2.30
N GLU C 529 22.81 21.71 -3.61
CA GLU C 529 23.70 22.34 -4.56
C GLU C 529 23.13 23.69 -4.96
N ILE C 530 23.95 24.73 -4.85
CA ILE C 530 23.61 26.08 -5.29
C ILE C 530 24.64 26.51 -6.32
N ILE C 531 24.19 26.71 -7.55
CA ILE C 531 25.07 27.07 -8.67
C ILE C 531 24.86 28.53 -8.98
N TYR C 532 25.86 29.35 -8.69
CA TYR C 532 25.82 30.74 -9.08
C TYR C 532 26.20 30.87 -10.55
N ASP C 533 25.51 31.78 -11.26
CA ASP C 533 25.70 32.02 -12.69
C ASP C 533 25.27 33.48 -12.91
N VAL C 534 26.15 34.41 -12.53
CA VAL C 534 25.78 35.81 -12.45
C VAL C 534 26.09 36.60 -13.71
N GLY C 535 26.77 36.00 -14.67
CA GLY C 535 27.21 36.73 -15.84
C GLY C 535 28.67 37.11 -15.74
N PRO C 536 29.13 37.98 -16.65
CA PRO C 536 28.34 38.67 -17.67
C PRO C 536 27.83 37.74 -18.76
N VAL C 537 26.66 38.04 -19.30
CA VAL C 537 26.30 37.41 -20.59
C VAL C 537 27.40 37.75 -21.59
N PRO C 538 27.95 36.76 -22.29
CA PRO C 538 29.09 37.05 -23.19
C PRO C 538 28.78 38.16 -24.17
N GLU C 539 29.79 38.98 -24.44
CA GLU C 539 29.62 40.13 -25.32
C GLU C 539 29.19 39.69 -26.72
N SER C 540 29.68 38.54 -27.17
CA SER C 540 29.39 38.00 -28.49
C SER C 540 28.12 37.17 -28.51
N TRP C 541 27.38 37.10 -27.40
CA TRP C 541 26.21 36.24 -27.34
C TRP C 541 25.15 36.72 -28.34
N ALA C 542 24.69 35.79 -29.16
CA ALA C 542 23.49 35.98 -29.97
C ALA C 542 22.52 34.85 -29.66
N LEU C 543 21.24 35.12 -29.87
CA LEU C 543 20.19 34.14 -29.64
C LEU C 543 20.43 32.92 -30.51
N PRO C 544 20.71 31.76 -29.92
CA PRO C 544 20.92 30.57 -30.74
C PRO C 544 19.60 30.02 -31.26
N SER C 545 19.71 29.16 -32.27
CA SER C 545 18.54 28.43 -32.73
C SER C 545 18.04 27.51 -31.63
N ALA C 546 16.74 27.27 -31.63
CA ALA C 546 16.12 26.47 -30.57
C ALA C 546 16.66 25.05 -30.59
N THR C 547 16.80 24.47 -29.40
CA THR C 547 17.10 23.05 -29.26
C THR C 547 16.03 22.41 -28.39
N THR D 26 27.70 2.21 -38.75
CA THR D 26 27.42 2.00 -37.33
C THR D 26 28.60 1.29 -36.66
N PRO D 27 28.81 1.56 -35.38
CA PRO D 27 30.01 1.08 -34.70
C PRO D 27 30.02 -0.43 -34.49
N SER D 28 31.21 -0.93 -34.13
CA SER D 28 31.45 -2.37 -34.07
C SER D 28 30.58 -3.06 -33.03
N PHE D 29 30.40 -2.42 -31.87
CA PHE D 29 29.62 -3.02 -30.80
C PHE D 29 28.13 -3.01 -31.08
N ALA D 30 27.68 -2.24 -32.08
CA ALA D 30 26.26 -1.98 -32.25
C ALA D 30 25.55 -3.15 -32.91
N THR D 31 24.31 -3.38 -32.49
CA THR D 31 23.43 -4.35 -33.12
C THR D 31 22.25 -3.69 -33.80
N VAL D 32 22.25 -2.36 -33.91
CA VAL D 32 21.12 -1.61 -34.45
C VAL D 32 21.66 -0.41 -35.23
N SER D 33 20.92 0.00 -36.25
CA SER D 33 21.21 1.22 -37.00
C SER D 33 20.14 2.25 -36.70
N PRO D 34 20.47 3.38 -36.05
CA PRO D 34 19.40 4.29 -35.59
C PRO D 34 18.54 4.86 -36.71
N GLN D 35 19.11 5.14 -37.87
CA GLN D 35 18.36 5.71 -38.98
C GLN D 35 17.59 4.67 -39.78
N GLU D 36 17.86 3.38 -39.56
CA GLU D 36 17.23 2.31 -40.33
C GLU D 36 16.09 1.64 -39.59
N VAL D 37 16.08 1.68 -38.24
CA VAL D 37 15.07 0.96 -37.49
C VAL D 37 13.69 1.56 -37.79
N SER D 38 12.72 0.69 -38.01
CA SER D 38 11.41 1.08 -38.53
C SER D 38 10.46 -0.10 -38.38
N GLY D 39 9.23 0.09 -38.84
CA GLY D 39 8.26 -1.00 -38.80
C GLY D 39 8.67 -2.17 -39.66
N SER D 40 9.29 -1.88 -40.81
CA SER D 40 9.73 -2.93 -41.73
C SER D 40 11.13 -3.44 -41.44
N SER D 41 11.91 -2.72 -40.65
CA SER D 41 13.22 -3.20 -40.17
C SER D 41 13.29 -3.00 -38.65
N PRO D 42 12.51 -3.76 -37.90
CA PRO D 42 12.45 -3.55 -36.45
C PRO D 42 13.68 -4.06 -35.75
N ALA D 43 13.92 -3.50 -34.56
CA ALA D 43 15.06 -3.85 -33.74
C ALA D 43 14.63 -4.73 -32.58
N GLU D 44 15.62 -5.40 -31.99
CA GLU D 44 15.42 -6.37 -30.92
C GLU D 44 16.25 -5.98 -29.72
N VAL D 45 15.64 -6.03 -28.54
CA VAL D 45 16.30 -5.71 -27.29
C VAL D 45 16.26 -6.94 -26.39
N GLN D 46 17.42 -7.41 -25.98
CA GLN D 46 17.54 -8.59 -25.13
C GLN D 46 17.99 -8.18 -23.73
N ASN D 47 17.91 -9.15 -22.82
CA ASN D 47 18.40 -8.98 -21.47
C ASN D 47 19.79 -9.59 -21.32
N PHE D 48 20.53 -9.11 -20.33
CA PHE D 48 21.85 -9.62 -20.01
C PHE D 48 21.83 -10.10 -18.56
N VAL D 49 22.07 -11.39 -18.37
CA VAL D 49 22.00 -12.00 -17.04
C VAL D 49 22.93 -13.20 -17.02
N GLN D 50 23.64 -13.35 -15.91
CA GLN D 50 24.60 -14.44 -15.71
C GLN D 50 25.59 -14.53 -16.87
N GLY D 51 26.03 -13.37 -17.35
CA GLY D 51 27.13 -13.30 -18.28
C GLY D 51 26.82 -13.55 -19.74
N SER D 52 25.55 -13.54 -20.14
CA SER D 52 25.22 -13.74 -21.54
C SER D 52 23.89 -13.07 -21.87
N TRP D 53 23.76 -12.65 -23.13
CA TRP D 53 22.50 -12.09 -23.59
C TRP D 53 21.47 -13.20 -23.76
N THR D 54 20.22 -12.88 -23.46
CA THR D 54 19.15 -13.87 -23.45
C THR D 54 18.45 -13.96 -24.80
N ALA D 55 17.93 -15.15 -25.11
CA ALA D 55 17.15 -15.38 -26.32
C ALA D 55 15.67 -15.52 -25.98
N SER D 56 15.13 -14.47 -25.36
CA SER D 56 13.73 -14.46 -24.98
C SER D 56 12.85 -14.06 -26.16
N ALA D 57 11.59 -14.48 -26.09
CA ALA D 57 10.63 -14.22 -27.16
C ALA D 57 9.36 -13.52 -26.69
N ASN D 58 9.20 -13.28 -25.39
CA ASN D 58 8.06 -12.52 -24.89
C ASN D 58 8.22 -11.05 -25.23
N TRP D 59 7.76 -10.65 -26.42
CA TRP D 59 8.04 -9.31 -26.91
C TRP D 59 7.04 -8.29 -26.36
N ASN D 60 7.58 -7.13 -25.98
CA ASN D 60 6.80 -5.91 -25.84
C ASN D 60 7.14 -5.03 -27.03
N TRP D 61 6.16 -4.79 -27.89
CA TRP D 61 6.39 -3.99 -29.09
C TRP D 61 6.32 -2.51 -28.72
N ILE D 62 7.45 -1.83 -28.86
CA ILE D 62 7.49 -0.38 -28.69
C ILE D 62 7.13 0.27 -30.02
N VAL D 63 6.25 1.25 -29.98
CA VAL D 63 5.89 1.96 -31.19
C VAL D 63 6.81 3.17 -31.36
N ASP D 64 7.03 3.54 -32.62
CA ASP D 64 7.77 4.74 -32.97
C ASP D 64 6.98 5.97 -32.55
N PRO D 65 7.51 6.82 -31.66
CA PRO D 65 6.74 7.99 -31.20
C PRO D 65 6.37 8.96 -32.31
N LEU D 66 6.95 8.83 -33.50
CA LEU D 66 6.66 9.76 -34.59
C LEU D 66 5.63 9.24 -35.57
N ASN D 67 5.39 7.92 -35.64
CA ASN D 67 4.43 7.42 -36.61
C ASN D 67 3.64 6.20 -36.16
N GLY D 68 3.93 5.61 -35.00
CA GLY D 68 3.14 4.48 -34.52
C GLY D 68 3.59 3.13 -35.02
N ASP D 69 4.65 3.06 -35.83
CA ASP D 69 5.18 1.78 -36.27
C ASP D 69 5.64 0.94 -35.07
N LYS D 70 5.40 -0.36 -35.13
CA LYS D 70 6.02 -1.29 -34.21
C LYS D 70 7.46 -1.50 -34.67
N PHE D 71 8.39 -0.73 -34.09
CA PHE D 71 9.76 -0.73 -34.61
C PHE D 71 10.80 -1.30 -33.66
N ILE D 72 10.45 -1.57 -32.40
CA ILE D 72 11.35 -2.23 -31.45
C ILE D 72 10.57 -3.29 -30.69
N LYS D 73 11.06 -4.52 -30.72
CA LYS D 73 10.54 -5.59 -29.86
C LYS D 73 11.48 -5.77 -28.68
N VAL D 74 10.96 -5.60 -27.48
CA VAL D 74 11.72 -5.69 -26.25
C VAL D 74 11.39 -7.02 -25.58
N ALA D 75 12.42 -7.83 -25.31
CA ALA D 75 12.23 -9.14 -24.69
C ALA D 75 12.06 -8.95 -23.19
N GLU D 76 10.80 -8.84 -22.75
CA GLU D 76 10.52 -8.54 -21.36
C GLU D 76 10.41 -9.81 -20.53
N VAL D 77 11.01 -9.77 -19.35
CA VAL D 77 11.09 -10.93 -18.47
C VAL D 77 9.73 -11.13 -17.79
N GLN D 78 9.28 -12.38 -17.76
CA GLN D 78 8.01 -12.71 -17.13
C GLN D 78 8.21 -13.06 -15.66
N GLY D 79 7.15 -12.84 -14.87
CA GLY D 79 7.21 -12.96 -13.43
C GLY D 79 7.84 -14.22 -12.87
N THR D 80 7.85 -15.28 -13.68
CA THR D 80 8.44 -16.55 -13.29
C THR D 80 9.79 -16.79 -13.94
N GLU D 81 10.34 -15.79 -14.64
CA GLU D 81 11.66 -15.88 -15.23
C GLU D 81 12.69 -15.04 -14.49
N ILE D 82 12.36 -14.55 -13.29
CA ILE D 82 13.28 -13.69 -12.54
C ILE D 82 14.26 -14.48 -11.70
N LYS D 83 14.21 -15.82 -11.72
CA LYS D 83 15.11 -16.63 -10.93
C LYS D 83 16.56 -16.44 -11.34
N SER D 84 16.82 -16.24 -12.64
CA SER D 84 18.19 -16.01 -13.08
C SER D 84 18.77 -14.75 -12.46
N PHE D 85 17.97 -13.67 -12.42
CA PHE D 85 18.46 -12.41 -11.85
C PHE D 85 18.66 -12.52 -10.34
N MET D 86 17.82 -13.31 -9.66
CA MET D 86 18.04 -13.56 -8.24
C MET D 86 19.33 -14.33 -8.01
N GLU D 87 19.54 -15.41 -8.78
CA GLU D 87 20.76 -16.19 -8.64
C GLU D 87 22.00 -15.35 -8.93
N SER D 88 21.95 -14.52 -9.96
CA SER D 88 23.09 -13.68 -10.31
C SER D 88 23.43 -12.70 -9.20
N LEU D 89 22.40 -12.01 -8.67
CA LEU D 89 22.64 -11.04 -7.59
C LEU D 89 23.16 -11.74 -6.33
N SER D 90 22.68 -12.96 -6.06
CA SER D 90 23.08 -13.66 -4.86
C SER D 90 24.56 -14.01 -4.84
N LYS D 91 25.22 -14.03 -6.01
CA LYS D 91 26.64 -14.33 -6.06
C LYS D 91 27.50 -13.19 -5.52
N CYS D 92 26.92 -12.01 -5.31
CA CYS D 92 27.65 -10.87 -4.75
C CYS D 92 27.39 -10.78 -3.26
N PRO D 93 28.40 -10.91 -2.42
CA PRO D 93 28.20 -10.79 -0.98
C PRO D 93 27.98 -9.34 -0.58
N LYS D 94 27.61 -9.16 0.68
CA LYS D 94 27.37 -7.82 1.20
C LYS D 94 28.66 -7.03 1.35
N HIS D 95 29.83 -7.69 1.38
CA HIS D 95 31.09 -6.97 1.27
C HIS D 95 31.54 -6.78 -0.18
N GLY D 96 30.63 -7.00 -1.14
CA GLY D 96 30.80 -6.48 -2.49
C GLY D 96 31.68 -7.32 -3.39
N LEU D 97 31.68 -6.94 -4.67
CA LEU D 97 32.65 -7.49 -5.61
C LEU D 97 34.06 -7.03 -5.29
N HIS D 98 34.19 -5.89 -4.60
CA HIS D 98 35.44 -5.41 -4.05
C HIS D 98 35.10 -4.35 -3.00
N ASN D 99 36.08 -4.00 -2.20
CA ASN D 99 35.94 -2.92 -1.22
C ASN D 99 37.33 -2.37 -0.92
N PRO D 100 37.48 -1.30 -0.11
CA PRO D 100 38.82 -0.73 0.10
C PRO D 100 39.87 -1.71 0.57
N LEU D 101 39.47 -2.86 1.11
CA LEU D 101 40.42 -3.86 1.60
C LEU D 101 40.44 -5.15 0.80
N LYS D 102 39.53 -5.32 -0.16
CA LYS D 102 39.38 -6.59 -0.86
C LYS D 102 39.40 -6.36 -2.37
N ALA D 103 40.22 -7.13 -3.07
CA ALA D 103 40.36 -7.05 -4.52
C ALA D 103 40.50 -5.62 -5.04
N PRO D 104 41.43 -4.82 -4.49
CA PRO D 104 41.49 -3.40 -4.87
C PRO D 104 41.89 -3.18 -6.32
N GLU D 105 42.48 -4.18 -6.97
CA GLU D 105 42.82 -4.04 -8.39
C GLU D 105 41.58 -3.76 -9.25
N ARG D 106 40.39 -4.06 -8.74
CA ARG D 106 39.16 -3.77 -9.47
C ARG D 106 38.88 -2.28 -9.55
N TYR D 107 39.34 -1.50 -8.57
CA TYR D 107 39.29 -0.05 -8.71
C TYR D 107 40.10 0.42 -9.92
N LEU D 108 41.28 -0.16 -10.11
CA LEU D 108 42.12 0.20 -11.25
C LEU D 108 41.51 -0.28 -12.56
N MET D 109 40.94 -1.48 -12.55
CA MET D 109 40.26 -2.00 -13.74
C MET D 109 39.16 -1.05 -14.20
N TYR D 110 38.36 -0.55 -13.27
CA TYR D 110 37.27 0.33 -13.68
C TYR D 110 37.76 1.71 -14.09
N GLY D 111 38.95 2.10 -13.66
CA GLY D 111 39.58 3.26 -14.27
C GLY D 111 39.92 3.03 -15.73
N ASP D 112 40.37 1.82 -16.06
CA ASP D 112 40.69 1.51 -17.45
C ASP D 112 39.44 1.35 -18.30
N ILE D 113 38.42 0.68 -17.76
CA ILE D 113 37.14 0.56 -18.45
C ILE D 113 36.59 1.94 -18.77
N SER D 114 36.66 2.85 -17.80
CA SER D 114 36.15 4.20 -18.00
C SER D 114 36.94 4.94 -19.06
N ALA D 115 38.27 4.76 -19.09
CA ALA D 115 39.10 5.44 -20.08
C ALA D 115 38.80 4.91 -21.48
N LYS D 116 38.72 3.59 -21.63
CA LYS D 116 38.40 3.01 -22.94
C LYS D 116 37.01 3.43 -23.39
N ALA D 117 36.06 3.51 -22.46
CA ALA D 117 34.70 3.89 -22.82
C ALA D 117 34.60 5.38 -23.14
N ALA D 118 35.30 6.21 -22.38
CA ALA D 118 35.28 7.65 -22.66
C ALA D 118 35.88 7.96 -24.03
N HIS D 119 36.94 7.23 -24.41
CA HIS D 119 37.50 7.44 -25.74
C HIS D 119 36.55 6.96 -26.82
N MET D 120 35.92 5.80 -26.61
CA MET D 120 34.96 5.28 -27.58
C MET D 120 33.78 6.23 -27.74
N LEU D 121 33.20 6.67 -26.62
CA LEU D 121 32.07 7.59 -26.68
C LEU D 121 32.45 8.91 -27.32
N GLY D 122 33.70 9.36 -27.17
CA GLY D 122 34.10 10.63 -27.74
C GLY D 122 34.28 10.60 -29.25
N GLN D 123 34.27 9.41 -29.84
CA GLN D 123 34.43 9.31 -31.29
C GLN D 123 33.23 9.93 -31.98
N PRO D 124 33.44 10.76 -33.01
CA PRO D 124 32.29 11.40 -33.68
C PRO D 124 31.21 10.44 -34.13
N THR D 125 31.57 9.32 -34.76
CA THR D 125 30.56 8.37 -35.24
C THR D 125 29.83 7.70 -34.08
N VAL D 126 30.47 7.58 -32.93
CA VAL D 126 29.80 7.00 -31.77
C VAL D 126 28.91 8.03 -31.10
N LEU D 127 29.38 9.28 -30.97
CA LEU D 127 28.52 10.37 -30.50
C LEU D 127 27.25 10.46 -31.34
N ASP D 128 27.41 10.49 -32.67
CA ASP D 128 26.27 10.61 -33.55
C ASP D 128 25.37 9.38 -33.48
N PHE D 129 25.97 8.19 -33.33
CA PHE D 129 25.20 6.96 -33.22
C PHE D 129 24.26 7.02 -32.02
N PHE D 130 24.81 7.31 -30.84
CA PHE D 130 23.97 7.35 -29.64
C PHE D 130 22.99 8.51 -29.68
N ALA D 131 23.41 9.65 -30.23
CA ALA D 131 22.52 10.81 -30.32
C ALA D 131 21.29 10.48 -31.17
N LYS D 132 21.51 9.87 -32.33
CA LYS D 132 20.39 9.54 -33.21
C LYS D 132 19.53 8.43 -32.61
N LEU D 133 20.15 7.48 -31.91
CA LEU D 133 19.38 6.41 -31.28
C LEU D 133 18.49 6.97 -30.18
N ILE D 134 19.03 7.87 -29.35
CA ILE D 134 18.23 8.50 -28.30
C ILE D 134 17.05 9.26 -28.92
N GLN D 135 17.27 9.89 -30.07
CA GLN D 135 16.21 10.65 -30.72
C GLN D 135 15.06 9.73 -31.14
N ARG D 136 15.36 8.50 -31.54
CA ARG D 136 14.30 7.64 -32.07
C ARG D 136 13.36 7.17 -30.98
N VAL D 137 13.86 6.96 -29.76
CA VAL D 137 13.05 6.35 -28.71
C VAL D 137 12.57 7.41 -27.72
N SER D 138 13.33 8.49 -27.55
CA SER D 138 12.94 9.60 -26.67
C SER D 138 13.10 10.88 -27.48
N PRO D 139 12.09 11.23 -28.28
CA PRO D 139 12.25 12.31 -29.27
C PRO D 139 12.61 13.64 -28.63
N LYS D 140 13.64 14.27 -29.18
CA LYS D 140 14.18 15.55 -28.75
C LYS D 140 15.13 16.00 -29.85
N SER D 141 15.50 17.27 -29.82
CA SER D 141 16.39 17.80 -30.84
C SER D 141 17.74 17.06 -30.81
N TYR D 142 18.45 17.13 -31.94
CA TYR D 142 19.73 16.45 -32.03
C TYR D 142 20.71 16.96 -30.99
N GLN D 143 20.75 18.28 -30.77
CA GLN D 143 21.67 18.86 -29.80
C GLN D 143 21.35 18.40 -28.39
N GLN D 144 20.06 18.25 -28.07
CA GLN D 144 19.68 17.74 -26.75
C GLN D 144 20.09 16.29 -26.60
N ALA D 145 19.91 15.49 -27.65
CA ALA D 145 20.37 14.11 -27.62
C ALA D 145 21.89 14.06 -27.51
N LEU D 146 22.58 14.86 -28.33
CA LEU D 146 24.04 14.89 -28.29
C LEU D 146 24.55 15.30 -26.92
N ALA D 147 23.87 16.27 -26.28
CA ALA D 147 24.30 16.71 -24.96
C ALA D 147 24.26 15.57 -23.95
N GLU D 148 23.29 14.66 -24.10
CA GLU D 148 23.24 13.49 -23.22
C GLU D 148 24.50 12.65 -23.38
N VAL D 149 24.94 12.45 -24.63
CA VAL D 149 26.15 11.66 -24.86
C VAL D 149 27.39 12.39 -24.37
N GLN D 150 27.42 13.72 -24.56
CA GLN D 150 28.59 14.49 -24.14
C GLN D 150 28.75 14.48 -22.63
N VAL D 151 27.65 14.61 -21.88
CA VAL D 151 27.70 14.51 -20.42
C VAL D 151 28.20 13.13 -20.01
N SER D 152 27.64 12.08 -20.64
CA SER D 152 28.10 10.73 -20.39
C SER D 152 29.59 10.60 -20.66
N GLN D 153 30.05 11.11 -21.81
CA GLN D 153 31.46 11.02 -22.17
C GLN D 153 32.34 11.73 -21.14
N LYS D 154 31.92 12.93 -20.72
CA LYS D 154 32.70 13.69 -19.74
C LYS D 154 32.72 12.98 -18.39
N PHE D 155 31.58 12.45 -17.95
CA PHE D 155 31.54 11.69 -16.71
C PHE D 155 32.56 10.57 -16.71
N LEU D 156 32.64 9.83 -17.81
CA LEU D 156 33.60 8.73 -17.91
C LEU D 156 35.03 9.25 -17.80
N GLU D 157 35.33 10.36 -18.48
CA GLU D 157 36.66 10.95 -18.40
C GLU D 157 37.03 11.28 -16.96
N ASN D 158 36.05 11.57 -16.11
CA ASN D 158 36.34 11.95 -14.74
C ASN D 158 36.83 10.79 -13.88
N PHE D 159 36.72 9.55 -14.35
CA PHE D 159 37.06 8.41 -13.52
C PHE D 159 38.00 7.46 -14.24
N CYS D 160 38.93 8.04 -14.98
CA CYS D 160 40.05 7.31 -15.56
C CYS D 160 41.17 7.20 -14.53
N GLY D 161 42.18 6.40 -14.87
CA GLY D 161 43.37 6.29 -14.03
C GLY D 161 43.03 5.80 -12.64
N ASP D 162 43.41 6.59 -11.65
CA ASP D 162 43.20 6.24 -10.24
C ASP D 162 41.95 6.87 -9.66
N GLN D 163 41.14 7.56 -10.47
CA GLN D 163 40.02 8.32 -9.91
C GLN D 163 38.93 7.41 -9.33
N VAL D 164 38.80 6.18 -9.83
CA VAL D 164 37.92 5.22 -9.17
C VAL D 164 38.54 4.76 -7.85
N ARG D 165 39.83 4.44 -7.88
CA ARG D 165 40.59 4.15 -6.67
C ARG D 165 40.40 5.27 -5.64
N PHE D 166 40.46 6.53 -6.07
CA PHE D 166 40.33 7.66 -5.16
C PHE D 166 38.93 7.78 -4.57
N LEU D 167 37.92 7.18 -5.20
CA LEU D 167 36.59 7.15 -4.59
C LEU D 167 36.57 6.32 -3.31
N ALA D 168 37.49 5.37 -3.18
CA ALA D 168 37.62 4.55 -1.98
C ALA D 168 38.58 5.14 -0.97
N ARG D 169 38.95 6.40 -1.13
CA ARG D 169 39.75 7.11 -0.13
C ARG D 169 39.09 7.01 1.23
N SER D 170 39.90 6.72 2.25
CA SER D 170 39.45 6.61 3.63
C SER D 170 40.10 7.69 4.47
N PHE D 171 39.60 7.87 5.69
CA PHE D 171 40.22 8.76 6.65
C PHE D 171 40.51 7.99 7.94
N ALA D 172 41.48 8.50 8.70
CA ALA D 172 41.85 7.87 9.95
C ALA D 172 42.18 8.96 10.97
N VAL D 173 42.02 8.61 12.24
CA VAL D 173 42.23 9.52 13.36
C VAL D 173 42.97 8.74 14.45
N PRO D 174 44.00 9.31 15.07
CA PRO D 174 44.72 8.57 16.12
C PRO D 174 43.80 8.22 17.29
N GLY D 175 44.09 7.09 17.92
CA GLY D 175 43.33 6.63 19.06
C GLY D 175 43.79 7.28 20.35
N ASN D 176 43.38 6.67 21.46
CA ASN D 176 43.68 7.19 22.79
C ASN D 176 45.05 6.77 23.30
N HIS D 177 45.70 5.80 22.65
CA HIS D 177 46.96 5.26 23.14
C HIS D 177 47.69 4.61 21.98
N LEU D 178 48.96 4.28 22.22
CA LEU D 178 49.79 3.63 21.21
C LEU D 178 49.13 2.35 20.71
N GLY D 179 49.06 2.20 19.39
CA GLY D 179 48.50 1.01 18.79
C GLY D 179 47.03 1.10 18.42
N GLN D 180 46.36 2.20 18.76
CA GLN D 180 44.95 2.38 18.47
C GLN D 180 44.79 3.50 17.43
N ARG D 181 44.02 3.23 16.39
CA ARG D 181 43.71 4.25 15.38
C ARG D 181 42.41 3.84 14.69
N SER D 182 41.49 4.80 14.55
CA SER D 182 40.17 4.53 13.98
C SER D 182 40.12 4.98 12.52
N ASN D 183 39.51 4.16 11.67
CA ASN D 183 39.49 4.38 10.23
C ASN D 183 38.06 4.44 9.72
N GLY D 184 37.79 5.36 8.80
CA GLY D 184 36.49 5.48 8.19
C GLY D 184 36.51 5.17 6.70
N TYR D 185 35.81 4.13 6.28
CA TYR D 185 35.85 3.64 4.91
C TYR D 185 34.50 3.84 4.22
N ARG D 186 34.53 3.79 2.88
CA ARG D 186 33.33 3.71 2.06
C ARG D 186 33.17 2.27 1.61
N TRP D 187 32.20 1.57 2.21
CA TRP D 187 31.90 0.17 1.99
C TRP D 187 30.74 0.01 1.01
N PRO D 188 30.79 -0.98 0.11
CA PRO D 188 29.68 -1.19 -0.81
C PRO D 188 28.48 -1.80 -0.11
N TYR D 189 27.37 -1.83 -0.83
CA TYR D 189 26.18 -2.53 -0.36
C TYR D 189 26.13 -3.97 -0.85
N GLY D 190 26.76 -4.25 -2.00
CA GLY D 190 26.74 -5.57 -2.57
C GLY D 190 25.77 -5.67 -3.73
N PRO D 191 24.75 -6.52 -3.58
CA PRO D 191 23.71 -6.62 -4.61
C PRO D 191 22.79 -5.41 -4.55
N VAL D 192 22.63 -4.73 -5.69
CA VAL D 192 21.85 -3.51 -5.78
C VAL D 192 21.05 -3.50 -7.07
N ALA D 193 20.06 -2.61 -7.12
CA ALA D 193 19.19 -2.45 -8.27
C ALA D 193 19.14 -1.00 -8.70
N ILE D 194 19.00 -0.78 -10.01
CA ILE D 194 18.89 0.55 -10.60
C ILE D 194 17.72 0.55 -11.57
N ILE D 195 16.84 1.56 -11.43
CA ILE D 195 15.61 1.65 -12.22
C ILE D 195 15.49 3.09 -12.73
N THR D 196 15.45 3.26 -14.06
CA THR D 196 15.53 4.57 -14.67
C THR D 196 14.39 4.79 -15.66
N PRO D 197 14.00 6.07 -15.90
CA PRO D 197 12.80 6.31 -16.71
C PRO D 197 13.10 6.45 -18.20
N PHE D 198 12.14 7.02 -18.94
CA PHE D 198 12.24 7.05 -20.39
C PHE D 198 13.06 8.22 -20.91
N ASN D 199 13.05 9.36 -20.22
CA ASN D 199 13.40 10.62 -20.88
C ASN D 199 14.90 10.78 -21.10
N PHE D 200 15.74 10.17 -20.27
CA PHE D 200 17.19 10.18 -20.46
C PHE D 200 17.67 8.74 -20.60
N PRO D 201 17.66 8.19 -21.82
CA PRO D 201 17.96 6.76 -21.99
C PRO D 201 19.40 6.39 -21.74
N LEU D 202 20.32 7.35 -21.71
CA LEU D 202 21.74 7.07 -21.55
C LEU D 202 22.31 7.67 -20.28
N GLU D 203 22.14 8.97 -20.06
CA GLU D 203 22.85 9.67 -18.99
C GLU D 203 22.53 9.10 -17.63
N ILE D 204 21.25 9.04 -17.27
CA ILE D 204 20.84 8.61 -15.94
C ILE D 204 21.28 7.17 -15.68
N PRO D 205 20.91 6.19 -16.52
CA PRO D 205 21.34 4.81 -16.22
C PRO D 205 22.85 4.62 -16.21
N LEU D 206 23.55 5.18 -17.19
CA LEU D 206 25.00 4.97 -17.28
C LEU D 206 25.72 5.49 -16.04
N LEU D 207 25.41 6.73 -15.64
CA LEU D 207 26.12 7.35 -14.52
C LEU D 207 25.82 6.63 -13.21
N GLN D 208 24.59 6.15 -13.03
CA GLN D 208 24.29 5.38 -11.83
C GLN D 208 24.86 3.97 -11.92
N LEU D 209 24.89 3.39 -13.13
CA LEU D 209 25.45 2.05 -13.30
C LEU D 209 26.93 2.03 -12.92
N MET D 210 27.70 2.97 -13.47
CA MET D 210 29.13 2.99 -13.18
C MET D 210 29.40 3.34 -11.72
N GLY D 211 28.59 4.23 -11.14
CA GLY D 211 28.74 4.55 -9.74
C GLY D 211 28.59 3.34 -8.84
N ALA D 212 27.52 2.56 -9.07
CA ALA D 212 27.33 1.31 -8.32
C ALA D 212 28.55 0.40 -8.46
N LEU D 213 29.04 0.24 -9.69
CA LEU D 213 30.18 -0.65 -9.92
C LEU D 213 31.45 -0.11 -9.28
N TYR D 214 31.70 1.20 -9.41
CA TYR D 214 32.93 1.79 -8.88
C TYR D 214 33.12 1.47 -7.40
N MET D 215 32.05 1.57 -6.61
CA MET D 215 32.14 1.39 -5.16
C MET D 215 32.16 -0.07 -4.74
N GLY D 216 32.04 -1.01 -5.68
CA GLY D 216 32.12 -2.43 -5.36
C GLY D 216 30.80 -3.17 -5.36
N ASN D 217 29.75 -2.60 -5.94
CA ASN D 217 28.45 -3.26 -5.93
C ASN D 217 28.28 -4.13 -7.18
N LYS D 218 27.26 -4.98 -7.13
CA LYS D 218 26.80 -5.70 -8.32
C LYS D 218 25.38 -5.28 -8.63
N PRO D 219 25.16 -4.47 -9.66
CA PRO D 219 23.83 -3.94 -9.93
C PRO D 219 23.08 -4.74 -10.98
N VAL D 220 21.77 -4.77 -10.83
CA VAL D 220 20.86 -5.11 -11.91
C VAL D 220 20.23 -3.82 -12.38
N LEU D 221 20.31 -3.55 -13.68
CA LEU D 221 19.81 -2.32 -14.26
C LEU D 221 18.52 -2.61 -15.02
N LYS D 222 17.49 -1.82 -14.74
CA LYS D 222 16.26 -1.82 -15.53
C LYS D 222 16.03 -0.42 -16.06
N VAL D 223 15.93 -0.30 -17.39
CA VAL D 223 15.58 0.95 -18.03
C VAL D 223 14.19 0.77 -18.65
N ASP D 224 13.42 1.87 -18.66
CA ASP D 224 12.10 1.84 -19.27
C ASP D 224 12.16 1.22 -20.65
N SER D 225 11.28 0.25 -20.90
CA SER D 225 11.37 -0.56 -22.11
C SER D 225 11.25 0.29 -23.36
N LYS D 226 10.59 1.45 -23.29
CA LYS D 226 10.46 2.30 -24.46
C LYS D 226 11.81 2.71 -25.01
N VAL D 227 12.80 2.93 -24.13
CA VAL D 227 14.08 3.49 -24.51
C VAL D 227 15.26 2.60 -24.15
N SER D 228 15.01 1.40 -23.61
CA SER D 228 16.10 0.57 -23.09
C SER D 228 17.09 0.14 -24.16
N ILE D 229 16.74 0.29 -25.45
CA ILE D 229 17.66 -0.10 -26.52
C ILE D 229 18.96 0.68 -26.43
N VAL D 230 18.92 1.89 -25.87
CA VAL D 230 20.11 2.73 -25.81
C VAL D 230 21.13 2.14 -24.84
N MET D 231 20.71 1.83 -23.61
CA MET D 231 21.63 1.22 -22.67
C MET D 231 22.04 -0.18 -23.09
N GLU D 232 21.19 -0.88 -23.85
CA GLU D 232 21.59 -2.18 -24.39
C GLU D 232 22.83 -2.05 -25.25
N GLN D 233 22.85 -1.02 -26.11
CA GLN D 233 24.02 -0.76 -26.93
C GLN D 233 25.18 -0.27 -26.07
N MET D 234 24.89 0.56 -25.07
CA MET D 234 25.96 1.07 -24.20
C MET D 234 26.61 -0.06 -23.41
N ILE D 235 25.83 -1.06 -23.03
CA ILE D 235 26.37 -2.21 -22.31
C ILE D 235 27.29 -3.02 -23.22
N ARG D 236 26.89 -3.22 -24.48
CA ARG D 236 27.77 -3.90 -25.43
C ARG D 236 29.06 -3.12 -25.63
N LEU D 237 28.97 -1.80 -25.74
CA LEU D 237 30.16 -0.97 -25.80
C LEU D 237 31.01 -1.16 -24.55
N LEU D 238 30.36 -1.17 -23.38
CA LEU D 238 31.08 -1.33 -22.12
C LEU D 238 31.78 -2.67 -22.05
N HIS D 239 31.11 -3.73 -22.53
CA HIS D 239 31.72 -5.06 -22.54
C HIS D 239 32.97 -5.08 -23.41
N ASP D 240 32.92 -4.44 -24.58
CA ASP D 240 34.11 -4.32 -25.41
C ASP D 240 35.22 -3.52 -24.74
N CYS D 241 34.88 -2.65 -23.79
CA CYS D 241 35.88 -1.86 -23.07
C CYS D 241 36.39 -2.54 -21.82
N GLY D 242 35.97 -3.78 -21.56
CA GLY D 242 36.50 -4.56 -20.46
C GLY D 242 35.57 -4.79 -19.31
N LEU D 243 34.34 -4.26 -19.36
CA LEU D 243 33.36 -4.50 -18.30
C LEU D 243 33.08 -6.00 -18.19
N PRO D 244 33.36 -6.63 -17.05
CA PRO D 244 33.25 -8.10 -16.98
C PRO D 244 31.81 -8.57 -17.15
N ALA D 245 31.67 -9.74 -17.76
CA ALA D 245 30.34 -10.29 -18.03
C ALA D 245 29.55 -10.52 -16.74
N GLU D 246 30.23 -10.88 -15.65
CA GLU D 246 29.55 -11.25 -14.42
C GLU D 246 29.31 -10.09 -13.46
N ASP D 247 29.65 -8.85 -13.86
CA ASP D 247 29.62 -7.74 -12.91
C ASP D 247 28.29 -7.01 -12.85
N MET D 248 27.42 -7.16 -13.86
CA MET D 248 26.12 -6.52 -13.82
C MET D 248 25.13 -7.32 -14.65
N ASP D 249 23.85 -7.06 -14.39
CA ASP D 249 22.74 -7.64 -15.15
C ASP D 249 21.88 -6.53 -15.72
N PHE D 250 21.20 -6.86 -16.82
CA PHE D 250 20.32 -5.93 -17.54
C PHE D 250 18.97 -6.61 -17.71
N ILE D 251 17.94 -6.07 -17.07
CA ILE D 251 16.61 -6.65 -17.11
C ILE D 251 15.66 -5.70 -17.84
N ASN D 252 14.87 -6.25 -18.75
CA ASN D 252 13.75 -5.55 -19.37
C ASN D 252 12.46 -6.22 -18.90
N SER D 253 11.53 -5.42 -18.39
CA SER D 253 10.27 -5.95 -17.89
C SER D 253 9.31 -4.79 -17.69
N ASP D 254 8.07 -5.11 -17.31
CA ASP D 254 7.15 -4.09 -16.85
C ASP D 254 7.42 -3.80 -15.37
N GLY D 255 6.68 -2.83 -14.83
CA GLY D 255 6.95 -2.38 -13.48
C GLY D 255 6.64 -3.44 -12.44
N ALA D 256 5.61 -4.25 -12.68
CA ALA D 256 5.19 -5.23 -11.68
C ALA D 256 6.21 -6.35 -11.53
N VAL D 257 6.80 -6.80 -12.64
CA VAL D 257 7.80 -7.86 -12.57
C VAL D 257 9.05 -7.37 -11.84
N MET D 258 9.48 -6.14 -12.12
CA MET D 258 10.63 -5.58 -11.41
C MET D 258 10.35 -5.46 -9.92
N ASN D 259 9.12 -5.08 -9.56
CA ASN D 259 8.75 -4.99 -8.15
C ASN D 259 8.91 -6.34 -7.46
N LYS D 260 8.48 -7.42 -8.12
CA LYS D 260 8.62 -8.75 -7.54
C LYS D 260 10.09 -9.13 -7.39
N LEU D 261 10.92 -8.79 -8.38
CA LEU D 261 12.35 -9.09 -8.27
C LEU D 261 12.97 -8.35 -7.09
N LEU D 262 12.54 -7.10 -6.84
CA LEU D 262 13.06 -6.37 -5.71
C LEU D 262 12.70 -7.04 -4.39
N LEU D 263 11.48 -7.58 -4.31
CA LEU D 263 11.04 -8.21 -3.07
C LEU D 263 11.59 -9.62 -2.93
N GLU D 264 11.88 -10.29 -4.04
CA GLU D 264 12.45 -11.63 -3.97
C GLU D 264 13.96 -11.63 -3.84
N ALA D 265 14.65 -10.67 -4.47
CA ALA D 265 16.10 -10.65 -4.41
C ALA D 265 16.61 -9.94 -3.17
N ASN D 266 15.81 -9.04 -2.61
CA ASN D 266 16.20 -8.22 -1.47
C ASN D 266 17.54 -7.50 -1.72
N PRO D 267 17.63 -6.65 -2.73
CA PRO D 267 18.88 -5.91 -2.93
C PRO D 267 19.10 -4.95 -1.78
N LYS D 268 20.36 -4.81 -1.38
CA LYS D 268 20.71 -3.99 -0.23
C LYS D 268 20.58 -2.50 -0.49
N MET D 269 20.50 -2.10 -1.75
CA MET D 269 20.26 -0.71 -2.11
C MET D 269 19.57 -0.68 -3.47
N THR D 270 18.63 0.23 -3.64
CA THR D 270 17.94 0.40 -4.91
C THR D 270 17.93 1.88 -5.26
N LEU D 271 18.48 2.21 -6.43
CA LEU D 271 18.39 3.55 -6.99
C LEU D 271 17.16 3.60 -7.89
N PHE D 272 16.17 4.40 -7.53
CA PHE D 272 15.02 4.60 -8.38
C PHE D 272 14.99 6.03 -8.90
N THR D 273 14.88 6.17 -10.21
CA THR D 273 14.67 7.45 -10.85
C THR D 273 13.40 7.38 -11.68
N GLY D 274 12.42 8.20 -11.34
CA GLY D 274 11.15 8.16 -12.05
C GLY D 274 10.08 8.95 -11.33
N SER D 275 8.83 8.51 -11.51
CA SER D 275 7.69 9.24 -10.98
C SER D 275 7.66 9.18 -9.45
N SER D 276 6.97 10.16 -8.85
CA SER D 276 6.83 10.21 -7.40
C SER D 276 5.94 9.09 -6.88
N ARG D 277 4.92 8.69 -7.66
CA ARG D 277 4.01 7.63 -7.22
C ARG D 277 4.75 6.31 -7.06
N VAL D 278 5.51 5.92 -8.09
CA VAL D 278 6.27 4.67 -8.00
C VAL D 278 7.37 4.79 -6.94
N ALA D 279 8.00 5.97 -6.85
CA ALA D 279 9.08 6.17 -5.89
C ALA D 279 8.61 5.93 -4.47
N GLU D 280 7.45 6.51 -4.11
CA GLU D 280 6.94 6.33 -2.76
C GLU D 280 6.46 4.90 -2.52
N LYS D 281 5.97 4.22 -3.56
CA LYS D 281 5.55 2.84 -3.40
C LYS D 281 6.74 1.93 -3.13
N LEU D 282 7.81 2.10 -3.91
CA LEU D 282 9.03 1.31 -3.71
C LEU D 282 9.67 1.63 -2.36
N ALA D 283 9.68 2.91 -1.97
CA ALA D 283 10.23 3.28 -0.67
C ALA D 283 9.51 2.55 0.45
N ALA D 284 8.19 2.36 0.31
CA ALA D 284 7.44 1.62 1.32
C ALA D 284 7.69 0.12 1.21
N ASP D 285 7.68 -0.41 -0.02
CA ASP D 285 7.90 -1.84 -0.21
C ASP D 285 9.27 -2.25 0.28
N LEU D 286 10.30 -1.51 -0.10
CA LEU D 286 11.67 -1.80 0.30
C LEU D 286 12.01 -1.26 1.67
N LYS D 287 11.01 -0.71 2.38
CA LYS D 287 11.18 -0.20 3.75
C LYS D 287 12.30 0.83 3.83
N GLY D 288 12.43 1.64 2.78
CA GLY D 288 13.37 2.75 2.79
C GLY D 288 14.77 2.41 2.34
N ARG D 289 15.05 1.16 1.97
CA ARG D 289 16.38 0.79 1.46
C ARG D 289 16.53 1.26 0.01
N VAL D 290 16.32 2.56 -0.18
CA VAL D 290 16.29 3.16 -1.50
C VAL D 290 17.02 4.50 -1.49
N LYS D 291 17.38 4.95 -2.69
CA LYS D 291 17.69 6.33 -2.99
C LYS D 291 16.79 6.75 -4.13
N LEU D 292 16.29 7.98 -4.08
CA LEU D 292 15.26 8.42 -5.00
C LEU D 292 15.70 9.68 -5.73
N GLU D 293 15.56 9.66 -7.05
CA GLU D 293 15.53 10.86 -7.88
C GLU D 293 14.11 10.86 -8.44
N ASP D 294 13.18 11.46 -7.69
CA ASP D 294 11.76 11.36 -8.02
C ASP D 294 11.32 12.57 -8.84
N ALA D 295 10.00 12.79 -8.90
CA ALA D 295 9.46 13.88 -9.71
C ALA D 295 9.92 15.24 -9.18
N GLY D 296 9.66 16.27 -9.97
CA GLY D 296 9.98 17.62 -9.56
C GLY D 296 9.04 18.65 -10.15
N PHE D 297 8.55 19.57 -9.32
CA PHE D 297 7.84 20.74 -9.79
C PHE D 297 8.80 21.91 -9.62
N ASP D 298 9.54 22.19 -10.68
CA ASP D 298 10.67 23.11 -10.63
C ASP D 298 10.21 24.52 -10.95
N TRP D 299 10.65 25.47 -10.14
CA TRP D 299 10.22 26.85 -10.23
C TRP D 299 11.38 27.77 -10.58
N LYS D 300 11.04 28.89 -11.22
CA LYS D 300 11.98 29.96 -11.48
C LYS D 300 11.39 31.25 -10.93
N ILE D 301 12.18 31.95 -10.11
CA ILE D 301 11.79 33.24 -9.55
C ILE D 301 12.60 34.32 -10.24
N LEU D 302 11.93 35.34 -10.74
CA LEU D 302 12.57 36.51 -11.30
C LEU D 302 12.64 37.59 -10.22
N GLY D 303 13.83 38.12 -9.98
CA GLY D 303 14.00 39.16 -8.99
C GLY D 303 13.55 40.51 -9.51
N PRO D 304 13.72 41.54 -8.66
CA PRO D 304 13.30 42.89 -9.04
C PRO D 304 14.21 43.59 -10.03
N ASP D 305 15.43 43.11 -10.25
CA ASP D 305 16.39 43.83 -11.10
C ASP D 305 16.28 43.31 -12.53
N VAL D 306 15.51 44.03 -13.36
CA VAL D 306 15.31 43.64 -14.75
C VAL D 306 16.55 43.98 -15.56
N GLN D 307 17.03 43.02 -16.35
CA GLN D 307 18.17 43.19 -17.23
C GLN D 307 18.29 41.93 -18.07
N GLU D 308 19.06 42.04 -19.15
CA GLU D 308 19.36 40.91 -20.05
C GLU D 308 18.09 40.15 -20.42
N VAL D 309 17.07 40.89 -20.83
CA VAL D 309 15.75 40.29 -21.05
C VAL D 309 15.82 39.24 -22.15
N ASP D 310 16.52 39.55 -23.24
CA ASP D 310 16.67 38.60 -24.33
C ASP D 310 17.28 37.29 -23.86
N TYR D 311 18.34 37.38 -23.04
CA TYR D 311 18.97 36.17 -22.53
C TYR D 311 18.05 35.41 -21.60
N VAL D 312 17.40 36.12 -20.68
CA VAL D 312 16.49 35.47 -19.74
C VAL D 312 15.33 34.80 -20.48
N ALA D 313 14.82 35.46 -21.53
CA ALA D 313 13.74 34.84 -22.29
C ALA D 313 14.20 33.56 -22.96
N TRP D 314 15.43 33.56 -23.50
CA TRP D 314 15.95 32.36 -24.16
C TRP D 314 16.07 31.21 -23.17
N VAL D 315 16.57 31.49 -21.97
CA VAL D 315 16.70 30.44 -20.96
C VAL D 315 15.31 29.96 -20.52
N CYS D 316 14.36 30.88 -20.39
CA CYS D 316 13.00 30.49 -20.04
C CYS D 316 12.43 29.54 -21.09
N ASP D 317 12.68 29.83 -22.37
CA ASP D 317 12.16 28.96 -23.43
C ASP D 317 12.84 27.60 -23.39
N GLN D 318 14.15 27.57 -23.23
CA GLN D 318 14.87 26.30 -23.18
C GLN D 318 14.50 25.50 -21.94
N ASP D 319 14.46 26.16 -20.78
CA ASP D 319 14.10 25.46 -19.54
C ASP D 319 12.73 24.83 -19.64
N ALA D 320 11.78 25.54 -20.25
CA ALA D 320 10.39 25.10 -20.22
C ALA D 320 10.09 24.07 -21.31
N TYR D 321 10.67 24.23 -22.49
CA TYR D 321 10.19 23.49 -23.66
C TYR D 321 11.22 22.66 -24.40
N ALA D 322 12.50 22.70 -24.02
CA ALA D 322 13.44 21.74 -24.57
C ALA D 322 12.97 20.33 -24.22
N CYS D 323 13.10 19.41 -25.19
CA CYS D 323 12.56 18.06 -25.09
C CYS D 323 11.05 18.05 -24.86
N SER D 324 10.37 19.14 -25.26
CA SER D 324 8.95 19.33 -24.99
C SER D 324 8.65 19.23 -23.50
N GLY D 325 9.57 19.77 -22.69
CA GLY D 325 9.39 19.77 -21.25
C GLY D 325 9.58 18.43 -20.57
N GLN D 326 10.06 17.42 -21.28
CA GLN D 326 10.21 16.08 -20.71
C GLN D 326 11.57 15.93 -20.04
N LYS D 327 11.80 16.81 -19.06
CA LYS D 327 12.95 16.79 -18.18
C LYS D 327 12.47 16.90 -16.75
N CYS D 328 13.03 16.09 -15.85
CA CYS D 328 12.69 16.26 -14.44
C CYS D 328 13.17 17.59 -13.89
N SER D 329 13.91 18.38 -14.68
CA SER D 329 14.40 19.69 -14.30
C SER D 329 13.66 20.82 -15.01
N ALA D 330 12.59 20.51 -15.74
CA ALA D 330 11.93 21.50 -16.60
C ALA D 330 11.23 22.58 -15.77
N GLN D 331 11.15 23.77 -16.36
CA GLN D 331 10.51 24.92 -15.73
C GLN D 331 9.00 24.76 -15.81
N SER D 332 8.37 24.44 -14.68
CA SER D 332 6.93 24.22 -14.64
C SER D 332 6.14 25.41 -14.11
N VAL D 333 6.77 26.30 -13.33
CA VAL D 333 6.11 27.52 -12.90
C VAL D 333 7.13 28.65 -12.90
N LEU D 334 6.68 29.85 -13.28
CA LEU D 334 7.51 31.05 -13.33
C LEU D 334 6.89 32.11 -12.44
N PHE D 335 7.61 32.51 -11.39
CA PHE D 335 7.19 33.61 -10.52
C PHE D 335 7.81 34.89 -11.05
N MET D 336 7.01 35.72 -11.71
CA MET D 336 7.49 36.96 -12.30
C MET D 336 7.32 38.11 -11.31
N HIS D 337 8.43 38.73 -10.91
CA HIS D 337 8.34 40.01 -10.23
C HIS D 337 7.61 41.01 -11.12
N LYS D 338 6.84 41.90 -10.49
CA LYS D 338 6.03 42.83 -11.27
C LYS D 338 6.89 43.71 -12.17
N ASN D 339 8.13 43.97 -11.77
CA ASN D 339 9.03 44.75 -12.61
C ASN D 339 9.24 44.10 -13.97
N TRP D 340 9.20 42.77 -14.05
CA TRP D 340 9.40 42.05 -15.30
C TRP D 340 8.18 42.06 -16.21
N SER D 341 7.03 42.56 -15.73
CA SER D 341 5.82 42.50 -16.54
C SER D 341 5.83 43.50 -17.68
N SER D 342 6.59 44.58 -17.57
CA SER D 342 6.72 45.59 -18.62
C SER D 342 8.03 45.47 -19.38
N SER D 343 8.75 44.36 -19.21
CA SER D 343 10.08 44.17 -19.79
C SER D 343 10.06 43.62 -21.20
N GLY D 344 8.92 43.11 -21.66
CA GLY D 344 8.85 42.36 -22.89
C GLY D 344 9.22 40.90 -22.77
N LEU D 345 9.48 40.42 -21.55
CA LEU D 345 9.90 39.03 -21.37
C LEU D 345 8.85 38.06 -21.90
N LEU D 346 7.59 38.28 -21.53
CA LEU D 346 6.53 37.36 -21.95
C LEU D 346 6.34 37.42 -23.46
N GLU D 347 6.49 38.59 -24.06
CA GLU D 347 6.38 38.72 -25.51
C GLU D 347 7.48 37.93 -26.20
N LYS D 348 8.70 37.96 -25.65
CA LYS D 348 9.80 37.19 -26.23
C LYS D 348 9.60 35.70 -26.03
N MET D 349 9.15 35.30 -24.83
CA MET D 349 8.84 33.90 -24.58
C MET D 349 7.82 33.36 -25.58
N LYS D 350 6.78 34.15 -25.86
CA LYS D 350 5.76 33.73 -26.81
C LYS D 350 6.35 33.50 -28.20
N LYS D 351 7.14 34.47 -28.69
CA LYS D 351 7.77 34.32 -29.99
C LYS D 351 8.74 33.14 -30.01
N LEU D 352 9.54 32.99 -28.96
CA LEU D 352 10.49 31.88 -28.91
C LEU D 352 9.76 30.54 -28.92
N SER D 353 8.63 30.45 -28.21
CA SER D 353 7.85 29.21 -28.22
C SER D 353 7.34 28.91 -29.62
N GLU D 354 7.06 29.94 -30.43
CA GLU D 354 6.40 29.74 -31.71
C GLU D 354 7.35 29.36 -32.83
N ARG D 355 8.67 29.38 -32.61
CA ARG D 355 9.60 28.86 -33.58
C ARG D 355 9.96 27.41 -33.31
N ARG D 356 9.40 26.81 -32.26
CA ARG D 356 9.60 25.39 -32.01
C ARG D 356 8.70 24.59 -32.94
N LYS D 357 9.27 23.57 -33.58
CA LYS D 357 8.58 22.85 -34.64
C LYS D 357 8.99 21.38 -34.59
N LEU D 358 8.14 20.54 -35.19
CA LEU D 358 8.33 19.10 -35.10
C LEU D 358 9.51 18.63 -35.93
N GLU D 359 9.84 19.37 -37.00
CA GLU D 359 10.81 18.87 -37.98
C GLU D 359 12.17 18.66 -37.36
N ASP D 360 12.58 19.54 -36.45
CA ASP D 360 13.83 19.38 -35.72
C ASP D 360 13.63 18.91 -34.29
N LEU D 361 12.40 18.51 -33.93
CA LEU D 361 12.07 17.98 -32.61
C LEU D 361 12.34 18.98 -31.50
N THR D 362 12.31 20.27 -31.82
CA THR D 362 12.24 21.31 -30.80
C THR D 362 10.87 21.34 -30.13
N ILE D 363 9.87 20.73 -30.75
CA ILE D 363 8.65 20.30 -30.08
C ILE D 363 8.33 18.91 -30.62
N GLY D 364 7.81 18.04 -29.76
CA GLY D 364 7.64 16.67 -30.16
C GLY D 364 6.68 15.83 -29.33
N PRO D 365 6.73 14.52 -29.55
CA PRO D 365 5.82 13.62 -28.82
C PRO D 365 6.05 13.70 -27.32
N VAL D 366 4.95 13.62 -26.57
CA VAL D 366 4.98 13.61 -25.11
C VAL D 366 4.63 12.19 -24.67
N LEU D 367 5.62 11.46 -24.15
CA LEU D 367 5.50 10.02 -24.04
C LEU D 367 4.67 9.55 -22.85
N THR D 368 4.44 10.39 -21.85
CA THR D 368 3.68 9.97 -20.67
C THR D 368 2.44 10.83 -20.40
N VAL D 369 2.12 11.81 -21.24
CA VAL D 369 0.93 12.62 -21.08
C VAL D 369 0.26 12.77 -22.44
N THR D 370 -1.03 12.40 -22.51
CA THR D 370 -1.76 12.53 -23.76
C THR D 370 -2.10 13.99 -24.04
N THR D 371 -2.41 14.26 -25.30
CA THR D 371 -2.88 15.59 -25.67
C THR D 371 -4.13 15.97 -24.89
N GLU D 372 -5.05 15.02 -24.73
CA GLU D 372 -6.31 15.33 -24.05
C GLU D 372 -6.08 15.56 -22.56
N ALA D 373 -5.10 14.86 -21.98
CA ALA D 373 -4.76 15.12 -20.58
C ALA D 373 -4.18 16.50 -20.41
N MET D 374 -3.40 16.96 -21.39
CA MET D 374 -2.82 18.30 -21.30
C MET D 374 -3.87 19.37 -21.57
N ILE D 375 -4.75 19.15 -22.54
CA ILE D 375 -5.84 20.09 -22.78
C ILE D 375 -6.76 20.16 -21.57
N GLU D 376 -7.06 19.01 -20.97
CA GLU D 376 -7.95 18.98 -19.81
C GLU D 376 -7.32 19.71 -18.63
N HIS D 377 -6.01 19.53 -18.42
CA HIS D 377 -5.33 20.26 -17.36
C HIS D 377 -5.41 21.76 -17.59
N MET D 378 -5.19 22.19 -18.83
CA MET D 378 -5.24 23.62 -19.14
C MET D 378 -6.62 24.19 -18.87
N ASN D 379 -7.68 23.48 -19.28
CA ASN D 379 -9.03 23.96 -19.02
C ASN D 379 -9.35 23.98 -17.53
N ASN D 380 -8.83 23.00 -16.78
CA ASN D 380 -9.03 22.98 -15.34
C ASN D 380 -8.39 24.22 -14.69
N LEU D 381 -7.20 24.59 -15.13
CA LEU D 381 -6.59 25.82 -14.64
C LEU D 381 -7.36 27.06 -15.07
N LEU D 382 -7.98 27.02 -16.25
CA LEU D 382 -8.69 28.19 -16.75
C LEU D 382 -10.01 28.43 -16.01
N LYS D 383 -10.46 27.47 -15.20
CA LYS D 383 -11.59 27.73 -14.30
C LYS D 383 -11.22 28.70 -13.19
N ILE D 384 -9.93 28.90 -12.94
CA ILE D 384 -9.48 29.72 -11.83
C ILE D 384 -9.62 31.19 -12.19
N ARG D 385 -10.10 31.99 -11.23
CA ARG D 385 -10.37 33.40 -11.44
C ARG D 385 -9.11 34.15 -11.86
N GLY D 386 -9.22 34.94 -12.92
CA GLY D 386 -8.12 35.75 -13.39
C GLY D 386 -7.11 35.05 -14.27
N SER D 387 -7.30 33.76 -14.53
CA SER D 387 -6.34 33.01 -15.32
C SER D 387 -6.56 33.24 -16.81
N LYS D 388 -5.50 33.03 -17.59
CA LYS D 388 -5.57 33.19 -19.03
C LYS D 388 -4.43 32.42 -19.68
N VAL D 389 -4.67 31.94 -20.90
CA VAL D 389 -3.61 31.39 -21.72
C VAL D 389 -2.76 32.54 -22.26
N LEU D 390 -1.45 32.43 -22.08
CA LEU D 390 -0.52 33.43 -22.61
C LEU D 390 -0.09 33.10 -24.03
N PHE D 391 0.17 31.83 -24.31
CA PHE D 391 0.44 31.37 -25.66
C PHE D 391 0.27 29.85 -25.69
N GLY D 392 0.13 29.32 -26.91
CA GLY D 392 -0.07 27.91 -27.09
C GLY D 392 -1.47 27.43 -26.75
N GLY D 393 -1.56 26.30 -26.06
CA GLY D 393 -2.84 25.75 -25.68
C GLY D 393 -3.59 25.03 -26.78
N GLU D 394 -2.93 24.74 -27.89
CA GLU D 394 -3.53 24.03 -29.02
C GLU D 394 -2.67 22.84 -29.39
N PRO D 395 -3.26 21.80 -29.95
CA PRO D 395 -2.47 20.63 -30.36
C PRO D 395 -1.61 20.94 -31.58
N LEU D 396 -0.56 20.14 -31.73
CA LEU D 396 0.23 20.18 -32.95
C LEU D 396 -0.61 19.67 -34.12
N ALA D 397 -0.24 20.09 -35.32
CA ALA D 397 -0.93 19.70 -36.54
C ALA D 397 0.03 18.99 -37.48
N ASN D 398 -0.55 18.33 -38.48
CA ASN D 398 0.20 17.67 -39.57
C ASN D 398 1.25 16.70 -39.02
N HIS D 399 0.78 15.73 -38.24
CA HIS D 399 1.68 14.74 -37.67
C HIS D 399 0.97 13.40 -37.58
N SER D 400 1.77 12.35 -37.38
CA SER D 400 1.27 10.99 -37.24
C SER D 400 1.66 10.38 -35.90
N ILE D 401 1.86 11.23 -34.89
CA ILE D 401 2.17 10.77 -33.54
C ILE D 401 0.98 9.98 -33.00
N PRO D 402 1.17 8.73 -32.57
CA PRO D 402 0.04 7.95 -32.06
C PRO D 402 -0.57 8.60 -30.84
N LYS D 403 -1.87 8.35 -30.66
CA LYS D 403 -2.61 9.10 -29.65
C LYS D 403 -2.24 8.73 -28.22
N ILE D 404 -1.50 7.63 -28.02
CA ILE D 404 -1.00 7.33 -26.68
C ILE D 404 -0.01 8.38 -26.23
N TYR D 405 0.53 9.16 -27.15
CA TYR D 405 1.52 10.19 -26.86
C TYR D 405 0.92 11.56 -27.18
N GLY D 406 1.19 12.53 -26.33
CA GLY D 406 0.66 13.87 -26.54
C GLY D 406 1.42 14.61 -27.62
N ALA D 407 0.75 15.61 -28.20
CA ALA D 407 1.33 16.42 -29.28
C ALA D 407 0.76 17.84 -29.11
N MET D 408 1.44 18.64 -28.31
CA MET D 408 0.96 19.97 -27.95
C MET D 408 1.97 21.04 -28.38
N LYS D 409 1.44 22.20 -28.75
CA LYS D 409 2.27 23.38 -28.89
C LYS D 409 2.75 23.83 -27.50
N PRO D 410 3.89 24.50 -27.42
CA PRO D 410 4.36 25.00 -26.11
C PRO D 410 3.34 25.94 -25.51
N THR D 411 2.96 25.65 -24.27
CA THR D 411 1.83 26.31 -23.63
C THR D 411 2.24 26.93 -22.31
N ALA D 412 1.78 28.17 -22.08
CA ALA D 412 1.92 28.84 -20.81
C ALA D 412 0.58 29.41 -20.38
N VAL D 413 0.19 29.14 -19.14
CA VAL D 413 -1.05 29.63 -18.56
C VAL D 413 -0.71 30.53 -17.39
N PHE D 414 -1.32 31.71 -17.36
CA PHE D 414 -1.16 32.62 -16.24
C PHE D 414 -2.24 32.35 -15.21
N VAL D 415 -1.83 32.21 -13.95
CA VAL D 415 -2.76 32.09 -12.84
C VAL D 415 -2.36 33.10 -11.78
N PRO D 416 -3.28 33.96 -11.32
CA PRO D 416 -2.92 34.95 -10.30
C PRO D 416 -2.36 34.27 -9.05
N LEU D 417 -1.34 34.90 -8.46
CA LEU D 417 -0.62 34.26 -7.37
C LEU D 417 -1.54 33.99 -6.17
N GLU D 418 -2.44 34.92 -5.87
CA GLU D 418 -3.26 34.74 -4.68
C GLU D 418 -4.27 33.62 -4.87
N GLU D 419 -4.65 33.31 -6.11
CA GLU D 419 -5.50 32.15 -6.35
C GLU D 419 -4.68 30.86 -6.27
N ILE D 420 -3.42 30.91 -6.71
CA ILE D 420 -2.55 29.76 -6.65
C ILE D 420 -2.44 29.25 -5.22
N LEU D 421 -2.40 30.15 -4.25
CA LEU D 421 -2.18 29.79 -2.85
C LEU D 421 -3.40 29.19 -2.19
N LYS D 422 -4.57 29.26 -2.81
CA LYS D 422 -5.76 28.66 -2.22
C LYS D 422 -5.72 27.15 -2.37
N SER D 423 -6.08 26.45 -1.30
CA SER D 423 -6.13 24.99 -1.33
C SER D 423 -7.05 24.53 -2.46
N GLY D 424 -6.73 23.35 -3.01
CA GLY D 424 -7.43 22.88 -4.19
C GLY D 424 -6.77 23.42 -5.45
N ASN D 425 -6.80 24.74 -5.62
CA ASN D 425 -6.05 25.36 -6.71
C ASN D 425 -4.58 24.99 -6.64
N PHE D 426 -4.00 24.98 -5.43
CA PHE D 426 -2.56 24.75 -5.32
C PHE D 426 -2.17 23.39 -5.82
N GLU D 427 -2.95 22.35 -5.47
CA GLU D 427 -2.64 21.01 -5.92
C GLU D 427 -2.77 20.89 -7.44
N LEU D 428 -3.71 21.63 -8.03
CA LEU D 428 -3.84 21.61 -9.49
C LEU D 428 -2.69 22.35 -10.15
N VAL D 429 -2.34 23.53 -9.64
CA VAL D 429 -1.29 24.34 -10.24
C VAL D 429 0.04 23.60 -10.19
N THR D 430 0.37 23.03 -9.03
CA THR D 430 1.65 22.38 -8.83
C THR D 430 1.64 20.91 -9.27
N LYS D 431 0.63 20.47 -10.00
CA LYS D 431 0.66 19.14 -10.59
C LYS D 431 1.71 19.13 -11.70
N GLU D 432 2.68 18.22 -11.60
CA GLU D 432 3.72 18.14 -12.63
C GLU D 432 3.14 17.59 -13.92
N ILE D 433 3.26 18.37 -14.99
CA ILE D 433 2.85 17.95 -16.33
C ILE D 433 4.12 17.69 -17.12
N PHE D 434 4.49 16.42 -17.25
CA PHE D 434 5.72 16.08 -17.97
C PHE D 434 5.53 16.32 -19.46
N GLY D 435 5.30 17.58 -19.83
CA GLY D 435 5.09 17.97 -21.20
C GLY D 435 5.35 19.44 -21.38
N PRO D 436 5.07 19.97 -22.58
CA PRO D 436 5.42 21.38 -22.88
C PRO D 436 4.41 22.37 -22.29
N PHE D 437 4.48 22.53 -20.97
CA PHE D 437 3.46 23.27 -20.25
C PHE D 437 4.07 23.88 -19.00
N GLN D 438 3.74 25.14 -18.73
CA GLN D 438 4.19 25.82 -17.53
C GLN D 438 3.10 26.77 -17.07
N VAL D 439 3.10 27.07 -15.78
CA VAL D 439 2.24 28.10 -15.21
C VAL D 439 3.08 29.34 -14.97
N VAL D 440 2.53 30.50 -15.30
CA VAL D 440 3.17 31.78 -15.07
C VAL D 440 2.34 32.55 -14.06
N THR D 441 3.01 33.26 -13.16
CA THR D 441 2.33 34.09 -12.19
C THR D 441 3.19 35.31 -11.90
N GLU D 442 2.60 36.27 -11.19
CA GLU D 442 3.24 37.54 -10.90
C GLU D 442 3.16 37.84 -9.42
N TYR D 443 4.23 38.44 -8.88
CA TYR D 443 4.24 38.92 -7.51
C TYR D 443 4.81 40.32 -7.45
N SER D 444 4.22 41.16 -6.61
CA SER D 444 4.70 42.51 -6.45
C SER D 444 5.83 42.55 -5.42
N GLU D 445 6.40 43.74 -5.24
CA GLU D 445 7.55 43.89 -4.35
C GLU D 445 7.23 43.45 -2.93
N ASP D 446 5.96 43.49 -2.55
CA ASP D 446 5.54 43.15 -1.19
C ASP D 446 5.05 41.72 -1.04
N GLN D 447 5.18 40.89 -2.08
CA GLN D 447 4.56 39.57 -2.09
C GLN D 447 5.58 38.43 -2.17
N LEU D 448 6.85 38.69 -1.87
CA LEU D 448 7.85 37.64 -1.93
C LEU D 448 7.52 36.51 -0.97
N GLU D 449 6.96 36.84 0.19
CA GLU D 449 6.57 35.81 1.16
C GLU D 449 5.57 34.84 0.55
N LEU D 450 4.63 35.35 -0.25
CA LEU D 450 3.65 34.48 -0.89
C LEU D 450 4.32 33.51 -1.85
N VAL D 451 5.32 33.99 -2.59
CA VAL D 451 6.08 33.11 -3.48
C VAL D 451 6.81 32.05 -2.68
N LEU D 452 7.47 32.47 -1.59
CA LEU D 452 8.22 31.53 -0.78
C LEU D 452 7.31 30.54 -0.08
N GLU D 453 6.12 30.98 0.33
CA GLU D 453 5.14 30.05 0.87
C GLU D 453 4.73 29.02 -0.17
N ALA D 454 4.52 29.46 -1.41
CA ALA D 454 4.16 28.54 -2.48
C ALA D 454 5.25 27.49 -2.69
N CYS D 455 6.51 27.93 -2.70
CA CYS D 455 7.61 26.98 -2.88
C CYS D 455 7.72 26.04 -1.70
N GLU D 456 7.49 26.54 -0.49
CA GLU D 456 7.57 25.68 0.69
C GLU D 456 6.44 24.64 0.71
N ARG D 457 5.28 24.98 0.16
CA ARG D 457 4.16 24.04 0.19
C ARG D 457 4.25 22.95 -0.86
N MET D 458 5.18 23.07 -1.80
CA MET D 458 5.37 22.01 -2.79
C MET D 458 5.98 20.78 -2.14
N ASN D 459 5.64 19.62 -2.69
CA ASN D 459 6.12 18.35 -2.15
C ASN D 459 7.43 17.90 -2.79
N ALA D 460 7.87 18.55 -3.86
CA ALA D 460 9.11 18.19 -4.54
C ALA D 460 10.07 19.38 -4.48
N HIS D 461 11.37 19.07 -4.34
CA HIS D 461 12.41 20.08 -4.21
C HIS D 461 13.62 19.63 -5.05
N LEU D 462 13.43 19.61 -6.36
CA LEU D 462 14.49 19.19 -7.27
C LEU D 462 15.30 20.40 -7.75
N THR D 463 14.94 20.97 -8.89
CA THR D 463 15.66 22.13 -9.38
C THR D 463 14.86 23.40 -9.19
N ALA D 464 15.58 24.52 -9.24
CA ALA D 464 15.02 25.84 -9.03
C ALA D 464 15.99 26.87 -9.61
N ALA D 465 15.45 28.02 -9.97
CA ALA D 465 16.26 29.10 -10.51
C ALA D 465 15.83 30.42 -9.90
N ILE D 466 16.79 31.25 -9.53
CA ILE D 466 16.54 32.59 -9.01
C ILE D 466 17.28 33.54 -9.93
N VAL D 467 16.53 34.21 -10.82
CA VAL D 467 17.12 35.03 -11.87
C VAL D 467 17.26 36.45 -11.30
N SER D 468 18.39 36.69 -10.65
CA SER D 468 18.71 38.00 -10.09
C SER D 468 20.18 38.03 -9.72
N ASN D 469 20.79 39.22 -9.83
CA ASN D 469 22.15 39.45 -9.39
C ASN D 469 22.21 40.27 -8.10
N ASP D 470 21.06 40.55 -7.49
CA ASP D 470 20.99 41.22 -6.20
C ASP D 470 21.37 40.24 -5.09
N PRO D 471 22.53 40.44 -4.45
CA PRO D 471 22.96 39.47 -3.42
C PRO D 471 22.04 39.40 -2.22
N LEU D 472 21.37 40.50 -1.85
CA LEU D 472 20.45 40.46 -0.72
C LEU D 472 19.19 39.69 -1.08
N PHE D 473 18.68 39.88 -2.30
CA PHE D 473 17.53 39.10 -2.76
C PHE D 473 17.90 37.64 -2.92
N LEU D 474 19.09 37.37 -3.45
CA LEU D 474 19.51 35.98 -3.68
C LEU D 474 19.63 35.22 -2.38
N GLN D 475 20.35 35.78 -1.40
CA GLN D 475 20.55 35.08 -0.14
C GLN D 475 19.24 34.95 0.65
N ASP D 476 18.33 35.91 0.48
CA ASP D 476 17.04 35.82 1.16
C ASP D 476 16.23 34.64 0.62
N VAL D 477 16.18 34.50 -0.70
CA VAL D 477 15.42 33.40 -1.30
C VAL D 477 16.16 32.08 -1.12
N LEU D 478 17.48 32.09 -1.31
CA LEU D 478 18.27 30.87 -1.12
C LEU D 478 18.19 30.38 0.32
N GLY D 479 18.21 31.30 1.28
CA GLY D 479 18.10 30.92 2.67
C GLY D 479 16.74 30.39 3.07
N ARG D 480 15.70 30.72 2.31
CA ARG D 480 14.32 30.32 2.61
CA ARG D 480 14.33 30.30 2.63
C ARG D 480 13.76 29.42 1.52
N SER D 481 14.59 28.54 0.98
CA SER D 481 14.19 27.53 -0.01
C SER D 481 15.00 26.27 0.25
N VAL D 482 14.70 25.22 -0.51
CA VAL D 482 15.20 23.89 -0.20
C VAL D 482 15.83 23.20 -1.42
N ASN D 483 15.30 23.50 -2.61
CA ASN D 483 15.48 22.63 -3.78
C ASN D 483 16.93 22.23 -4.01
N GLY D 484 17.15 20.93 -4.26
CA GLY D 484 18.47 20.35 -4.17
C GLY D 484 19.45 20.81 -5.22
N THR D 485 18.96 21.36 -6.34
CA THR D 485 19.81 21.88 -7.40
C THR D 485 19.25 23.24 -7.79
N THR D 486 19.72 24.29 -7.12
CA THR D 486 19.22 25.64 -7.32
C THR D 486 20.29 26.50 -7.98
N TYR D 487 19.92 27.14 -9.09
CA TYR D 487 20.79 28.09 -9.78
C TYR D 487 20.40 29.51 -9.42
N ALA D 488 21.40 30.38 -9.26
CA ALA D 488 21.19 31.74 -8.79
C ALA D 488 22.08 32.70 -9.59
N GLY D 489 21.51 33.80 -10.02
CA GLY D 489 22.17 34.72 -10.93
C GLY D 489 21.26 35.07 -12.09
N ILE D 490 21.68 36.10 -12.83
CA ILE D 490 20.86 36.51 -13.98
C ILE D 490 20.87 35.44 -15.06
N ARG D 491 21.93 34.63 -15.15
CA ARG D 491 22.02 33.55 -16.10
C ARG D 491 21.47 32.24 -15.55
N ALA D 492 20.73 32.30 -14.43
CA ALA D 492 20.25 31.08 -13.78
C ALA D 492 19.24 30.35 -14.67
N ARG D 493 19.26 29.03 -14.56
CA ARG D 493 18.41 28.15 -15.34
C ARG D 493 17.86 27.07 -14.43
N THR D 494 16.91 26.28 -14.93
CA THR D 494 16.45 25.12 -14.18
C THR D 494 16.97 23.80 -14.73
N THR D 495 17.38 23.76 -16.00
CA THR D 495 17.72 22.51 -16.66
C THR D 495 19.21 22.45 -17.00
N GLY D 496 19.65 21.24 -17.35
CA GLY D 496 20.99 21.04 -17.89
C GLY D 496 22.09 20.98 -16.86
N ALA D 497 21.89 20.22 -15.80
CA ALA D 497 22.95 20.04 -14.82
C ALA D 497 24.02 19.10 -15.38
N PRO D 498 25.24 19.56 -15.55
CA PRO D 498 26.30 18.71 -16.10
C PRO D 498 26.94 17.87 -15.01
N GLN D 499 27.98 17.13 -15.40
CA GLN D 499 28.59 16.17 -14.49
C GLN D 499 29.48 16.84 -13.45
N ASN D 500 29.84 18.11 -13.65
CA ASN D 500 30.77 18.75 -12.73
C ASN D 500 30.13 19.18 -11.42
N HIS D 501 28.81 19.16 -11.31
CA HIS D 501 28.19 19.45 -10.02
C HIS D 501 26.96 18.58 -9.80
N TRP D 502 26.55 18.55 -8.53
CA TRP D 502 25.48 17.68 -8.07
C TRP D 502 24.18 17.95 -8.83
N PHE D 503 23.45 16.88 -9.12
CA PHE D 503 22.05 16.98 -9.53
C PHE D 503 21.24 16.05 -8.63
N GLY D 504 20.20 16.59 -8.00
CA GLY D 504 19.38 15.80 -7.12
C GLY D 504 18.52 16.65 -6.21
N PRO D 505 17.53 16.03 -5.57
CA PRO D 505 16.65 16.77 -4.66
C PRO D 505 17.31 16.97 -3.30
N ALA D 506 16.67 17.83 -2.51
CA ALA D 506 17.02 18.01 -1.11
C ALA D 506 15.75 17.89 -0.27
N GLY D 507 15.94 17.84 1.05
CA GLY D 507 14.81 17.71 1.95
C GLY D 507 14.30 16.29 2.11
N ASP D 508 15.12 15.30 1.79
CA ASP D 508 14.72 13.90 1.82
C ASP D 508 15.94 13.04 2.13
N PRO D 509 15.95 12.29 3.23
CA PRO D 509 17.09 11.40 3.50
C PRO D 509 17.22 10.27 2.50
N ARG D 510 16.23 10.10 1.62
CA ARG D 510 16.31 9.16 0.51
C ARG D 510 16.78 9.83 -0.78
N GLY D 511 17.02 11.13 -0.75
CA GLY D 511 17.39 11.85 -1.95
C GLY D 511 18.67 11.36 -2.59
N ALA D 512 18.63 11.07 -3.88
CA ALA D 512 19.80 10.61 -4.60
C ALA D 512 20.48 11.77 -5.31
N GLY D 513 21.80 11.62 -5.50
CA GLY D 513 22.56 12.44 -6.40
C GLY D 513 23.01 11.63 -7.61
N ILE D 514 23.64 12.31 -8.54
CA ILE D 514 24.16 11.65 -9.73
C ILE D 514 25.36 12.43 -10.24
N GLY D 515 26.33 11.70 -10.78
CA GLY D 515 27.42 12.33 -11.52
C GLY D 515 28.73 12.56 -10.79
N THR D 516 28.68 13.26 -9.66
CA THR D 516 29.88 13.74 -9.00
C THR D 516 30.46 12.66 -8.07
N PRO D 517 31.72 12.80 -7.67
CA PRO D 517 32.29 11.89 -6.66
C PRO D 517 31.45 11.79 -5.40
N GLU D 518 30.94 12.91 -4.87
CA GLU D 518 30.14 12.86 -3.66
C GLU D 518 28.84 12.11 -3.87
N ALA D 519 28.16 12.36 -5.00
CA ALA D 519 26.92 11.66 -5.31
C ALA D 519 27.15 10.15 -5.38
N ILE D 520 28.27 9.73 -5.98
CA ILE D 520 28.56 8.31 -6.11
C ILE D 520 28.77 7.69 -4.73
N LYS D 521 29.59 8.33 -3.90
CA LYS D 521 29.84 7.80 -2.56
C LYS D 521 28.58 7.79 -1.71
N LEU D 522 27.78 8.86 -1.78
CA LEU D 522 26.55 8.92 -1.00
C LEU D 522 25.59 7.80 -1.40
N VAL D 523 25.41 7.60 -2.71
CA VAL D 523 24.36 6.71 -3.19
C VAL D 523 24.79 5.25 -3.12
N TRP D 524 26.06 4.96 -3.44
CA TRP D 524 26.49 3.60 -3.70
C TRP D 524 27.45 3.05 -2.65
N SER D 525 27.60 3.73 -1.52
CA SER D 525 28.42 3.20 -0.44
C SER D 525 27.89 3.71 0.89
N CYS D 526 28.31 3.03 1.96
CA CYS D 526 27.98 3.41 3.32
C CYS D 526 29.26 3.50 4.13
N HIS D 527 29.16 4.12 5.31
CA HIS D 527 30.32 4.23 6.17
C HIS D 527 30.57 2.91 6.88
N ARG D 528 31.82 2.48 6.90
CA ARG D 528 32.27 1.40 7.79
C ARG D 528 33.48 1.90 8.56
N GLU D 529 33.37 1.88 9.88
CA GLU D 529 34.48 2.27 10.75
C GLU D 529 35.24 1.01 11.16
N ILE D 530 36.56 1.06 11.02
CA ILE D 530 37.44 -0.02 11.47
C ILE D 530 38.47 0.59 12.40
N ILE D 531 38.44 0.16 13.67
CA ILE D 531 39.31 0.69 14.70
C ILE D 531 40.39 -0.34 15.00
N TYR D 532 41.64 -0.03 14.65
CA TYR D 532 42.74 -0.90 15.00
C TYR D 532 43.16 -0.63 16.44
N ASP D 533 43.46 -1.71 17.17
CA ASP D 533 43.87 -1.66 18.57
C ASP D 533 44.83 -2.84 18.77
N VAL D 534 46.06 -2.65 18.29
CA VAL D 534 47.02 -3.75 18.23
C VAL D 534 47.90 -3.86 19.47
N GLY D 535 47.82 -2.90 20.38
CA GLY D 535 48.67 -2.91 21.54
C GLY D 535 49.90 -2.03 21.37
N PRO D 536 50.90 -2.22 22.22
CA PRO D 536 50.99 -3.25 23.27
C PRO D 536 50.03 -3.07 24.43
N VAL D 537 49.65 -4.17 25.05
CA VAL D 537 49.03 -4.08 26.37
C VAL D 537 50.07 -3.56 27.35
N PRO D 538 49.78 -2.49 28.10
CA PRO D 538 50.78 -1.92 29.00
C PRO D 538 51.37 -2.94 29.95
N GLU D 539 52.68 -2.82 30.20
CA GLU D 539 53.35 -3.68 31.16
C GLU D 539 52.63 -3.71 32.50
N SER D 540 52.11 -2.56 32.92
CA SER D 540 51.48 -2.40 34.22
C SER D 540 49.99 -2.77 34.21
N TRP D 541 49.51 -3.45 33.17
CA TRP D 541 48.08 -3.75 33.10
C TRP D 541 47.74 -4.85 34.09
N ALA D 542 46.80 -4.56 34.96
CA ALA D 542 46.22 -5.54 35.87
C ALA D 542 44.72 -5.60 35.65
N LEU D 543 44.16 -6.78 35.86
CA LEU D 543 42.73 -7.02 35.71
C LEU D 543 41.94 -6.04 36.57
N PRO D 544 41.24 -5.09 35.97
CA PRO D 544 40.42 -4.17 36.77
C PRO D 544 39.22 -4.91 37.35
N SER D 545 38.63 -4.31 38.36
CA SER D 545 37.39 -4.85 38.90
C SER D 545 36.28 -4.70 37.89
N ALA D 546 35.30 -5.60 37.96
CA ALA D 546 34.22 -5.63 36.98
C ALA D 546 33.43 -4.33 37.00
N THR D 547 32.94 -3.95 35.82
CA THR D 547 31.97 -2.86 35.71
C THR D 547 30.81 -3.36 34.82
PA NAD E . -4.46 -12.93 10.00
O1A NAD E . -4.97 -11.74 9.13
O2A NAD E . -3.23 -12.80 10.77
O5B NAD E . -4.09 -14.20 9.36
C5B NAD E . -5.08 -15.02 8.78
C4B NAD E . -4.63 -15.73 7.51
O4B NAD E . -4.29 -14.84 6.46
C3B NAD E . -3.48 -16.67 7.74
O3B NAD E . -3.63 -17.82 7.00
C2B NAD E . -2.33 -15.89 7.25
O2B NAD E . -1.31 -16.71 6.85
C1B NAD E . -2.96 -15.15 6.13
N9A NAD E . -2.29 -13.92 5.74
C8A NAD E . -1.69 -12.98 6.56
N7A NAD E . -1.21 -11.98 5.80
C5A NAD E . -1.50 -12.24 4.46
C6A NAD E . -1.27 -11.58 3.27
N6A NAD E . -0.57 -10.32 3.28
N1A NAD E . -1.70 -12.11 2.11
C2A NAD E . -2.36 -13.29 2.08
N3A NAD E . -2.61 -13.97 3.22
C4A NAD E . -2.20 -13.47 4.41
O3 NAD E . -5.31 -13.45 11.08
PN NAD E . -4.98 -13.43 12.64
O1N NAD E . -6.35 -13.87 13.28
O2N NAD E . -3.95 -14.45 13.00
O5D NAD E . -4.61 -12.08 13.19
PA NAD F . -15.63 7.69 -17.13
O1A NAD F . -14.74 8.72 -17.62
O2A NAD F . -15.20 6.75 -15.98
O5B NAD F . -16.75 8.64 -16.90
C5B NAD F . -17.75 8.27 -15.98
C4B NAD F . -18.01 9.21 -14.80
O4B NAD F . -17.10 9.06 -13.73
C3B NAD F . -18.08 10.67 -15.17
O3B NAD F . -19.14 11.26 -14.52
C2B NAD F . -16.80 11.18 -14.67
O2B NAD F . -16.90 12.53 -14.37
C1B NAD F . -16.59 10.34 -13.46
N9A NAD F . -15.22 10.23 -13.02
C8A NAD F . -14.09 10.27 -13.79
N7A NAD F . -13.01 10.09 -13.01
C5A NAD F . -13.41 9.93 -11.69
C6A NAD F . -12.76 9.71 -10.49
N6A NAD F . -11.33 9.64 -10.47
N1A NAD F . -13.46 9.58 -9.35
C2A NAD F . -14.81 9.65 -9.33
N3A NAD F . -15.48 9.86 -10.49
C4A NAD F . -14.83 10.00 -11.67
O3 NAD F . -15.86 7.06 -18.44
PN NAD F . -16.38 7.71 -19.80
O1N NAD F . -17.76 6.99 -20.07
O2N NAD F . -16.59 9.19 -19.74
O5D NAD F . -15.45 7.37 -20.93
PA NAD G . 12.24 -0.31 21.23
O1A NAD G . 11.93 -0.20 19.70
O2A NAD G . 11.44 -1.17 22.09
O5B NAD G . 12.10 0.88 22.09
C5B NAD G . 12.77 2.08 21.74
C4B NAD G . 11.95 3.37 21.75
O4B NAD G . 11.01 3.47 20.69
C3B NAD G . 11.22 3.64 23.02
O3B NAD G . 11.25 4.99 23.31
C2B NAD G . 9.85 3.22 22.71
O2B NAD G . 8.94 3.82 23.56
C1B NAD G . 9.77 3.68 21.29
N9A NAD G . 8.76 3.03 20.47
C8A NAD G . 8.34 1.72 20.53
N7A NAD G . 7.41 1.52 19.58
C5A NAD G . 7.20 2.70 18.87
C6A NAD G . 6.39 3.07 17.82
N6A NAD G . 5.51 2.12 17.22
N1A NAD G . 6.44 4.34 17.34
C2A NAD G . 7.26 5.27 17.88
N3A NAD G . 8.07 4.93 18.93
C4A NAD G . 8.07 3.68 19.43
O3 NAD G . 13.54 -0.90 21.59
PN NAD G . 13.97 -1.52 22.99
O1N NAD G . 13.36 -2.87 23.22
O2N NAD G . 13.72 -0.63 24.16
O5D NAD G . 15.52 -1.72 22.80
PA NAD H . 7.98 6.01 -13.85
O1A NAD H . 6.79 5.85 -14.66
O2A NAD H . 7.90 5.84 -12.31
O5B NAD H . 8.83 5.10 -14.65
C5B NAD H . 10.18 4.94 -14.28
C4B NAD H . 10.76 3.53 -14.36
O4B NAD H . 10.41 2.71 -13.25
C3B NAD H . 10.45 2.79 -15.62
O3B NAD H . 11.54 2.08 -16.03
C2B NAD H . 9.37 1.89 -15.19
O2B NAD H . 9.32 0.78 -15.99
C1B NAD H . 9.79 1.58 -13.80
N9A NAD H . 8.72 1.15 -12.94
C8A NAD H . 7.39 1.53 -12.98
N7A NAD H . 6.73 0.92 -11.98
C5A NAD H . 7.60 0.15 -11.25
C6A NAD H . 7.48 -0.67 -10.14
N6A NAD H . 6.20 -0.84 -9.52
N1A NAD H . 8.55 -1.31 -9.65
C2A NAD H . 9.78 -1.18 -10.22
N3A NAD H . 9.94 -0.39 -11.31
C4A NAD H . 8.89 0.28 -11.83
O3 NAD H . 8.40 7.32 -14.38
PN NAD H . 7.75 8.10 -15.60
O1N NAD H . 7.80 7.33 -16.90
O2N NAD H . 6.34 8.57 -15.34
O5D NAD H . 8.68 9.36 -15.75
#